data_5S9D
# 
_entry.id   5S9D 
# 
_audit_conform.dict_name       mmcif_pdbx.dic 
_audit_conform.dict_version    5.387 
_audit_conform.dict_location   http://mmcif.pdb.org/dictionaries/ascii/mmcif_pdbx.dic 
# 
loop_
_database_2.database_id 
_database_2.database_code 
_database_2.pdbx_database_accession 
_database_2.pdbx_DOI 
PDB   5S9D         pdb_00005s9d 10.2210/pdb5s9d/pdb 
WWPDB D_1001404222 ?            ?                   
# 
loop_
_pdbx_audit_revision_history.ordinal 
_pdbx_audit_revision_history.data_content_type 
_pdbx_audit_revision_history.major_revision 
_pdbx_audit_revision_history.minor_revision 
_pdbx_audit_revision_history.revision_date 
1 'Structure model' 1 0 2021-02-17 
2 'Structure model' 1 1 2024-03-06 
# 
_pdbx_audit_revision_details.ordinal             1 
_pdbx_audit_revision_details.revision_ordinal    1 
_pdbx_audit_revision_details.data_content_type   'Structure model' 
_pdbx_audit_revision_details.provider            repository 
_pdbx_audit_revision_details.type                'Initial release' 
_pdbx_audit_revision_details.description         ? 
_pdbx_audit_revision_details.details             ? 
# 
loop_
_pdbx_audit_revision_group.ordinal 
_pdbx_audit_revision_group.revision_ordinal 
_pdbx_audit_revision_group.data_content_type 
_pdbx_audit_revision_group.group 
1 2 'Structure model' 'Data collection'     
2 2 'Structure model' 'Database references' 
# 
loop_
_pdbx_audit_revision_category.ordinal 
_pdbx_audit_revision_category.revision_ordinal 
_pdbx_audit_revision_category.data_content_type 
_pdbx_audit_revision_category.category 
1 2 'Structure model' chem_comp_atom 
2 2 'Structure model' chem_comp_bond 
3 2 'Structure model' database_2     
# 
loop_
_pdbx_audit_revision_item.ordinal 
_pdbx_audit_revision_item.revision_ordinal 
_pdbx_audit_revision_item.data_content_type 
_pdbx_audit_revision_item.item 
1 2 'Structure model' '_database_2.pdbx_DOI'                
2 2 'Structure model' '_database_2.pdbx_database_accession' 
# 
_pdbx_database_status.entry_id                        5S9D 
_pdbx_database_status.status_code                     REL 
_pdbx_database_status.status_code_sf                  REL 
_pdbx_database_status.status_code_mr                  ? 
_pdbx_database_status.status_code_cs                  ? 
_pdbx_database_status.recvd_initial_deposition_date   2021-01-22 
_pdbx_database_status.status_code_nmr_data            ? 
_pdbx_database_status.deposit_site                    RCSB 
_pdbx_database_status.process_site                    RCSB 
_pdbx_database_status.SG_entry                        ? 
_pdbx_database_status.pdb_format_compatible           Y 
_pdbx_database_status.methods_development_category    ? 
# 
loop_
_audit_author.name 
_audit_author.pdbx_ordinal 
_audit_author.identifier_ORCID 
'Grosjean, H.'     1  ? 
'Aimon, A.'        2  ? 
'Hassel-Hart , S.' 3  ? 
'Krojer, T.'       4  ? 
'Talon, R.'        5  ? 
'Douangamath, A.'  6  ? 
'Koekemoer, L.'    7  ? 
'Biggin, P.C.'     8  ? 
'Spencer, J.'      9  ? 
'von Delft, F.'    10 ? 
# 
_citation.id                        primary 
_citation.title                     
;Crystal Structures of the second bromodomain of Pleckstrin homology domain interacting protein (PHIP) in space group C2 soaked with crude reaction mixtures
;
_citation.journal_abbrev            'To Be Published' 
_citation.journal_volume            ? 
_citation.page_first                ? 
_citation.page_last                 ? 
_citation.year                      ? 
_citation.journal_id_ASTM           ? 
_citation.country                   ? 
_citation.journal_id_ISSN           ? 
_citation.journal_id_CSD            0353 
_citation.book_publisher            ? 
_citation.pdbx_database_id_PubMed   ? 
_citation.pdbx_database_id_DOI      ? 
# 
loop_
_citation_author.citation_id 
_citation_author.name 
_citation_author.identifier_ORCID 
_citation_author.ordinal 
primary 'Grosjean, H.'    ? 1  
primary 'Aimon, A.'       ? 2  
primary 'Hart , S.'       ? 3  
primary 'Krojer, T.'      ? 4  
primary 'Talon, R.'       ? 5  
primary 'Douangamath, A.' ? 6  
primary 'Koekemoer, L.'   ? 7  
primary 'Biggin, P.C.'    ? 8  
primary 'Spencer, J.'     ? 9  
primary 'von Delft, F.'   ? 10 
# 
loop_
_entity.id 
_entity.type 
_entity.src_method 
_entity.pdbx_description 
_entity.formula_weight 
_entity.pdbx_number_of_molecules 
_entity.pdbx_ec 
_entity.pdbx_mutation 
_entity.pdbx_fragment 
_entity.details 
1 polymer     man 'PH-interacting protein'                                                    17627.859 1   ? ? ? ? 
2 non-polymer syn 'N-[(pyridin-3-yl)methyl]-4-(thiophene-2-carbonyl)piperazine-1-carboxamide' 330.405   1   ? ? ? ? 
3 water       nat water                                                                       18.015    190 ? ? ? ? 
# 
_entity_name_com.entity_id   1 
_entity_name_com.name        
'PHIP,DDB1- and CUL4-associated factor 14,IRS-1 PH domain-binding protein,WD repeat-containing protein 11' 
# 
_entity_poly.entity_id                      1 
_entity_poly.type                           'polypeptide(L)' 
_entity_poly.nstd_linkage                   no 
_entity_poly.nstd_monomer                   no 
_entity_poly.pdbx_seq_one_letter_code       
;MHHHHHHSSGVDLGTENLYFQSMSYDIQAWKKQCEELLNLIFQCEDSEPFRQPVDLLEYPDYRDIIDTPMDFATVRETLE
AGNYESPMELCKDVRLIFSNSKAYTPSKRSRIYSMSLRLSAFFEEHISSVLSDYKSALRFHKRNTITKR
;
_entity_poly.pdbx_seq_one_letter_code_can   
;MHHHHHHSSGVDLGTENLYFQSMSYDIQAWKKQCEELLNLIFQCEDSEPFRQPVDLLEYPDYRDIIDTPMDFATVRETLE
AGNYESPMELCKDVRLIFSNSKAYTPSKRSRIYSMSLRLSAFFEEHISSVLSDYKSALRFHKRNTITKR
;
_entity_poly.pdbx_strand_id                 A 
_entity_poly.pdbx_target_identifier         ? 
# 
loop_
_pdbx_entity_nonpoly.entity_id 
_pdbx_entity_nonpoly.name 
_pdbx_entity_nonpoly.comp_id 
2 'N-[(pyridin-3-yl)methyl]-4-(thiophene-2-carbonyl)piperazine-1-carboxamide' Y44 
3 water                                                                       HOH 
# 
loop_
_entity_poly_seq.entity_id 
_entity_poly_seq.num 
_entity_poly_seq.mon_id 
_entity_poly_seq.hetero 
1 1   MET n 
1 2   HIS n 
1 3   HIS n 
1 4   HIS n 
1 5   HIS n 
1 6   HIS n 
1 7   HIS n 
1 8   SER n 
1 9   SER n 
1 10  GLY n 
1 11  VAL n 
1 12  ASP n 
1 13  LEU n 
1 14  GLY n 
1 15  THR n 
1 16  GLU n 
1 17  ASN n 
1 18  LEU n 
1 19  TYR n 
1 20  PHE n 
1 21  GLN n 
1 22  SER n 
1 23  MET n 
1 24  SER n 
1 25  TYR n 
1 26  ASP n 
1 27  ILE n 
1 28  GLN n 
1 29  ALA n 
1 30  TRP n 
1 31  LYS n 
1 32  LYS n 
1 33  GLN n 
1 34  CYS n 
1 35  GLU n 
1 36  GLU n 
1 37  LEU n 
1 38  LEU n 
1 39  ASN n 
1 40  LEU n 
1 41  ILE n 
1 42  PHE n 
1 43  GLN n 
1 44  CYS n 
1 45  GLU n 
1 46  ASP n 
1 47  SER n 
1 48  GLU n 
1 49  PRO n 
1 50  PHE n 
1 51  ARG n 
1 52  GLN n 
1 53  PRO n 
1 54  VAL n 
1 55  ASP n 
1 56  LEU n 
1 57  LEU n 
1 58  GLU n 
1 59  TYR n 
1 60  PRO n 
1 61  ASP n 
1 62  TYR n 
1 63  ARG n 
1 64  ASP n 
1 65  ILE n 
1 66  ILE n 
1 67  ASP n 
1 68  THR n 
1 69  PRO n 
1 70  MET n 
1 71  ASP n 
1 72  PHE n 
1 73  ALA n 
1 74  THR n 
1 75  VAL n 
1 76  ARG n 
1 77  GLU n 
1 78  THR n 
1 79  LEU n 
1 80  GLU n 
1 81  ALA n 
1 82  GLY n 
1 83  ASN n 
1 84  TYR n 
1 85  GLU n 
1 86  SER n 
1 87  PRO n 
1 88  MET n 
1 89  GLU n 
1 90  LEU n 
1 91  CYS n 
1 92  LYS n 
1 93  ASP n 
1 94  VAL n 
1 95  ARG n 
1 96  LEU n 
1 97  ILE n 
1 98  PHE n 
1 99  SER n 
1 100 ASN n 
1 101 SER n 
1 102 LYS n 
1 103 ALA n 
1 104 TYR n 
1 105 THR n 
1 106 PRO n 
1 107 SER n 
1 108 LYS n 
1 109 ARG n 
1 110 SER n 
1 111 ARG n 
1 112 ILE n 
1 113 TYR n 
1 114 SER n 
1 115 MET n 
1 116 SER n 
1 117 LEU n 
1 118 ARG n 
1 119 LEU n 
1 120 SER n 
1 121 ALA n 
1 122 PHE n 
1 123 PHE n 
1 124 GLU n 
1 125 GLU n 
1 126 HIS n 
1 127 ILE n 
1 128 SER n 
1 129 SER n 
1 130 VAL n 
1 131 LEU n 
1 132 SER n 
1 133 ASP n 
1 134 TYR n 
1 135 LYS n 
1 136 SER n 
1 137 ALA n 
1 138 LEU n 
1 139 ARG n 
1 140 PHE n 
1 141 HIS n 
1 142 LYS n 
1 143 ARG n 
1 144 ASN n 
1 145 THR n 
1 146 ILE n 
1 147 THR n 
1 148 LYS n 
1 149 ARG n 
# 
_entity_src_gen.entity_id                          1 
_entity_src_gen.pdbx_src_id                        1 
_entity_src_gen.pdbx_alt_source_flag               sample 
_entity_src_gen.pdbx_seq_type                      'Biological sequence' 
_entity_src_gen.pdbx_beg_seq_num                   1 
_entity_src_gen.pdbx_end_seq_num                   149 
_entity_src_gen.gene_src_common_name               Human 
_entity_src_gen.gene_src_genus                     ? 
_entity_src_gen.pdbx_gene_src_gene                 'PHIP, DCAF14, WDR11' 
_entity_src_gen.gene_src_species                   ? 
_entity_src_gen.gene_src_strain                    ? 
_entity_src_gen.gene_src_tissue                    ? 
_entity_src_gen.gene_src_tissue_fraction           ? 
_entity_src_gen.gene_src_details                   ? 
_entity_src_gen.pdbx_gene_src_fragment             ? 
_entity_src_gen.pdbx_gene_src_scientific_name      'Homo sapiens' 
_entity_src_gen.pdbx_gene_src_ncbi_taxonomy_id     9606 
_entity_src_gen.pdbx_gene_src_variant              ? 
_entity_src_gen.pdbx_gene_src_cell_line            ? 
_entity_src_gen.pdbx_gene_src_atcc                 ? 
_entity_src_gen.pdbx_gene_src_organ                ? 
_entity_src_gen.pdbx_gene_src_organelle            ? 
_entity_src_gen.pdbx_gene_src_cell                 ? 
_entity_src_gen.pdbx_gene_src_cellular_location    ? 
_entity_src_gen.host_org_common_name               ? 
_entity_src_gen.pdbx_host_org_scientific_name      'Escherichia coli' 
_entity_src_gen.pdbx_host_org_ncbi_taxonomy_id     562 
_entity_src_gen.host_org_genus                     ? 
_entity_src_gen.pdbx_host_org_gene                 ? 
_entity_src_gen.pdbx_host_org_organ                ? 
_entity_src_gen.host_org_species                   ? 
_entity_src_gen.pdbx_host_org_tissue               ? 
_entity_src_gen.pdbx_host_org_tissue_fraction      ? 
_entity_src_gen.pdbx_host_org_strain               ? 
_entity_src_gen.pdbx_host_org_variant              ? 
_entity_src_gen.pdbx_host_org_cell_line            ? 
_entity_src_gen.pdbx_host_org_atcc                 ? 
_entity_src_gen.pdbx_host_org_culture_collection   ? 
_entity_src_gen.pdbx_host_org_cell                 ? 
_entity_src_gen.pdbx_host_org_organelle            ? 
_entity_src_gen.pdbx_host_org_cellular_location    ? 
_entity_src_gen.pdbx_host_org_vector_type          ? 
_entity_src_gen.pdbx_host_org_vector               ? 
_entity_src_gen.host_org_details                   ? 
_entity_src_gen.expression_system_id               ? 
_entity_src_gen.plasmid_name                       ? 
_entity_src_gen.plasmid_details                    ? 
_entity_src_gen.pdbx_description                   ? 
# 
loop_
_chem_comp.id 
_chem_comp.type 
_chem_comp.mon_nstd_flag 
_chem_comp.name 
_chem_comp.pdbx_synonyms 
_chem_comp.formula 
_chem_comp.formula_weight 
ALA 'L-peptide linking' y ALANINE                                                                     ? 'C3 H7 N O2'      89.093  
ARG 'L-peptide linking' y ARGININE                                                                    ? 'C6 H15 N4 O2 1'  175.209 
ASN 'L-peptide linking' y ASPARAGINE                                                                  ? 'C4 H8 N2 O3'     132.118 
ASP 'L-peptide linking' y 'ASPARTIC ACID'                                                             ? 'C4 H7 N O4'      133.103 
CYS 'L-peptide linking' y CYSTEINE                                                                    ? 'C3 H7 N O2 S'    121.158 
GLN 'L-peptide linking' y GLUTAMINE                                                                   ? 'C5 H10 N2 O3'    146.144 
GLU 'L-peptide linking' y 'GLUTAMIC ACID'                                                             ? 'C5 H9 N O4'      147.129 
GLY 'peptide linking'   y GLYCINE                                                                     ? 'C2 H5 N O2'      75.067  
HIS 'L-peptide linking' y HISTIDINE                                                                   ? 'C6 H10 N3 O2 1'  156.162 
HOH non-polymer         . WATER                                                                       ? 'H2 O'            18.015  
ILE 'L-peptide linking' y ISOLEUCINE                                                                  ? 'C6 H13 N O2'     131.173 
LEU 'L-peptide linking' y LEUCINE                                                                     ? 'C6 H13 N O2'     131.173 
LYS 'L-peptide linking' y LYSINE                                                                      ? 'C6 H15 N2 O2 1'  147.195 
MET 'L-peptide linking' y METHIONINE                                                                  ? 'C5 H11 N O2 S'   149.211 
PHE 'L-peptide linking' y PHENYLALANINE                                                               ? 'C9 H11 N O2'     165.189 
PRO 'L-peptide linking' y PROLINE                                                                     ? 'C5 H9 N O2'      115.130 
SER 'L-peptide linking' y SERINE                                                                      ? 'C3 H7 N O3'      105.093 
THR 'L-peptide linking' y THREONINE                                                                   ? 'C4 H9 N O3'      119.119 
TRP 'L-peptide linking' y TRYPTOPHAN                                                                  ? 'C11 H12 N2 O2'   204.225 
TYR 'L-peptide linking' y TYROSINE                                                                    ? 'C9 H11 N O3'     181.189 
VAL 'L-peptide linking' y VALINE                                                                      ? 'C5 H11 N O2'     117.146 
Y44 non-polymer         . 'N-[(pyridin-3-yl)methyl]-4-(thiophene-2-carbonyl)piperazine-1-carboxamide' ? 'C16 H18 N4 O2 S' 330.405 
# 
loop_
_pdbx_poly_seq_scheme.asym_id 
_pdbx_poly_seq_scheme.entity_id 
_pdbx_poly_seq_scheme.seq_id 
_pdbx_poly_seq_scheme.mon_id 
_pdbx_poly_seq_scheme.ndb_seq_num 
_pdbx_poly_seq_scheme.pdb_seq_num 
_pdbx_poly_seq_scheme.auth_seq_num 
_pdbx_poly_seq_scheme.pdb_mon_id 
_pdbx_poly_seq_scheme.auth_mon_id 
_pdbx_poly_seq_scheme.pdb_strand_id 
_pdbx_poly_seq_scheme.pdb_ins_code 
_pdbx_poly_seq_scheme.hetero 
A 1 1   MET 1   1292 ?    ?   ?   A . n 
A 1 2   HIS 2   1293 ?    ?   ?   A . n 
A 1 3   HIS 3   1294 ?    ?   ?   A . n 
A 1 4   HIS 4   1295 ?    ?   ?   A . n 
A 1 5   HIS 5   1296 ?    ?   ?   A . n 
A 1 6   HIS 6   1297 ?    ?   ?   A . n 
A 1 7   HIS 7   1298 ?    ?   ?   A . n 
A 1 8   SER 8   1299 ?    ?   ?   A . n 
A 1 9   SER 9   1300 ?    ?   ?   A . n 
A 1 10  GLY 10  1301 ?    ?   ?   A . n 
A 1 11  VAL 11  1302 ?    ?   ?   A . n 
A 1 12  ASP 12  1303 ?    ?   ?   A . n 
A 1 13  LEU 13  1304 ?    ?   ?   A . n 
A 1 14  GLY 14  1305 ?    ?   ?   A . n 
A 1 15  THR 15  1306 ?    ?   ?   A . n 
A 1 16  GLU 16  1307 ?    ?   ?   A . n 
A 1 17  ASN 17  1308 ?    ?   ?   A . n 
A 1 18  LEU 18  1309 ?    ?   ?   A . n 
A 1 19  TYR 19  1310 ?    ?   ?   A . n 
A 1 20  PHE 20  1311 ?    ?   ?   A . n 
A 1 21  GLN 21  1312 ?    ?   ?   A . n 
A 1 22  SER 22  1313 ?    ?   ?   A . n 
A 1 23  MET 23  1314 ?    ?   ?   A . n 
A 1 24  SER 24  1315 ?    ?   ?   A . n 
A 1 25  TYR 25  1316 1316 TYR TYR A . n 
A 1 26  ASP 26  1317 1317 ASP ASP A . n 
A 1 27  ILE 27  1318 1318 ILE ILE A . n 
A 1 28  GLN 28  1319 1319 GLN GLN A . n 
A 1 29  ALA 29  1320 1320 ALA ALA A . n 
A 1 30  TRP 30  1321 1321 TRP TRP A . n 
A 1 31  LYS 31  1322 1322 LYS LYS A . n 
A 1 32  LYS 32  1323 1323 LYS LYS A . n 
A 1 33  GLN 33  1324 1324 GLN GLN A . n 
A 1 34  CYS 34  1325 1325 CYS CYS A . n 
A 1 35  GLU 35  1326 1326 GLU GLU A . n 
A 1 36  GLU 36  1327 1327 GLU GLU A . n 
A 1 37  LEU 37  1328 1328 LEU LEU A . n 
A 1 38  LEU 38  1329 1329 LEU LEU A . n 
A 1 39  ASN 39  1330 1330 ASN ASN A . n 
A 1 40  LEU 40  1331 1331 LEU LEU A . n 
A 1 41  ILE 41  1332 1332 ILE ILE A . n 
A 1 42  PHE 42  1333 1333 PHE PHE A . n 
A 1 43  GLN 43  1334 1334 GLN GLN A . n 
A 1 44  CYS 44  1335 1335 CYS CYS A . n 
A 1 45  GLU 45  1336 1336 GLU GLU A . n 
A 1 46  ASP 46  1337 1337 ASP ASP A . n 
A 1 47  SER 47  1338 1338 SER SER A . n 
A 1 48  GLU 48  1339 1339 GLU GLU A . n 
A 1 49  PRO 49  1340 1340 PRO PRO A . n 
A 1 50  PHE 50  1341 1341 PHE PHE A . n 
A 1 51  ARG 51  1342 1342 ARG ARG A . n 
A 1 52  GLN 52  1343 1343 GLN GLN A . n 
A 1 53  PRO 53  1344 1344 PRO PRO A . n 
A 1 54  VAL 54  1345 1345 VAL VAL A . n 
A 1 55  ASP 55  1346 1346 ASP ASP A . n 
A 1 56  LEU 56  1347 1347 LEU LEU A . n 
A 1 57  LEU 57  1348 1348 LEU LEU A . n 
A 1 58  GLU 58  1349 1349 GLU GLU A . n 
A 1 59  TYR 59  1350 1350 TYR TYR A . n 
A 1 60  PRO 60  1351 1351 PRO PRO A . n 
A 1 61  ASP 61  1352 1352 ASP ASP A . n 
A 1 62  TYR 62  1353 1353 TYR TYR A . n 
A 1 63  ARG 63  1354 1354 ARG ARG A . n 
A 1 64  ASP 64  1355 1355 ASP ASP A . n 
A 1 65  ILE 65  1356 1356 ILE ILE A . n 
A 1 66  ILE 66  1357 1357 ILE ILE A . n 
A 1 67  ASP 67  1358 1358 ASP ASP A . n 
A 1 68  THR 68  1359 1359 THR THR A . n 
A 1 69  PRO 69  1360 1360 PRO PRO A . n 
A 1 70  MET 70  1361 1361 MET MET A . n 
A 1 71  ASP 71  1362 1362 ASP ASP A . n 
A 1 72  PHE 72  1363 1363 PHE PHE A . n 
A 1 73  ALA 73  1364 1364 ALA ALA A . n 
A 1 74  THR 74  1365 1365 THR THR A . n 
A 1 75  VAL 75  1366 1366 VAL VAL A . n 
A 1 76  ARG 76  1367 1367 ARG ARG A . n 
A 1 77  GLU 77  1368 1368 GLU GLU A . n 
A 1 78  THR 78  1369 1369 THR THR A . n 
A 1 79  LEU 79  1370 1370 LEU LEU A . n 
A 1 80  GLU 80  1371 1371 GLU GLU A . n 
A 1 81  ALA 81  1372 1372 ALA ALA A . n 
A 1 82  GLY 82  1373 1373 GLY GLY A . n 
A 1 83  ASN 83  1374 1374 ASN ASN A . n 
A 1 84  TYR 84  1375 1375 TYR TYR A . n 
A 1 85  GLU 85  1376 1376 GLU GLU A . n 
A 1 86  SER 86  1377 1377 SER SER A . n 
A 1 87  PRO 87  1378 1378 PRO PRO A . n 
A 1 88  MET 88  1379 1379 MET MET A . n 
A 1 89  GLU 89  1380 1380 GLU GLU A . n 
A 1 90  LEU 90  1381 1381 LEU LEU A . n 
A 1 91  CYS 91  1382 1382 CYS CYS A . n 
A 1 92  LYS 92  1383 1383 LYS LYS A . n 
A 1 93  ASP 93  1384 1384 ASP ASP A . n 
A 1 94  VAL 94  1385 1385 VAL VAL A . n 
A 1 95  ARG 95  1386 1386 ARG ARG A . n 
A 1 96  LEU 96  1387 1387 LEU LEU A . n 
A 1 97  ILE 97  1388 1388 ILE ILE A . n 
A 1 98  PHE 98  1389 1389 PHE PHE A . n 
A 1 99  SER 99  1390 1390 SER SER A . n 
A 1 100 ASN 100 1391 1391 ASN ASN A . n 
A 1 101 SER 101 1392 1392 SER SER A . n 
A 1 102 LYS 102 1393 1393 LYS LYS A . n 
A 1 103 ALA 103 1394 1394 ALA ALA A . n 
A 1 104 TYR 104 1395 1395 TYR TYR A . n 
A 1 105 THR 105 1396 1396 THR THR A . n 
A 1 106 PRO 106 1397 1397 PRO PRO A . n 
A 1 107 SER 107 1398 1398 SER SER A . n 
A 1 108 LYS 108 1399 1399 LYS LYS A . n 
A 1 109 ARG 109 1400 1400 ARG ARG A . n 
A 1 110 SER 110 1401 1401 SER SER A . n 
A 1 111 ARG 111 1402 1402 ARG ARG A . n 
A 1 112 ILE 112 1403 1403 ILE ILE A . n 
A 1 113 TYR 113 1404 1404 TYR TYR A . n 
A 1 114 SER 114 1405 1405 SER SER A . n 
A 1 115 MET 115 1406 1406 MET MET A . n 
A 1 116 SER 116 1407 1407 SER SER A . n 
A 1 117 LEU 117 1408 1408 LEU LEU A . n 
A 1 118 ARG 118 1409 1409 ARG ARG A . n 
A 1 119 LEU 119 1410 1410 LEU LEU A . n 
A 1 120 SER 120 1411 1411 SER SER A . n 
A 1 121 ALA 121 1412 1412 ALA ALA A . n 
A 1 122 PHE 122 1413 1413 PHE PHE A . n 
A 1 123 PHE 123 1414 1414 PHE PHE A . n 
A 1 124 GLU 124 1415 1415 GLU GLU A . n 
A 1 125 GLU 125 1416 1416 GLU GLU A . n 
A 1 126 HIS 126 1417 1417 HIS HIS A . n 
A 1 127 ILE 127 1418 1418 ILE ILE A . n 
A 1 128 SER 128 1419 1419 SER SER A . n 
A 1 129 SER 129 1420 1420 SER SER A . n 
A 1 130 VAL 130 1421 1421 VAL VAL A . n 
A 1 131 LEU 131 1422 1422 LEU LEU A . n 
A 1 132 SER 132 1423 1423 SER SER A . n 
A 1 133 ASP 133 1424 1424 ASP ASP A . n 
A 1 134 TYR 134 1425 1425 TYR TYR A . n 
A 1 135 LYS 135 1426 1426 LYS LYS A . n 
A 1 136 SER 136 1427 1427 SER SER A . n 
A 1 137 ALA 137 1428 1428 ALA ALA A . n 
A 1 138 LEU 138 1429 1429 LEU LEU A . n 
A 1 139 ARG 139 1430 1430 ARG ARG A . n 
A 1 140 PHE 140 1431 1431 PHE PHE A . n 
A 1 141 HIS 141 1432 1432 HIS HIS A . n 
A 1 142 LYS 142 1433 1433 LYS LYS A . n 
A 1 143 ARG 143 1434 1434 ARG ARG A . n 
A 1 144 ASN 144 1435 ?    ?   ?   A . n 
A 1 145 THR 145 1436 ?    ?   ?   A . n 
A 1 146 ILE 146 1437 ?    ?   ?   A . n 
A 1 147 THR 147 1438 ?    ?   ?   A . n 
A 1 148 LYS 148 1439 ?    ?   ?   A . n 
A 1 149 ARG 149 1440 ?    ?   ?   A . n 
# 
loop_
_pdbx_nonpoly_scheme.asym_id 
_pdbx_nonpoly_scheme.entity_id 
_pdbx_nonpoly_scheme.mon_id 
_pdbx_nonpoly_scheme.ndb_seq_num 
_pdbx_nonpoly_scheme.pdb_seq_num 
_pdbx_nonpoly_scheme.auth_seq_num 
_pdbx_nonpoly_scheme.pdb_mon_id 
_pdbx_nonpoly_scheme.auth_mon_id 
_pdbx_nonpoly_scheme.pdb_strand_id 
_pdbx_nonpoly_scheme.pdb_ins_code 
B 2 Y44 1   1501 1501 Y44 LIG A . 
C 3 HOH 1   1601 128  HOH HOH A . 
C 3 HOH 2   1602 151  HOH HOH A . 
C 3 HOH 3   1603 55   HOH HOH A . 
C 3 HOH 4   1604 98   HOH HOH A . 
C 3 HOH 5   1605 172  HOH HOH A . 
C 3 HOH 6   1606 89   HOH HOH A . 
C 3 HOH 7   1607 42   HOH HOH A . 
C 3 HOH 8   1608 85   HOH HOH A . 
C 3 HOH 9   1609 197  HOH HOH A . 
C 3 HOH 10  1610 154  HOH HOH A . 
C 3 HOH 11  1611 7    HOH HOH A . 
C 3 HOH 12  1612 183  HOH HOH A . 
C 3 HOH 13  1613 184  HOH HOH A . 
C 3 HOH 14  1614 121  HOH HOH A . 
C 3 HOH 15  1615 142  HOH HOH A . 
C 3 HOH 16  1616 17   HOH HOH A . 
C 3 HOH 17  1617 135  HOH HOH A . 
C 3 HOH 18  1618 174  HOH HOH A . 
C 3 HOH 19  1619 187  HOH HOH A . 
C 3 HOH 20  1620 70   HOH HOH A . 
C 3 HOH 21  1621 123  HOH HOH A . 
C 3 HOH 22  1622 179  HOH HOH A . 
C 3 HOH 23  1623 124  HOH HOH A . 
C 3 HOH 24  1624 74   HOH HOH A . 
C 3 HOH 25  1625 10   HOH HOH A . 
C 3 HOH 26  1626 92   HOH HOH A . 
C 3 HOH 27  1627 41   HOH HOH A . 
C 3 HOH 28  1628 171  HOH HOH A . 
C 3 HOH 29  1629 12   HOH HOH A . 
C 3 HOH 30  1630 25   HOH HOH A . 
C 3 HOH 31  1631 167  HOH HOH A . 
C 3 HOH 32  1632 176  HOH HOH A . 
C 3 HOH 33  1633 33   HOH HOH A . 
C 3 HOH 34  1634 141  HOH HOH A . 
C 3 HOH 35  1635 65   HOH HOH A . 
C 3 HOH 36  1636 94   HOH HOH A . 
C 3 HOH 37  1637 31   HOH HOH A . 
C 3 HOH 38  1638 52   HOH HOH A . 
C 3 HOH 39  1639 140  HOH HOH A . 
C 3 HOH 40  1640 160  HOH HOH A . 
C 3 HOH 41  1641 9    HOH HOH A . 
C 3 HOH 42  1642 139  HOH HOH A . 
C 3 HOH 43  1643 45   HOH HOH A . 
C 3 HOH 44  1644 129  HOH HOH A . 
C 3 HOH 45  1645 3    HOH HOH A . 
C 3 HOH 46  1646 20   HOH HOH A . 
C 3 HOH 47  1647 14   HOH HOH A . 
C 3 HOH 48  1648 80   HOH HOH A . 
C 3 HOH 49  1649 149  HOH HOH A . 
C 3 HOH 50  1650 16   HOH HOH A . 
C 3 HOH 51  1651 144  HOH HOH A . 
C 3 HOH 52  1652 50   HOH HOH A . 
C 3 HOH 53  1653 4    HOH HOH A . 
C 3 HOH 54  1654 100  HOH HOH A . 
C 3 HOH 55  1655 75   HOH HOH A . 
C 3 HOH 56  1656 64   HOH HOH A . 
C 3 HOH 57  1657 84   HOH HOH A . 
C 3 HOH 58  1658 162  HOH HOH A . 
C 3 HOH 59  1659 99   HOH HOH A . 
C 3 HOH 60  1660 6    HOH HOH A . 
C 3 HOH 61  1661 83   HOH HOH A . 
C 3 HOH 62  1662 180  HOH HOH A . 
C 3 HOH 63  1663 119  HOH HOH A . 
C 3 HOH 64  1664 182  HOH HOH A . 
C 3 HOH 65  1665 1    HOH HOH A . 
C 3 HOH 66  1666 59   HOH HOH A . 
C 3 HOH 67  1667 108  HOH HOH A . 
C 3 HOH 68  1668 56   HOH HOH A . 
C 3 HOH 69  1669 82   HOH HOH A . 
C 3 HOH 70  1670 39   HOH HOH A . 
C 3 HOH 71  1671 62   HOH HOH A . 
C 3 HOH 72  1672 77   HOH HOH A . 
C 3 HOH 73  1673 27   HOH HOH A . 
C 3 HOH 74  1674 76   HOH HOH A . 
C 3 HOH 75  1675 143  HOH HOH A . 
C 3 HOH 76  1676 35   HOH HOH A . 
C 3 HOH 77  1677 130  HOH HOH A . 
C 3 HOH 78  1678 5    HOH HOH A . 
C 3 HOH 79  1679 145  HOH HOH A . 
C 3 HOH 80  1680 195  HOH HOH A . 
C 3 HOH 81  1681 163  HOH HOH A . 
C 3 HOH 82  1682 91   HOH HOH A . 
C 3 HOH 83  1683 23   HOH HOH A . 
C 3 HOH 84  1684 71   HOH HOH A . 
C 3 HOH 85  1685 157  HOH HOH A . 
C 3 HOH 86  1686 28   HOH HOH A . 
C 3 HOH 87  1687 11   HOH HOH A . 
C 3 HOH 88  1688 150  HOH HOH A . 
C 3 HOH 89  1689 15   HOH HOH A . 
C 3 HOH 90  1690 138  HOH HOH A . 
C 3 HOH 91  1691 29   HOH HOH A . 
C 3 HOH 92  1692 86   HOH HOH A . 
C 3 HOH 93  1693 54   HOH HOH A . 
C 3 HOH 94  1694 90   HOH HOH A . 
C 3 HOH 95  1695 19   HOH HOH A . 
C 3 HOH 96  1696 122  HOH HOH A . 
C 3 HOH 97  1697 152  HOH HOH A . 
C 3 HOH 98  1698 69   HOH HOH A . 
C 3 HOH 99  1699 161  HOH HOH A . 
C 3 HOH 100 1700 113  HOH HOH A . 
C 3 HOH 101 1701 63   HOH HOH A . 
C 3 HOH 102 1702 137  HOH HOH A . 
C 3 HOH 103 1703 37   HOH HOH A . 
C 3 HOH 104 1704 60   HOH HOH A . 
C 3 HOH 105 1705 48   HOH HOH A . 
C 3 HOH 106 1706 44   HOH HOH A . 
C 3 HOH 107 1707 116  HOH HOH A . 
C 3 HOH 108 1708 105  HOH HOH A . 
C 3 HOH 109 1709 36   HOH HOH A . 
C 3 HOH 110 1710 67   HOH HOH A . 
C 3 HOH 111 1711 40   HOH HOH A . 
C 3 HOH 112 1712 118  HOH HOH A . 
C 3 HOH 113 1713 81   HOH HOH A . 
C 3 HOH 114 1714 191  HOH HOH A . 
C 3 HOH 115 1715 159  HOH HOH A . 
C 3 HOH 116 1716 120  HOH HOH A . 
C 3 HOH 117 1717 38   HOH HOH A . 
C 3 HOH 118 1718 178  HOH HOH A . 
C 3 HOH 119 1719 106  HOH HOH A . 
C 3 HOH 120 1720 2    HOH HOH A . 
C 3 HOH 121 1721 72   HOH HOH A . 
C 3 HOH 122 1722 88   HOH HOH A . 
C 3 HOH 123 1723 156  HOH HOH A . 
C 3 HOH 124 1724 49   HOH HOH A . 
C 3 HOH 125 1725 134  HOH HOH A . 
C 3 HOH 126 1726 158  HOH HOH A . 
C 3 HOH 127 1727 96   HOH HOH A . 
C 3 HOH 128 1728 126  HOH HOH A . 
C 3 HOH 129 1729 125  HOH HOH A . 
C 3 HOH 130 1730 22   HOH HOH A . 
C 3 HOH 131 1731 173  HOH HOH A . 
C 3 HOH 132 1732 57   HOH HOH A . 
C 3 HOH 133 1733 165  HOH HOH A . 
C 3 HOH 134 1734 95   HOH HOH A . 
C 3 HOH 135 1735 53   HOH HOH A . 
C 3 HOH 136 1736 34   HOH HOH A . 
C 3 HOH 137 1737 127  HOH HOH A . 
C 3 HOH 138 1738 101  HOH HOH A . 
C 3 HOH 139 1739 13   HOH HOH A . 
C 3 HOH 140 1740 136  HOH HOH A . 
C 3 HOH 141 1741 131  HOH HOH A . 
C 3 HOH 142 1742 109  HOH HOH A . 
C 3 HOH 143 1743 117  HOH HOH A . 
C 3 HOH 144 1744 177  HOH HOH A . 
C 3 HOH 145 1745 181  HOH HOH A . 
C 3 HOH 146 1746 153  HOH HOH A . 
C 3 HOH 147 1747 175  HOH HOH A . 
C 3 HOH 148 1748 164  HOH HOH A . 
C 3 HOH 149 1749 166  HOH HOH A . 
C 3 HOH 150 1750 202  HOH HOH A . 
C 3 HOH 151 1751 104  HOH HOH A . 
C 3 HOH 152 1752 133  HOH HOH A . 
C 3 HOH 153 1753 146  HOH HOH A . 
C 3 HOH 154 1754 114  HOH HOH A . 
C 3 HOH 155 1755 186  HOH HOH A . 
C 3 HOH 156 1756 8    HOH HOH A . 
C 3 HOH 157 1757 185  HOH HOH A . 
C 3 HOH 158 1758 115  HOH HOH A . 
C 3 HOH 159 1759 198  HOH HOH A . 
C 3 HOH 160 1760 93   HOH HOH A . 
C 3 HOH 161 1761 30   HOH HOH A . 
C 3 HOH 162 1762 199  HOH HOH A . 
C 3 HOH 163 1763 61   HOH HOH A . 
C 3 HOH 164 1764 107  HOH HOH A . 
C 3 HOH 165 1765 193  HOH HOH A . 
C 3 HOH 166 1766 51   HOH HOH A . 
C 3 HOH 167 1767 190  HOH HOH A . 
C 3 HOH 168 1768 112  HOH HOH A . 
C 3 HOH 169 1769 132  HOH HOH A . 
C 3 HOH 170 1770 170  HOH HOH A . 
C 3 HOH 171 1771 168  HOH HOH A . 
C 3 HOH 172 1772 110  HOH HOH A . 
C 3 HOH 173 1773 148  HOH HOH A . 
C 3 HOH 174 1774 102  HOH HOH A . 
C 3 HOH 175 1775 188  HOH HOH A . 
C 3 HOH 176 1776 68   HOH HOH A . 
C 3 HOH 177 1777 78   HOH HOH A . 
C 3 HOH 178 1778 103  HOH HOH A . 
C 3 HOH 179 1779 46   HOH HOH A . 
C 3 HOH 180 1780 73   HOH HOH A . 
C 3 HOH 181 1781 196  HOH HOH A . 
C 3 HOH 182 1782 201  HOH HOH A . 
C 3 HOH 183 1783 192  HOH HOH A . 
C 3 HOH 184 1784 200  HOH HOH A . 
C 3 HOH 185 1785 111  HOH HOH A . 
C 3 HOH 186 1786 87   HOH HOH A . 
C 3 HOH 187 1787 97   HOH HOH A . 
C 3 HOH 188 1788 189  HOH HOH A . 
C 3 HOH 189 1789 203  HOH HOH A . 
C 3 HOH 190 1790 79   HOH HOH A . 
# 
loop_
_pdbx_unobs_or_zero_occ_atoms.id 
_pdbx_unobs_or_zero_occ_atoms.PDB_model_num 
_pdbx_unobs_or_zero_occ_atoms.polymer_flag 
_pdbx_unobs_or_zero_occ_atoms.occupancy_flag 
_pdbx_unobs_or_zero_occ_atoms.auth_asym_id 
_pdbx_unobs_or_zero_occ_atoms.auth_comp_id 
_pdbx_unobs_or_zero_occ_atoms.auth_seq_id 
_pdbx_unobs_or_zero_occ_atoms.PDB_ins_code 
_pdbx_unobs_or_zero_occ_atoms.auth_atom_id 
_pdbx_unobs_or_zero_occ_atoms.label_alt_id 
_pdbx_unobs_or_zero_occ_atoms.label_asym_id 
_pdbx_unobs_or_zero_occ_atoms.label_comp_id 
_pdbx_unobs_or_zero_occ_atoms.label_seq_id 
_pdbx_unobs_or_zero_occ_atoms.label_atom_id 
1 1 Y 1 A LYS 1323 ? CE ? A LYS 32 CE 
2 1 Y 1 A LYS 1323 ? NZ ? A LYS 32 NZ 
# 
loop_
_software.pdbx_ordinal 
_software.name 
_software.version 
_software.date 
_software.type 
_software.contact_author 
_software.contact_author_email 
_software.classification 
_software.location 
_software.language 
_software.citation_id 
1 REFMAC      5.8.0267 ?               program 'Garib N. Murshudov' garib@ysbl.york.ac.uk    refinement        
http://www.ccp4.ac.uk/dist/html/refmac5.html        Fortran_77 ? 
2 Aimless     0.7.4    13/12/18        program 'Phil Evans'         ?                        'data scaling'    
http://www.mrc-lmb.cam.ac.uk/harry/pre/aimless.html ?          ? 
3 PDB_EXTRACT 3.23     'SEP. 23, 2016' package PDB                  deposit@deposit.rcsb.org 'data extraction' 
http://sw-tools.pdb.org/apps/PDB_EXTRACT/           C++        ? 
4 XDS         .        ?               program ?                    ?                        'data reduction'  ? ?          ? 
5 REFMAC      .        ?               program ?                    ?                        phasing           ? ?          ? 
# 
_cell.entry_id           5S9D 
_cell.length_a           81.269 
_cell.length_b           27.125 
_cell.length_c           55.640 
_cell.angle_alpha        90.000 
_cell.angle_beta         100.130 
_cell.angle_gamma        90.000 
_cell.Z_PDB              4 
_cell.pdbx_unique_axis   ? 
# 
_symmetry.entry_id                         5S9D 
_symmetry.space_group_name_H-M             'C 1 2 1' 
_symmetry.pdbx_full_space_group_name_H-M   ? 
_symmetry.cell_setting                     ? 
_symmetry.Int_Tables_number                5 
# 
_exptl.crystals_number   1 
_exptl.entry_id          5S9D 
_exptl.method            'X-RAY DIFFRACTION' 
# 
_exptl_crystal.id                    1 
_exptl_crystal.pdbx_mosaicity        0.000 
_exptl_crystal.pdbx_mosaicity_esd    ? 
_exptl_crystal.density_Matthews      1.71 
_exptl_crystal.density_diffrn        ? 
_exptl_crystal.density_meas          ? 
_exptl_crystal.density_meas_temp     ? 
_exptl_crystal.density_percent_sol   28.17 
_exptl_crystal.size_max              ? 
_exptl_crystal.size_mid              ? 
_exptl_crystal.size_min              ? 
_exptl_crystal.size_rad              ? 
_exptl_crystal.description           ? 
_exptl_crystal.preparation           ? 
# 
_exptl_crystal_grow.crystal_id      1 
_exptl_crystal_grow.method          'VAPOR DIFFUSION, SITTING DROP' 
_exptl_crystal_grow.pH              5.6 
_exptl_crystal_grow.temp            277 
_exptl_crystal_grow.pdbx_details    '20% PEG 8000, 0.04M POTASSIUM PHOSPHATE' 
_exptl_crystal_grow.temp_details    ? 
_exptl_crystal_grow.pdbx_pH_range   ? 
# 
_diffrn.id                               1 
_diffrn.ambient_temp                     100 
_diffrn.crystal_id                       1 
_diffrn.ambient_temp_details             ? 
_diffrn.pdbx_serial_crystal_experiment   ? 
# 
_diffrn_detector.detector               PIXEL 
_diffrn_detector.type                   'DECTRIS PILATUS 6M' 
_diffrn_detector.pdbx_collection_date   2020-09-16 
_diffrn_detector.diffrn_id              1 
_diffrn_detector.details                ? 
# 
_diffrn_radiation.diffrn_id                        1 
_diffrn_radiation.wavelength_id                    1 
_diffrn_radiation.pdbx_diffrn_protocol             'SINGLE WAVELENGTH' 
_diffrn_radiation.pdbx_monochromatic_or_laue_m_l   ? 
_diffrn_radiation.monochromator                    ? 
_diffrn_radiation.pdbx_scattering_type             x-ray 
# 
_diffrn_radiation_wavelength.id           1 
_diffrn_radiation_wavelength.wavelength   0.9127 
_diffrn_radiation_wavelength.wt           1.0 
# 
_diffrn_source.diffrn_id                   1 
_diffrn_source.source                      SYNCHROTRON 
_diffrn_source.type                        'DIAMOND BEAMLINE I04-1' 
_diffrn_source.pdbx_wavelength_list        0.9127 
_diffrn_source.pdbx_synchrotron_site       Diamond 
_diffrn_source.pdbx_synchrotron_beamline   I04-1 
_diffrn_source.pdbx_wavelength             ? 
# 
_reflns.entry_id                     5S9D 
_reflns.pdbx_diffrn_id               1 
_reflns.pdbx_ordinal                 1 
_reflns.observed_criterion_sigma_I   ? 
_reflns.observed_criterion_sigma_F   ? 
_reflns.d_resolution_low             54.760 
_reflns.d_resolution_high            1.190 
_reflns.number_obs                   34986 
_reflns.number_all                   ? 
_reflns.percent_possible_obs         90.600 
_reflns.pdbx_Rmerge_I_obs            0.046 
_reflns.pdbx_Rsym_value              ? 
_reflns.pdbx_netI_over_sigmaI        8.300 
_reflns.B_iso_Wilson_estimate        ? 
_reflns.pdbx_redundancy              2.600 
_reflns.pdbx_Rrim_I_all              0.057 
_reflns.pdbx_Rpim_I_all              0.033 
_reflns.pdbx_CC_half                 0.996 
_reflns.pdbx_netI_over_av_sigmaI     ? 
_reflns.pdbx_number_measured_all     90606 
_reflns.pdbx_scaling_rejects         51 
_reflns.pdbx_chi_squared             ? 
_reflns.Rmerge_F_all                 ? 
_reflns.Rmerge_F_obs                 ? 
_reflns.observed_criterion_F_max     ? 
_reflns.observed_criterion_F_min     ? 
_reflns.observed_criterion_I_max     ? 
_reflns.observed_criterion_I_min     ? 
_reflns.pdbx_d_res_high_opt          ? 
_reflns.pdbx_d_res_low_opt           ? 
_reflns.details                      ? 
_reflns.pdbx_CC_star                 ? 
# 
loop_
_reflns_shell.pdbx_diffrn_id 
_reflns_shell.pdbx_ordinal 
_reflns_shell.d_res_high 
_reflns_shell.d_res_low 
_reflns_shell.number_measured_obs 
_reflns_shell.number_measured_all 
_reflns_shell.number_unique_obs 
_reflns_shell.pdbx_rejects 
_reflns_shell.Rmerge_I_obs 
_reflns_shell.meanI_over_sigI_obs 
_reflns_shell.pdbx_Rsym_value 
_reflns_shell.pdbx_chi_squared 
_reflns_shell.pdbx_redundancy 
_reflns_shell.percent_possible_obs 
_reflns_shell.pdbx_netI_over_sigmaI_obs 
_reflns_shell.number_possible 
_reflns_shell.number_unique_all 
_reflns_shell.Rmerge_F_all 
_reflns_shell.Rmerge_F_obs 
_reflns_shell.Rmerge_I_all 
_reflns_shell.meanI_over_sigI_all 
_reflns_shell.percent_possible_all 
_reflns_shell.pdbx_Rrim_I_all 
_reflns_shell.pdbx_Rpim_I_all 
_reflns_shell.pdbx_CC_half 
_reflns_shell.pdbx_CC_star 
1 1 1.190 1.210  ? 1032 ? ? 1.232 ? ? ? 1.200 ? 0.400  ? 880 ? ? ? ? 48.300 1.737 1.224 0.228 ? 
1 2 6.520 54.760 ? 753  ? ? 0.040 ? ? ? 2.800 ? 24.400 ? 271 ? ? ? ? 99.100 0.052 0.033 0.984 ? 
# 
_refine.entry_id                                 5S9D 
_refine.pdbx_refine_id                           'X-RAY DIFFRACTION' 
_refine.ls_d_res_high                            1.1900 
_refine.ls_d_res_low                             54.7700 
_refine.pdbx_ls_sigma_F                          0.000 
_refine.pdbx_data_cutoff_high_absF               ? 
_refine.pdbx_data_cutoff_low_absF                ? 
_refine.ls_percent_reflns_obs                    89.5900 
_refine.ls_number_reflns_obs                     32975 
_refine.ls_number_reflns_all                     ? 
_refine.pdbx_ls_cross_valid_method               THROUGHOUT 
_refine.ls_matrix_type                           ? 
_refine.pdbx_R_Free_selection_details            RANDOM 
_refine.details                                  
'HYDROGENS HAVE BEEN ADDED IN THE RIDING POSITIONS U VALUES      : REFINED INDIVIDUALLY' 
_refine.ls_R_factor_all                          ? 
_refine.ls_R_factor_obs                          0.1837 
_refine.ls_R_factor_R_work                       0.1826 
_refine.ls_wR_factor_R_work                      ? 
_refine.ls_R_factor_R_free                       0.2042 
_refine.ls_wR_factor_R_free                      ? 
_refine.ls_percent_reflns_R_free                 4.9000 
_refine.ls_number_reflns_R_free                  1711 
_refine.ls_number_reflns_R_work                  ? 
_refine.ls_R_factor_R_free_error                 ? 
_refine.B_iso_mean                               18.6260 
_refine.solvent_model_param_bsol                 ? 
_refine.solvent_model_param_ksol                 ? 
_refine.pdbx_isotropic_thermal_model             ? 
_refine.aniso_B[1][1]                            -0.1500 
_refine.aniso_B[2][2]                            1.1900 
_refine.aniso_B[3][3]                            -0.9700 
_refine.aniso_B[1][2]                            0.0000 
_refine.aniso_B[1][3]                            -0.0200 
_refine.aniso_B[2][3]                            -0.0000 
_refine.correlation_coeff_Fo_to_Fc               0.9730 
_refine.correlation_coeff_Fo_to_Fc_free          0.9640 
_refine.overall_SU_R_Cruickshank_DPI             ? 
_refine.pdbx_overall_SU_R_free_Cruickshank_DPI   ? 
_refine.pdbx_overall_SU_R_Blow_DPI               ? 
_refine.pdbx_overall_SU_R_free_Blow_DPI          ? 
_refine.overall_SU_R_free                        ? 
_refine.pdbx_overall_ESU_R                       0.0590 
_refine.pdbx_overall_ESU_R_Free                  0.0580 
_refine.overall_SU_ML                            0.0550 
_refine.overall_SU_B                             1.3310 
_refine.solvent_model_details                    MASK 
_refine.pdbx_solvent_vdw_probe_radii             1.2000 
_refine.pdbx_solvent_ion_probe_radii             0.8000 
_refine.pdbx_solvent_shrinkage_radii             0.8000 
_refine.ls_number_parameters                     ? 
_refine.ls_number_restraints                     ? 
_refine.pdbx_starting_model                      5RJI 
_refine.pdbx_method_to_determine_struct          'FOURIER SYNTHESIS' 
_refine.pdbx_stereochemistry_target_values       'MAXIMUM LIKELIHOOD' 
_refine.pdbx_stereochem_target_val_spec_case     ? 
_refine.overall_FOM_work_R_set                   ? 
_refine.B_iso_max                                62.800 
_refine.B_iso_min                                10.730 
_refine.pdbx_overall_phase_error                 ? 
_refine.occupancy_max                            ? 
_refine.occupancy_min                            ? 
_refine.pdbx_diffrn_id                           1 
_refine.pdbx_TLS_residual_ADP_flag               ? 
_refine.pdbx_ls_sigma_I                          ? 
_refine.pdbx_data_cutoff_high_rms_absF           ? 
_refine.ls_R_factor_R_free_error_details         ? 
# 
_refine_hist.cycle_id                         final 
_refine_hist.pdbx_refine_id                   'X-RAY DIFFRACTION' 
_refine_hist.d_res_high                       1.1900 
_refine_hist.d_res_low                        54.7700 
_refine_hist.pdbx_number_atoms_ligand         23 
_refine_hist.number_atoms_solvent             190 
_refine_hist.number_atoms_total               1203 
_refine_hist.pdbx_number_residues_total       119 
_refine_hist.pdbx_B_iso_mean_ligand           29.50 
_refine_hist.pdbx_B_iso_mean_solvent          31.34 
_refine_hist.pdbx_number_atoms_protein        990 
_refine_hist.pdbx_number_atoms_nucleic_acid   0 
# 
loop_
_refine_ls_restr.pdbx_refine_id 
_refine_ls_restr.type 
_refine_ls_restr.number 
_refine_ls_restr.dev_ideal 
_refine_ls_restr.dev_ideal_target 
_refine_ls_restr.weight 
_refine_ls_restr.pdbx_restraint_function 
'X-RAY DIFFRACTION' r_bond_refined_d       1892 0.011  0.014  ? ? 
'X-RAY DIFFRACTION' r_bond_other_d         1398 0.001  0.017  ? ? 
'X-RAY DIFFRACTION' r_angle_refined_deg    2181 1.709  1.653  ? ? 
'X-RAY DIFFRACTION' r_angle_other_deg      3294 1.571  1.576  ? ? 
'X-RAY DIFFRACTION' r_dihedral_angle_1_deg 220  5.225  5.000  ? ? 
'X-RAY DIFFRACTION' r_dihedral_angle_2_deg 83   24.612 22.169 ? ? 
'X-RAY DIFFRACTION' r_dihedral_angle_3_deg 267  13.264 15.000 ? ? 
'X-RAY DIFFRACTION' r_dihedral_angle_4_deg 9    13.303 15.000 ? ? 
'X-RAY DIFFRACTION' r_chiral_restr         201  0.095  0.200  ? ? 
'X-RAY DIFFRACTION' r_gen_planes_refined   1999 0.009  0.020  ? ? 
'X-RAY DIFFRACTION' r_gen_planes_other     365  0.003  0.020  ? ? 
'X-RAY DIFFRACTION' r_mcbond_it            927  1.132  1.700  ? ? 
'X-RAY DIFFRACTION' r_mcbond_other         912  1.135  1.682  ? ? 
'X-RAY DIFFRACTION' r_mcangle_it           1018 1.950  2.514  ? ? 
# 
_refine_ls_shell.d_res_high                       1.1900 
_refine_ls_shell.d_res_low                        1.2210 
_refine_ls_shell.pdbx_total_number_of_bins_used   20 
_refine_ls_shell.percent_reflns_obs               39.8700 
_refine_ls_shell.number_reflns_R_work             1081 
_refine_ls_shell.R_factor_all                     ? 
_refine_ls_shell.R_factor_R_work                  0.4180 
_refine_ls_shell.R_factor_R_free                  0.3820 
_refine_ls_shell.percent_reflns_R_free            ? 
_refine_ls_shell.number_reflns_R_free             45 
_refine_ls_shell.R_factor_R_free_error            ? 
_refine_ls_shell.number_reflns_all                1126 
_refine_ls_shell.number_reflns_obs                ? 
_refine_ls_shell.pdbx_refine_id                   'X-RAY DIFFRACTION' 
_refine_ls_shell.R_factor_obs                     ? 
# 
_struct.entry_id                  5S9D 
_struct.title                     
'PanDDA analysis group deposition -- Crystal Structure of PHIP in complex with Z198194396 synthetic derivative' 
_struct.pdbx_model_details        ? 
_struct.pdbx_CASP_flag            ? 
_struct.pdbx_model_type_details   ? 
# 
_struct_keywords.entry_id        5S9D 
_struct_keywords.text            
;SGC - Diamond I04-1 fragment screening, PanDDA, XChemExplorer, Robotic chemistry, Crystal soaking, Reaction crudes, SIGNALING PROTEIN
;
_struct_keywords.pdbx_keywords   'SIGNALING PROTEIN' 
# 
loop_
_struct_asym.id 
_struct_asym.pdbx_blank_PDB_chainid_flag 
_struct_asym.pdbx_modified 
_struct_asym.entity_id 
_struct_asym.details 
A N N 1 ? 
B N N 2 ? 
C N N 3 ? 
# 
_struct_ref.id                         1 
_struct_ref.db_name                    UNP 
_struct_ref.db_code                    PHIP_HUMAN 
_struct_ref.pdbx_db_accession          Q8WWQ0 
_struct_ref.pdbx_db_isoform            ? 
_struct_ref.entity_id                  1 
_struct_ref.pdbx_seq_one_letter_code   
;SYDIQAWKKQCEELLNLIFQCEDSEPFRQPVDLLEYPDYRDIIDTPMDFATVRETLEAGNYESPMELCKDVRLIFSNSKA
YTPSKRSRIYSMSLRLSAFFEEHISSVLSDYKSALRFHKRNTITKR
;
_struct_ref.pdbx_align_begin           1315 
# 
_struct_ref_seq.align_id                      1 
_struct_ref_seq.ref_id                        1 
_struct_ref_seq.pdbx_PDB_id_code              5S9D 
_struct_ref_seq.pdbx_strand_id                A 
_struct_ref_seq.seq_align_beg                 24 
_struct_ref_seq.pdbx_seq_align_beg_ins_code   ? 
_struct_ref_seq.seq_align_end                 149 
_struct_ref_seq.pdbx_seq_align_end_ins_code   ? 
_struct_ref_seq.pdbx_db_accession             Q8WWQ0 
_struct_ref_seq.db_align_beg                  1315 
_struct_ref_seq.pdbx_db_align_beg_ins_code    ? 
_struct_ref_seq.db_align_end                  1440 
_struct_ref_seq.pdbx_db_align_end_ins_code    ? 
_struct_ref_seq.pdbx_auth_seq_align_beg       1315 
_struct_ref_seq.pdbx_auth_seq_align_end       1440 
# 
loop_
_struct_ref_seq_dif.align_id 
_struct_ref_seq_dif.pdbx_pdb_id_code 
_struct_ref_seq_dif.mon_id 
_struct_ref_seq_dif.pdbx_pdb_strand_id 
_struct_ref_seq_dif.seq_num 
_struct_ref_seq_dif.pdbx_pdb_ins_code 
_struct_ref_seq_dif.pdbx_seq_db_name 
_struct_ref_seq_dif.pdbx_seq_db_accession_code 
_struct_ref_seq_dif.db_mon_id 
_struct_ref_seq_dif.pdbx_seq_db_seq_num 
_struct_ref_seq_dif.details 
_struct_ref_seq_dif.pdbx_auth_seq_num 
_struct_ref_seq_dif.pdbx_ordinal 
1 5S9D MET A 1  ? UNP Q8WWQ0 ? ? 'initiating methionine' 1292 1  
1 5S9D HIS A 2  ? UNP Q8WWQ0 ? ? 'expression tag'        1293 2  
1 5S9D HIS A 3  ? UNP Q8WWQ0 ? ? 'expression tag'        1294 3  
1 5S9D HIS A 4  ? UNP Q8WWQ0 ? ? 'expression tag'        1295 4  
1 5S9D HIS A 5  ? UNP Q8WWQ0 ? ? 'expression tag'        1296 5  
1 5S9D HIS A 6  ? UNP Q8WWQ0 ? ? 'expression tag'        1297 6  
1 5S9D HIS A 7  ? UNP Q8WWQ0 ? ? 'expression tag'        1298 7  
1 5S9D SER A 8  ? UNP Q8WWQ0 ? ? 'expression tag'        1299 8  
1 5S9D SER A 9  ? UNP Q8WWQ0 ? ? 'expression tag'        1300 9  
1 5S9D GLY A 10 ? UNP Q8WWQ0 ? ? 'expression tag'        1301 10 
1 5S9D VAL A 11 ? UNP Q8WWQ0 ? ? 'expression tag'        1302 11 
1 5S9D ASP A 12 ? UNP Q8WWQ0 ? ? 'expression tag'        1303 12 
1 5S9D LEU A 13 ? UNP Q8WWQ0 ? ? 'expression tag'        1304 13 
1 5S9D GLY A 14 ? UNP Q8WWQ0 ? ? 'expression tag'        1305 14 
1 5S9D THR A 15 ? UNP Q8WWQ0 ? ? 'expression tag'        1306 15 
1 5S9D GLU A 16 ? UNP Q8WWQ0 ? ? 'expression tag'        1307 16 
1 5S9D ASN A 17 ? UNP Q8WWQ0 ? ? 'expression tag'        1308 17 
1 5S9D LEU A 18 ? UNP Q8WWQ0 ? ? 'expression tag'        1309 18 
1 5S9D TYR A 19 ? UNP Q8WWQ0 ? ? 'expression tag'        1310 19 
1 5S9D PHE A 20 ? UNP Q8WWQ0 ? ? 'expression tag'        1311 20 
1 5S9D GLN A 21 ? UNP Q8WWQ0 ? ? 'expression tag'        1312 21 
1 5S9D SER A 22 ? UNP Q8WWQ0 ? ? 'expression tag'        1313 22 
1 5S9D MET A 23 ? UNP Q8WWQ0 ? ? 'expression tag'        1314 23 
# 
_pdbx_struct_assembly.id                   1 
_pdbx_struct_assembly.details              author_and_software_defined_assembly 
_pdbx_struct_assembly.method_details       PISA 
_pdbx_struct_assembly.oligomeric_details   monomeric 
_pdbx_struct_assembly.oligomeric_count     1 
# 
_pdbx_struct_assembly_gen.assembly_id       1 
_pdbx_struct_assembly_gen.oper_expression   1 
_pdbx_struct_assembly_gen.asym_id_list      A,B,C 
# 
_pdbx_struct_oper_list.id                   1 
_pdbx_struct_oper_list.type                 'identity operation' 
_pdbx_struct_oper_list.name                 1_555 
_pdbx_struct_oper_list.symmetry_operation   x,y,z 
_pdbx_struct_oper_list.matrix[1][1]         1.0000000000 
_pdbx_struct_oper_list.matrix[1][2]         0.0000000000 
_pdbx_struct_oper_list.matrix[1][3]         0.0000000000 
_pdbx_struct_oper_list.vector[1]            0.0000000000 
_pdbx_struct_oper_list.matrix[2][1]         0.0000000000 
_pdbx_struct_oper_list.matrix[2][2]         1.0000000000 
_pdbx_struct_oper_list.matrix[2][3]         0.0000000000 
_pdbx_struct_oper_list.vector[2]            0.0000000000 
_pdbx_struct_oper_list.matrix[3][1]         0.0000000000 
_pdbx_struct_oper_list.matrix[3][2]         0.0000000000 
_pdbx_struct_oper_list.matrix[3][3]         1.0000000000 
_pdbx_struct_oper_list.vector[3]            0.0000000000 
# 
loop_
_struct_conf.conf_type_id 
_struct_conf.id 
_struct_conf.pdbx_PDB_helix_id 
_struct_conf.beg_label_comp_id 
_struct_conf.beg_label_asym_id 
_struct_conf.beg_label_seq_id 
_struct_conf.pdbx_beg_PDB_ins_code 
_struct_conf.end_label_comp_id 
_struct_conf.end_label_asym_id 
_struct_conf.end_label_seq_id 
_struct_conf.pdbx_end_PDB_ins_code 
_struct_conf.beg_auth_comp_id 
_struct_conf.beg_auth_asym_id 
_struct_conf.beg_auth_seq_id 
_struct_conf.end_auth_comp_id 
_struct_conf.end_auth_asym_id 
_struct_conf.end_auth_seq_id 
_struct_conf.pdbx_PDB_helix_class 
_struct_conf.details 
_struct_conf.pdbx_PDB_helix_length 
HELX_P HELX_P1 AA1 ALA A 29  ? CYS A 44  ? ALA A 1320 CYS A 1335 1 ? 16 
HELX_P HELX_P2 AA2 GLU A 45  ? ARG A 51  ? GLU A 1336 ARG A 1342 5 ? 7  
HELX_P HELX_P3 AA3 ASP A 61  ? ILE A 66  ? ASP A 1352 ILE A 1357 1 ? 6  
HELX_P HELX_P4 AA4 ASP A 71  ? ALA A 81  ? ASP A 1362 ALA A 1372 1 ? 11 
HELX_P HELX_P5 AA5 SER A 86  ? THR A 105 ? SER A 1377 THR A 1396 1 ? 20 
HELX_P HELX_P6 AA6 SER A 110 ? LYS A 142 ? SER A 1401 LYS A 1433 1 ? 33 
# 
_struct_conf_type.id          HELX_P 
_struct_conf_type.criteria    ? 
_struct_conf_type.reference   ? 
# 
_struct_site.id                   AC1 
_struct_site.pdbx_evidence_code   Software 
_struct_site.pdbx_auth_asym_id    A 
_struct_site.pdbx_auth_comp_id    Y44 
_struct_site.pdbx_auth_seq_id     1501 
_struct_site.pdbx_auth_ins_code   ? 
_struct_site.pdbx_num_residues    10 
_struct_site.details              'binding site for residue Y44 A 1501' 
# 
loop_
_struct_site_gen.id 
_struct_site_gen.site_id 
_struct_site_gen.pdbx_num_res 
_struct_site_gen.label_comp_id 
_struct_site_gen.label_asym_id 
_struct_site_gen.label_seq_id 
_struct_site_gen.pdbx_auth_ins_code 
_struct_site_gen.auth_comp_id 
_struct_site_gen.auth_asym_id 
_struct_site_gen.auth_seq_id 
_struct_site_gen.label_atom_id 
_struct_site_gen.label_alt_id 
_struct_site_gen.symmetry 
_struct_site_gen.details 
1  AC1 10 GLU A 48  ? GLU A 1339 . ? 1_555 ? 
2  AC1 10 PRO A 49  ? PRO A 1340 . ? 1_555 ? 
3  AC1 10 GLN A 52  ? GLN A 1343 . ? 1_555 ? 
4  AC1 10 VAL A 54  ? VAL A 1345 . ? 1_555 ? 
5  AC1 10 TYR A 59  ? TYR A 1350 . ? 1_555 ? 
6  AC1 10 SER A 101 ? SER A 1392 . ? 1_555 ? 
7  AC1 10 THR A 105 ? THR A 1396 . ? 1_555 ? 
8  AC1 10 SER A 110 ? SER A 1401 . ? 1_555 ? 
9  AC1 10 ILE A 112 ? ILE A 1403 . ? 1_555 ? 
10 AC1 10 HOH C .   ? HOH A 1616 . ? 1_555 ? 
# 
loop_
_pdbx_validate_close_contact.id 
_pdbx_validate_close_contact.PDB_model_num 
_pdbx_validate_close_contact.auth_atom_id_1 
_pdbx_validate_close_contact.auth_asym_id_1 
_pdbx_validate_close_contact.auth_comp_id_1 
_pdbx_validate_close_contact.auth_seq_id_1 
_pdbx_validate_close_contact.PDB_ins_code_1 
_pdbx_validate_close_contact.label_alt_id_1 
_pdbx_validate_close_contact.auth_atom_id_2 
_pdbx_validate_close_contact.auth_asym_id_2 
_pdbx_validate_close_contact.auth_comp_id_2 
_pdbx_validate_close_contact.auth_seq_id_2 
_pdbx_validate_close_contact.PDB_ins_code_2 
_pdbx_validate_close_contact.label_alt_id_2 
_pdbx_validate_close_contact.dist 
1 1 O   A HOH 1690 ? ? O A HOH 1714 ? ? 1.78 
2 1 O   A HOH 1628 ? ? O A HOH 1675 ? ? 1.82 
3 1 OE1 A GLU 1327 ? ? O A HOH 1601 ? ? 2.03 
4 1 O   A HOH 1681 ? ? O A HOH 1737 ? ? 2.05 
5 1 O   A HOH 1699 ? ? O A HOH 1749 ? ? 2.16 
6 1 O   A HOH 1649 ? ? O A HOH 1723 ? ? 2.18 
# 
_pdbx_validate_symm_contact.id                1 
_pdbx_validate_symm_contact.PDB_model_num     1 
_pdbx_validate_symm_contact.auth_atom_id_1    O 
_pdbx_validate_symm_contact.auth_asym_id_1    A 
_pdbx_validate_symm_contact.auth_comp_id_1    HOH 
_pdbx_validate_symm_contact.auth_seq_id_1     1764 
_pdbx_validate_symm_contact.PDB_ins_code_1    ? 
_pdbx_validate_symm_contact.label_alt_id_1    ? 
_pdbx_validate_symm_contact.site_symmetry_1   1_555 
_pdbx_validate_symm_contact.auth_atom_id_2    O 
_pdbx_validate_symm_contact.auth_asym_id_2    A 
_pdbx_validate_symm_contact.auth_comp_id_2    HOH 
_pdbx_validate_symm_contact.auth_seq_id_2     1777 
_pdbx_validate_symm_contact.PDB_ins_code_2    ? 
_pdbx_validate_symm_contact.label_alt_id_2    ? 
_pdbx_validate_symm_contact.site_symmetry_2   4_445 
_pdbx_validate_symm_contact.dist              2.18 
# 
loop_
_pdbx_struct_special_symmetry.id 
_pdbx_struct_special_symmetry.PDB_model_num 
_pdbx_struct_special_symmetry.auth_asym_id 
_pdbx_struct_special_symmetry.auth_comp_id 
_pdbx_struct_special_symmetry.auth_seq_id 
_pdbx_struct_special_symmetry.PDB_ins_code 
_pdbx_struct_special_symmetry.label_asym_id 
_pdbx_struct_special_symmetry.label_comp_id 
_pdbx_struct_special_symmetry.label_seq_id 
1 1 A HOH 1719 ? C HOH . 
2 1 A HOH 1785 ? C HOH . 
# 
_phasing.method   MR 
# 
loop_
_pdbx_unobs_or_zero_occ_residues.id 
_pdbx_unobs_or_zero_occ_residues.PDB_model_num 
_pdbx_unobs_or_zero_occ_residues.polymer_flag 
_pdbx_unobs_or_zero_occ_residues.occupancy_flag 
_pdbx_unobs_or_zero_occ_residues.auth_asym_id 
_pdbx_unobs_or_zero_occ_residues.auth_comp_id 
_pdbx_unobs_or_zero_occ_residues.auth_seq_id 
_pdbx_unobs_or_zero_occ_residues.PDB_ins_code 
_pdbx_unobs_or_zero_occ_residues.label_asym_id 
_pdbx_unobs_or_zero_occ_residues.label_comp_id 
_pdbx_unobs_or_zero_occ_residues.label_seq_id 
1  1 Y 1 A MET 1292 ? A MET 1   
2  1 Y 1 A HIS 1293 ? A HIS 2   
3  1 Y 1 A HIS 1294 ? A HIS 3   
4  1 Y 1 A HIS 1295 ? A HIS 4   
5  1 Y 1 A HIS 1296 ? A HIS 5   
6  1 Y 1 A HIS 1297 ? A HIS 6   
7  1 Y 1 A HIS 1298 ? A HIS 7   
8  1 Y 1 A SER 1299 ? A SER 8   
9  1 Y 1 A SER 1300 ? A SER 9   
10 1 Y 1 A GLY 1301 ? A GLY 10  
11 1 Y 1 A VAL 1302 ? A VAL 11  
12 1 Y 1 A ASP 1303 ? A ASP 12  
13 1 Y 1 A LEU 1304 ? A LEU 13  
14 1 Y 1 A GLY 1305 ? A GLY 14  
15 1 Y 1 A THR 1306 ? A THR 15  
16 1 Y 1 A GLU 1307 ? A GLU 16  
17 1 Y 1 A ASN 1308 ? A ASN 17  
18 1 Y 1 A LEU 1309 ? A LEU 18  
19 1 Y 1 A TYR 1310 ? A TYR 19  
20 1 Y 1 A PHE 1311 ? A PHE 20  
21 1 Y 1 A GLN 1312 ? A GLN 21  
22 1 Y 1 A SER 1313 ? A SER 22  
23 1 Y 1 A MET 1314 ? A MET 23  
24 1 Y 1 A SER 1315 ? A SER 24  
25 1 Y 1 A ASN 1435 ? A ASN 144 
26 1 Y 1 A THR 1436 ? A THR 145 
27 1 Y 1 A ILE 1437 ? A ILE 146 
28 1 Y 1 A THR 1438 ? A THR 147 
29 1 Y 1 A LYS 1439 ? A LYS 148 
30 1 Y 1 A ARG 1440 ? A ARG 149 
# 
loop_
_chem_comp_atom.comp_id 
_chem_comp_atom.atom_id 
_chem_comp_atom.type_symbol 
_chem_comp_atom.pdbx_aromatic_flag 
_chem_comp_atom.pdbx_stereo_config 
_chem_comp_atom.pdbx_ordinal 
ALA N    N N N 1   
ALA CA   C N S 2   
ALA C    C N N 3   
ALA O    O N N 4   
ALA CB   C N N 5   
ALA OXT  O N N 6   
ALA H    H N N 7   
ALA H2   H N N 8   
ALA HA   H N N 9   
ALA HB1  H N N 10  
ALA HB2  H N N 11  
ALA HB3  H N N 12  
ALA HXT  H N N 13  
ARG N    N N N 14  
ARG CA   C N S 15  
ARG C    C N N 16  
ARG O    O N N 17  
ARG CB   C N N 18  
ARG CG   C N N 19  
ARG CD   C N N 20  
ARG NE   N N N 21  
ARG CZ   C N N 22  
ARG NH1  N N N 23  
ARG NH2  N N N 24  
ARG OXT  O N N 25  
ARG H    H N N 26  
ARG H2   H N N 27  
ARG HA   H N N 28  
ARG HB2  H N N 29  
ARG HB3  H N N 30  
ARG HG2  H N N 31  
ARG HG3  H N N 32  
ARG HD2  H N N 33  
ARG HD3  H N N 34  
ARG HE   H N N 35  
ARG HH11 H N N 36  
ARG HH12 H N N 37  
ARG HH21 H N N 38  
ARG HH22 H N N 39  
ARG HXT  H N N 40  
ASN N    N N N 41  
ASN CA   C N S 42  
ASN C    C N N 43  
ASN O    O N N 44  
ASN CB   C N N 45  
ASN CG   C N N 46  
ASN OD1  O N N 47  
ASN ND2  N N N 48  
ASN OXT  O N N 49  
ASN H    H N N 50  
ASN H2   H N N 51  
ASN HA   H N N 52  
ASN HB2  H N N 53  
ASN HB3  H N N 54  
ASN HD21 H N N 55  
ASN HD22 H N N 56  
ASN HXT  H N N 57  
ASP N    N N N 58  
ASP CA   C N S 59  
ASP C    C N N 60  
ASP O    O N N 61  
ASP CB   C N N 62  
ASP CG   C N N 63  
ASP OD1  O N N 64  
ASP OD2  O N N 65  
ASP OXT  O N N 66  
ASP H    H N N 67  
ASP H2   H N N 68  
ASP HA   H N N 69  
ASP HB2  H N N 70  
ASP HB3  H N N 71  
ASP HD2  H N N 72  
ASP HXT  H N N 73  
CYS N    N N N 74  
CYS CA   C N R 75  
CYS C    C N N 76  
CYS O    O N N 77  
CYS CB   C N N 78  
CYS SG   S N N 79  
CYS OXT  O N N 80  
CYS H    H N N 81  
CYS H2   H N N 82  
CYS HA   H N N 83  
CYS HB2  H N N 84  
CYS HB3  H N N 85  
CYS HG   H N N 86  
CYS HXT  H N N 87  
GLN N    N N N 88  
GLN CA   C N S 89  
GLN C    C N N 90  
GLN O    O N N 91  
GLN CB   C N N 92  
GLN CG   C N N 93  
GLN CD   C N N 94  
GLN OE1  O N N 95  
GLN NE2  N N N 96  
GLN OXT  O N N 97  
GLN H    H N N 98  
GLN H2   H N N 99  
GLN HA   H N N 100 
GLN HB2  H N N 101 
GLN HB3  H N N 102 
GLN HG2  H N N 103 
GLN HG3  H N N 104 
GLN HE21 H N N 105 
GLN HE22 H N N 106 
GLN HXT  H N N 107 
GLU N    N N N 108 
GLU CA   C N S 109 
GLU C    C N N 110 
GLU O    O N N 111 
GLU CB   C N N 112 
GLU CG   C N N 113 
GLU CD   C N N 114 
GLU OE1  O N N 115 
GLU OE2  O N N 116 
GLU OXT  O N N 117 
GLU H    H N N 118 
GLU H2   H N N 119 
GLU HA   H N N 120 
GLU HB2  H N N 121 
GLU HB3  H N N 122 
GLU HG2  H N N 123 
GLU HG3  H N N 124 
GLU HE2  H N N 125 
GLU HXT  H N N 126 
GLY N    N N N 127 
GLY CA   C N N 128 
GLY C    C N N 129 
GLY O    O N N 130 
GLY OXT  O N N 131 
GLY H    H N N 132 
GLY H2   H N N 133 
GLY HA2  H N N 134 
GLY HA3  H N N 135 
GLY HXT  H N N 136 
HIS N    N N N 137 
HIS CA   C N S 138 
HIS C    C N N 139 
HIS O    O N N 140 
HIS CB   C N N 141 
HIS CG   C Y N 142 
HIS ND1  N Y N 143 
HIS CD2  C Y N 144 
HIS CE1  C Y N 145 
HIS NE2  N Y N 146 
HIS OXT  O N N 147 
HIS H    H N N 148 
HIS H2   H N N 149 
HIS HA   H N N 150 
HIS HB2  H N N 151 
HIS HB3  H N N 152 
HIS HD1  H N N 153 
HIS HD2  H N N 154 
HIS HE1  H N N 155 
HIS HE2  H N N 156 
HIS HXT  H N N 157 
HOH O    O N N 158 
HOH H1   H N N 159 
HOH H2   H N N 160 
ILE N    N N N 161 
ILE CA   C N S 162 
ILE C    C N N 163 
ILE O    O N N 164 
ILE CB   C N S 165 
ILE CG1  C N N 166 
ILE CG2  C N N 167 
ILE CD1  C N N 168 
ILE OXT  O N N 169 
ILE H    H N N 170 
ILE H2   H N N 171 
ILE HA   H N N 172 
ILE HB   H N N 173 
ILE HG12 H N N 174 
ILE HG13 H N N 175 
ILE HG21 H N N 176 
ILE HG22 H N N 177 
ILE HG23 H N N 178 
ILE HD11 H N N 179 
ILE HD12 H N N 180 
ILE HD13 H N N 181 
ILE HXT  H N N 182 
LEU N    N N N 183 
LEU CA   C N S 184 
LEU C    C N N 185 
LEU O    O N N 186 
LEU CB   C N N 187 
LEU CG   C N N 188 
LEU CD1  C N N 189 
LEU CD2  C N N 190 
LEU OXT  O N N 191 
LEU H    H N N 192 
LEU H2   H N N 193 
LEU HA   H N N 194 
LEU HB2  H N N 195 
LEU HB3  H N N 196 
LEU HG   H N N 197 
LEU HD11 H N N 198 
LEU HD12 H N N 199 
LEU HD13 H N N 200 
LEU HD21 H N N 201 
LEU HD22 H N N 202 
LEU HD23 H N N 203 
LEU HXT  H N N 204 
LYS N    N N N 205 
LYS CA   C N S 206 
LYS C    C N N 207 
LYS O    O N N 208 
LYS CB   C N N 209 
LYS CG   C N N 210 
LYS CD   C N N 211 
LYS CE   C N N 212 
LYS NZ   N N N 213 
LYS OXT  O N N 214 
LYS H    H N N 215 
LYS H2   H N N 216 
LYS HA   H N N 217 
LYS HB2  H N N 218 
LYS HB3  H N N 219 
LYS HG2  H N N 220 
LYS HG3  H N N 221 
LYS HD2  H N N 222 
LYS HD3  H N N 223 
LYS HE2  H N N 224 
LYS HE3  H N N 225 
LYS HZ1  H N N 226 
LYS HZ2  H N N 227 
LYS HZ3  H N N 228 
LYS HXT  H N N 229 
MET N    N N N 230 
MET CA   C N S 231 
MET C    C N N 232 
MET O    O N N 233 
MET CB   C N N 234 
MET CG   C N N 235 
MET SD   S N N 236 
MET CE   C N N 237 
MET OXT  O N N 238 
MET H    H N N 239 
MET H2   H N N 240 
MET HA   H N N 241 
MET HB2  H N N 242 
MET HB3  H N N 243 
MET HG2  H N N 244 
MET HG3  H N N 245 
MET HE1  H N N 246 
MET HE2  H N N 247 
MET HE3  H N N 248 
MET HXT  H N N 249 
PHE N    N N N 250 
PHE CA   C N S 251 
PHE C    C N N 252 
PHE O    O N N 253 
PHE CB   C N N 254 
PHE CG   C Y N 255 
PHE CD1  C Y N 256 
PHE CD2  C Y N 257 
PHE CE1  C Y N 258 
PHE CE2  C Y N 259 
PHE CZ   C Y N 260 
PHE OXT  O N N 261 
PHE H    H N N 262 
PHE H2   H N N 263 
PHE HA   H N N 264 
PHE HB2  H N N 265 
PHE HB3  H N N 266 
PHE HD1  H N N 267 
PHE HD2  H N N 268 
PHE HE1  H N N 269 
PHE HE2  H N N 270 
PHE HZ   H N N 271 
PHE HXT  H N N 272 
PRO N    N N N 273 
PRO CA   C N S 274 
PRO C    C N N 275 
PRO O    O N N 276 
PRO CB   C N N 277 
PRO CG   C N N 278 
PRO CD   C N N 279 
PRO OXT  O N N 280 
PRO H    H N N 281 
PRO HA   H N N 282 
PRO HB2  H N N 283 
PRO HB3  H N N 284 
PRO HG2  H N N 285 
PRO HG3  H N N 286 
PRO HD2  H N N 287 
PRO HD3  H N N 288 
PRO HXT  H N N 289 
SER N    N N N 290 
SER CA   C N S 291 
SER C    C N N 292 
SER O    O N N 293 
SER CB   C N N 294 
SER OG   O N N 295 
SER OXT  O N N 296 
SER H    H N N 297 
SER H2   H N N 298 
SER HA   H N N 299 
SER HB2  H N N 300 
SER HB3  H N N 301 
SER HG   H N N 302 
SER HXT  H N N 303 
THR N    N N N 304 
THR CA   C N S 305 
THR C    C N N 306 
THR O    O N N 307 
THR CB   C N R 308 
THR OG1  O N N 309 
THR CG2  C N N 310 
THR OXT  O N N 311 
THR H    H N N 312 
THR H2   H N N 313 
THR HA   H N N 314 
THR HB   H N N 315 
THR HG1  H N N 316 
THR HG21 H N N 317 
THR HG22 H N N 318 
THR HG23 H N N 319 
THR HXT  H N N 320 
TRP N    N N N 321 
TRP CA   C N S 322 
TRP C    C N N 323 
TRP O    O N N 324 
TRP CB   C N N 325 
TRP CG   C Y N 326 
TRP CD1  C Y N 327 
TRP CD2  C Y N 328 
TRP NE1  N Y N 329 
TRP CE2  C Y N 330 
TRP CE3  C Y N 331 
TRP CZ2  C Y N 332 
TRP CZ3  C Y N 333 
TRP CH2  C Y N 334 
TRP OXT  O N N 335 
TRP H    H N N 336 
TRP H2   H N N 337 
TRP HA   H N N 338 
TRP HB2  H N N 339 
TRP HB3  H N N 340 
TRP HD1  H N N 341 
TRP HE1  H N N 342 
TRP HE3  H N N 343 
TRP HZ2  H N N 344 
TRP HZ3  H N N 345 
TRP HH2  H N N 346 
TRP HXT  H N N 347 
TYR N    N N N 348 
TYR CA   C N S 349 
TYR C    C N N 350 
TYR O    O N N 351 
TYR CB   C N N 352 
TYR CG   C Y N 353 
TYR CD1  C Y N 354 
TYR CD2  C Y N 355 
TYR CE1  C Y N 356 
TYR CE2  C Y N 357 
TYR CZ   C Y N 358 
TYR OH   O N N 359 
TYR OXT  O N N 360 
TYR H    H N N 361 
TYR H2   H N N 362 
TYR HA   H N N 363 
TYR HB2  H N N 364 
TYR HB3  H N N 365 
TYR HD1  H N N 366 
TYR HD2  H N N 367 
TYR HE1  H N N 368 
TYR HE2  H N N 369 
TYR HH   H N N 370 
TYR HXT  H N N 371 
VAL N    N N N 372 
VAL CA   C N S 373 
VAL C    C N N 374 
VAL O    O N N 375 
VAL CB   C N N 376 
VAL CG1  C N N 377 
VAL CG2  C N N 378 
VAL OXT  O N N 379 
VAL H    H N N 380 
VAL H2   H N N 381 
VAL HA   H N N 382 
VAL HB   H N N 383 
VAL HG11 H N N 384 
VAL HG12 H N N 385 
VAL HG13 H N N 386 
VAL HG21 H N N 387 
VAL HG22 H N N 388 
VAL HG23 H N N 389 
VAL HXT  H N N 390 
Y44 N1   N N N 391 
Y44 N3   N N N 392 
Y44 C4   C Y N 393 
Y44 C5   C Y N 394 
Y44 C6   C Y N 395 
Y44 C7   C Y N 396 
Y44 C8   C N N 397 
Y44 C10  C N N 398 
Y44 C13  C Y N 399 
Y44 C15  C N N 400 
Y44 C1   C N N 401 
Y44 C11  C Y N 402 
Y44 C12  C Y N 403 
Y44 C14  C Y N 404 
Y44 C16  C N N 405 
Y44 C2   C N N 406 
Y44 C3   C Y N 407 
Y44 C9   C N N 408 
Y44 N2   N Y N 409 
Y44 N4   N N N 410 
Y44 O1   O N N 411 
Y44 O2   O N N 412 
Y44 S1   S Y N 413 
Y44 H1   H N N 414 
Y44 H4   H N N 415 
Y44 H5   H N N 416 
Y44 H6   H N N 417 
Y44 H7   H N N 418 
Y44 H9   H N N 419 
Y44 H8   H N N 420 
Y44 H13  H N N 421 
Y44 H16  H N N 422 
Y44 H15  H N N 423 
Y44 H12  H N N 424 
Y44 H14  H N N 425 
Y44 H18  H N N 426 
Y44 H17  H N N 427 
Y44 H2   H N N 428 
Y44 H3   H N N 429 
Y44 H11  H N N 430 
Y44 H10  H N N 431 
# 
loop_
_chem_comp_bond.comp_id 
_chem_comp_bond.atom_id_1 
_chem_comp_bond.atom_id_2 
_chem_comp_bond.value_order 
_chem_comp_bond.pdbx_aromatic_flag 
_chem_comp_bond.pdbx_stereo_config 
_chem_comp_bond.pdbx_ordinal 
ALA N   CA   sing N N 1   
ALA N   H    sing N N 2   
ALA N   H2   sing N N 3   
ALA CA  C    sing N N 4   
ALA CA  CB   sing N N 5   
ALA CA  HA   sing N N 6   
ALA C   O    doub N N 7   
ALA C   OXT  sing N N 8   
ALA CB  HB1  sing N N 9   
ALA CB  HB2  sing N N 10  
ALA CB  HB3  sing N N 11  
ALA OXT HXT  sing N N 12  
ARG N   CA   sing N N 13  
ARG N   H    sing N N 14  
ARG N   H2   sing N N 15  
ARG CA  C    sing N N 16  
ARG CA  CB   sing N N 17  
ARG CA  HA   sing N N 18  
ARG C   O    doub N N 19  
ARG C   OXT  sing N N 20  
ARG CB  CG   sing N N 21  
ARG CB  HB2  sing N N 22  
ARG CB  HB3  sing N N 23  
ARG CG  CD   sing N N 24  
ARG CG  HG2  sing N N 25  
ARG CG  HG3  sing N N 26  
ARG CD  NE   sing N N 27  
ARG CD  HD2  sing N N 28  
ARG CD  HD3  sing N N 29  
ARG NE  CZ   sing N N 30  
ARG NE  HE   sing N N 31  
ARG CZ  NH1  sing N N 32  
ARG CZ  NH2  doub N N 33  
ARG NH1 HH11 sing N N 34  
ARG NH1 HH12 sing N N 35  
ARG NH2 HH21 sing N N 36  
ARG NH2 HH22 sing N N 37  
ARG OXT HXT  sing N N 38  
ASN N   CA   sing N N 39  
ASN N   H    sing N N 40  
ASN N   H2   sing N N 41  
ASN CA  C    sing N N 42  
ASN CA  CB   sing N N 43  
ASN CA  HA   sing N N 44  
ASN C   O    doub N N 45  
ASN C   OXT  sing N N 46  
ASN CB  CG   sing N N 47  
ASN CB  HB2  sing N N 48  
ASN CB  HB3  sing N N 49  
ASN CG  OD1  doub N N 50  
ASN CG  ND2  sing N N 51  
ASN ND2 HD21 sing N N 52  
ASN ND2 HD22 sing N N 53  
ASN OXT HXT  sing N N 54  
ASP N   CA   sing N N 55  
ASP N   H    sing N N 56  
ASP N   H2   sing N N 57  
ASP CA  C    sing N N 58  
ASP CA  CB   sing N N 59  
ASP CA  HA   sing N N 60  
ASP C   O    doub N N 61  
ASP C   OXT  sing N N 62  
ASP CB  CG   sing N N 63  
ASP CB  HB2  sing N N 64  
ASP CB  HB3  sing N N 65  
ASP CG  OD1  doub N N 66  
ASP CG  OD2  sing N N 67  
ASP OD2 HD2  sing N N 68  
ASP OXT HXT  sing N N 69  
CYS N   CA   sing N N 70  
CYS N   H    sing N N 71  
CYS N   H2   sing N N 72  
CYS CA  C    sing N N 73  
CYS CA  CB   sing N N 74  
CYS CA  HA   sing N N 75  
CYS C   O    doub N N 76  
CYS C   OXT  sing N N 77  
CYS CB  SG   sing N N 78  
CYS CB  HB2  sing N N 79  
CYS CB  HB3  sing N N 80  
CYS SG  HG   sing N N 81  
CYS OXT HXT  sing N N 82  
GLN N   CA   sing N N 83  
GLN N   H    sing N N 84  
GLN N   H2   sing N N 85  
GLN CA  C    sing N N 86  
GLN CA  CB   sing N N 87  
GLN CA  HA   sing N N 88  
GLN C   O    doub N N 89  
GLN C   OXT  sing N N 90  
GLN CB  CG   sing N N 91  
GLN CB  HB2  sing N N 92  
GLN CB  HB3  sing N N 93  
GLN CG  CD   sing N N 94  
GLN CG  HG2  sing N N 95  
GLN CG  HG3  sing N N 96  
GLN CD  OE1  doub N N 97  
GLN CD  NE2  sing N N 98  
GLN NE2 HE21 sing N N 99  
GLN NE2 HE22 sing N N 100 
GLN OXT HXT  sing N N 101 
GLU N   CA   sing N N 102 
GLU N   H    sing N N 103 
GLU N   H2   sing N N 104 
GLU CA  C    sing N N 105 
GLU CA  CB   sing N N 106 
GLU CA  HA   sing N N 107 
GLU C   O    doub N N 108 
GLU C   OXT  sing N N 109 
GLU CB  CG   sing N N 110 
GLU CB  HB2  sing N N 111 
GLU CB  HB3  sing N N 112 
GLU CG  CD   sing N N 113 
GLU CG  HG2  sing N N 114 
GLU CG  HG3  sing N N 115 
GLU CD  OE1  doub N N 116 
GLU CD  OE2  sing N N 117 
GLU OE2 HE2  sing N N 118 
GLU OXT HXT  sing N N 119 
GLY N   CA   sing N N 120 
GLY N   H    sing N N 121 
GLY N   H2   sing N N 122 
GLY CA  C    sing N N 123 
GLY CA  HA2  sing N N 124 
GLY CA  HA3  sing N N 125 
GLY C   O    doub N N 126 
GLY C   OXT  sing N N 127 
GLY OXT HXT  sing N N 128 
HIS N   CA   sing N N 129 
HIS N   H    sing N N 130 
HIS N   H2   sing N N 131 
HIS CA  C    sing N N 132 
HIS CA  CB   sing N N 133 
HIS CA  HA   sing N N 134 
HIS C   O    doub N N 135 
HIS C   OXT  sing N N 136 
HIS CB  CG   sing N N 137 
HIS CB  HB2  sing N N 138 
HIS CB  HB3  sing N N 139 
HIS CG  ND1  sing Y N 140 
HIS CG  CD2  doub Y N 141 
HIS ND1 CE1  doub Y N 142 
HIS ND1 HD1  sing N N 143 
HIS CD2 NE2  sing Y N 144 
HIS CD2 HD2  sing N N 145 
HIS CE1 NE2  sing Y N 146 
HIS CE1 HE1  sing N N 147 
HIS NE2 HE2  sing N N 148 
HIS OXT HXT  sing N N 149 
HOH O   H1   sing N N 150 
HOH O   H2   sing N N 151 
ILE N   CA   sing N N 152 
ILE N   H    sing N N 153 
ILE N   H2   sing N N 154 
ILE CA  C    sing N N 155 
ILE CA  CB   sing N N 156 
ILE CA  HA   sing N N 157 
ILE C   O    doub N N 158 
ILE C   OXT  sing N N 159 
ILE CB  CG1  sing N N 160 
ILE CB  CG2  sing N N 161 
ILE CB  HB   sing N N 162 
ILE CG1 CD1  sing N N 163 
ILE CG1 HG12 sing N N 164 
ILE CG1 HG13 sing N N 165 
ILE CG2 HG21 sing N N 166 
ILE CG2 HG22 sing N N 167 
ILE CG2 HG23 sing N N 168 
ILE CD1 HD11 sing N N 169 
ILE CD1 HD12 sing N N 170 
ILE CD1 HD13 sing N N 171 
ILE OXT HXT  sing N N 172 
LEU N   CA   sing N N 173 
LEU N   H    sing N N 174 
LEU N   H2   sing N N 175 
LEU CA  C    sing N N 176 
LEU CA  CB   sing N N 177 
LEU CA  HA   sing N N 178 
LEU C   O    doub N N 179 
LEU C   OXT  sing N N 180 
LEU CB  CG   sing N N 181 
LEU CB  HB2  sing N N 182 
LEU CB  HB3  sing N N 183 
LEU CG  CD1  sing N N 184 
LEU CG  CD2  sing N N 185 
LEU CG  HG   sing N N 186 
LEU CD1 HD11 sing N N 187 
LEU CD1 HD12 sing N N 188 
LEU CD1 HD13 sing N N 189 
LEU CD2 HD21 sing N N 190 
LEU CD2 HD22 sing N N 191 
LEU CD2 HD23 sing N N 192 
LEU OXT HXT  sing N N 193 
LYS N   CA   sing N N 194 
LYS N   H    sing N N 195 
LYS N   H2   sing N N 196 
LYS CA  C    sing N N 197 
LYS CA  CB   sing N N 198 
LYS CA  HA   sing N N 199 
LYS C   O    doub N N 200 
LYS C   OXT  sing N N 201 
LYS CB  CG   sing N N 202 
LYS CB  HB2  sing N N 203 
LYS CB  HB3  sing N N 204 
LYS CG  CD   sing N N 205 
LYS CG  HG2  sing N N 206 
LYS CG  HG3  sing N N 207 
LYS CD  CE   sing N N 208 
LYS CD  HD2  sing N N 209 
LYS CD  HD3  sing N N 210 
LYS CE  NZ   sing N N 211 
LYS CE  HE2  sing N N 212 
LYS CE  HE3  sing N N 213 
LYS NZ  HZ1  sing N N 214 
LYS NZ  HZ2  sing N N 215 
LYS NZ  HZ3  sing N N 216 
LYS OXT HXT  sing N N 217 
MET N   CA   sing N N 218 
MET N   H    sing N N 219 
MET N   H2   sing N N 220 
MET CA  C    sing N N 221 
MET CA  CB   sing N N 222 
MET CA  HA   sing N N 223 
MET C   O    doub N N 224 
MET C   OXT  sing N N 225 
MET CB  CG   sing N N 226 
MET CB  HB2  sing N N 227 
MET CB  HB3  sing N N 228 
MET CG  SD   sing N N 229 
MET CG  HG2  sing N N 230 
MET CG  HG3  sing N N 231 
MET SD  CE   sing N N 232 
MET CE  HE1  sing N N 233 
MET CE  HE2  sing N N 234 
MET CE  HE3  sing N N 235 
MET OXT HXT  sing N N 236 
PHE N   CA   sing N N 237 
PHE N   H    sing N N 238 
PHE N   H2   sing N N 239 
PHE CA  C    sing N N 240 
PHE CA  CB   sing N N 241 
PHE CA  HA   sing N N 242 
PHE C   O    doub N N 243 
PHE C   OXT  sing N N 244 
PHE CB  CG   sing N N 245 
PHE CB  HB2  sing N N 246 
PHE CB  HB3  sing N N 247 
PHE CG  CD1  doub Y N 248 
PHE CG  CD2  sing Y N 249 
PHE CD1 CE1  sing Y N 250 
PHE CD1 HD1  sing N N 251 
PHE CD2 CE2  doub Y N 252 
PHE CD2 HD2  sing N N 253 
PHE CE1 CZ   doub Y N 254 
PHE CE1 HE1  sing N N 255 
PHE CE2 CZ   sing Y N 256 
PHE CE2 HE2  sing N N 257 
PHE CZ  HZ   sing N N 258 
PHE OXT HXT  sing N N 259 
PRO N   CA   sing N N 260 
PRO N   CD   sing N N 261 
PRO N   H    sing N N 262 
PRO CA  C    sing N N 263 
PRO CA  CB   sing N N 264 
PRO CA  HA   sing N N 265 
PRO C   O    doub N N 266 
PRO C   OXT  sing N N 267 
PRO CB  CG   sing N N 268 
PRO CB  HB2  sing N N 269 
PRO CB  HB3  sing N N 270 
PRO CG  CD   sing N N 271 
PRO CG  HG2  sing N N 272 
PRO CG  HG3  sing N N 273 
PRO CD  HD2  sing N N 274 
PRO CD  HD3  sing N N 275 
PRO OXT HXT  sing N N 276 
SER N   CA   sing N N 277 
SER N   H    sing N N 278 
SER N   H2   sing N N 279 
SER CA  C    sing N N 280 
SER CA  CB   sing N N 281 
SER CA  HA   sing N N 282 
SER C   O    doub N N 283 
SER C   OXT  sing N N 284 
SER CB  OG   sing N N 285 
SER CB  HB2  sing N N 286 
SER CB  HB3  sing N N 287 
SER OG  HG   sing N N 288 
SER OXT HXT  sing N N 289 
THR N   CA   sing N N 290 
THR N   H    sing N N 291 
THR N   H2   sing N N 292 
THR CA  C    sing N N 293 
THR CA  CB   sing N N 294 
THR CA  HA   sing N N 295 
THR C   O    doub N N 296 
THR C   OXT  sing N N 297 
THR CB  OG1  sing N N 298 
THR CB  CG2  sing N N 299 
THR CB  HB   sing N N 300 
THR OG1 HG1  sing N N 301 
THR CG2 HG21 sing N N 302 
THR CG2 HG22 sing N N 303 
THR CG2 HG23 sing N N 304 
THR OXT HXT  sing N N 305 
TRP N   CA   sing N N 306 
TRP N   H    sing N N 307 
TRP N   H2   sing N N 308 
TRP CA  C    sing N N 309 
TRP CA  CB   sing N N 310 
TRP CA  HA   sing N N 311 
TRP C   O    doub N N 312 
TRP C   OXT  sing N N 313 
TRP CB  CG   sing N N 314 
TRP CB  HB2  sing N N 315 
TRP CB  HB3  sing N N 316 
TRP CG  CD1  doub Y N 317 
TRP CG  CD2  sing Y N 318 
TRP CD1 NE1  sing Y N 319 
TRP CD1 HD1  sing N N 320 
TRP CD2 CE2  doub Y N 321 
TRP CD2 CE3  sing Y N 322 
TRP NE1 CE2  sing Y N 323 
TRP NE1 HE1  sing N N 324 
TRP CE2 CZ2  sing Y N 325 
TRP CE3 CZ3  doub Y N 326 
TRP CE3 HE3  sing N N 327 
TRP CZ2 CH2  doub Y N 328 
TRP CZ2 HZ2  sing N N 329 
TRP CZ3 CH2  sing Y N 330 
TRP CZ3 HZ3  sing N N 331 
TRP CH2 HH2  sing N N 332 
TRP OXT HXT  sing N N 333 
TYR N   CA   sing N N 334 
TYR N   H    sing N N 335 
TYR N   H2   sing N N 336 
TYR CA  C    sing N N 337 
TYR CA  CB   sing N N 338 
TYR CA  HA   sing N N 339 
TYR C   O    doub N N 340 
TYR C   OXT  sing N N 341 
TYR CB  CG   sing N N 342 
TYR CB  HB2  sing N N 343 
TYR CB  HB3  sing N N 344 
TYR CG  CD1  doub Y N 345 
TYR CG  CD2  sing Y N 346 
TYR CD1 CE1  sing Y N 347 
TYR CD1 HD1  sing N N 348 
TYR CD2 CE2  doub Y N 349 
TYR CD2 HD2  sing N N 350 
TYR CE1 CZ   doub Y N 351 
TYR CE1 HE1  sing N N 352 
TYR CE2 CZ   sing Y N 353 
TYR CE2 HE2  sing N N 354 
TYR CZ  OH   sing N N 355 
TYR OH  HH   sing N N 356 
TYR OXT HXT  sing N N 357 
VAL N   CA   sing N N 358 
VAL N   H    sing N N 359 
VAL N   H2   sing N N 360 
VAL CA  C    sing N N 361 
VAL CA  CB   sing N N 362 
VAL CA  HA   sing N N 363 
VAL C   O    doub N N 364 
VAL C   OXT  sing N N 365 
VAL CB  CG1  sing N N 366 
VAL CB  CG2  sing N N 367 
VAL CB  HB   sing N N 368 
VAL CG1 HG11 sing N N 369 
VAL CG1 HG12 sing N N 370 
VAL CG1 HG13 sing N N 371 
VAL CG2 HG21 sing N N 372 
VAL CG2 HG22 sing N N 373 
VAL CG2 HG23 sing N N 374 
VAL OXT HXT  sing N N 375 
Y44 O1  C1   doub N N 376 
Y44 C1  N1   sing N N 377 
Y44 N1  C2   sing N N 378 
Y44 C2  C3   sing N N 379 
Y44 C3  C4   doub Y N 380 
Y44 C4  C5   sing Y N 381 
Y44 C5  C6   doub Y N 382 
Y44 C6  N2   sing Y N 383 
Y44 N2  C7   doub Y N 384 
Y44 C1  N3   sing N N 385 
Y44 N3  C8   sing N N 386 
Y44 C8  C9   sing N N 387 
Y44 C9  N4   sing N N 388 
Y44 N4  C10  sing N N 389 
Y44 C10 O2   doub N N 390 
Y44 C10 C11  sing N N 391 
Y44 C11 C12  doub Y N 392 
Y44 C12 C13  sing Y N 393 
Y44 C13 C14  doub Y N 394 
Y44 C14 S1   sing Y N 395 
Y44 N4  C15  sing N N 396 
Y44 C15 C16  sing N N 397 
Y44 C3  C7   sing Y N 398 
Y44 N3  C16  sing N N 399 
Y44 C11 S1   sing Y N 400 
Y44 N1  H1   sing N N 401 
Y44 C4  H4   sing N N 402 
Y44 C5  H5   sing N N 403 
Y44 C6  H6   sing N N 404 
Y44 C7  H7   sing N N 405 
Y44 C8  H9   sing N N 406 
Y44 C8  H8   sing N N 407 
Y44 C13 H13  sing N N 408 
Y44 C15 H16  sing N N 409 
Y44 C15 H15  sing N N 410 
Y44 C12 H12  sing N N 411 
Y44 C14 H14  sing N N 412 
Y44 C16 H18  sing N N 413 
Y44 C16 H17  sing N N 414 
Y44 C2  H2   sing N N 415 
Y44 C2  H3   sing N N 416 
Y44 C9  H11  sing N N 417 
Y44 C9  H10  sing N N 418 
# 
_pdbx_deposit_group.group_id            G_1002190 
_pdbx_deposit_group.group_description   
;XDomainX of XOrganismX PHIP screened against crude reaction mixtures by X-ray Crystallography at the XChem facility of Diamond Light Source beamline I04-1
;
_pdbx_deposit_group.group_title         'PanDDA analysis group deposition' 
_pdbx_deposit_group.group_type          'changed state' 
# 
_atom_sites.entry_id                    5S9D 
_atom_sites.fract_transf_matrix[1][1]   0.00731809 
_atom_sites.fract_transf_matrix[1][2]   -0.00891510 
_atom_sites.fract_transf_matrix[1][3]   -0.00481775 
_atom_sites.fract_transf_matrix[2][1]   -0.02655029 
_atom_sites.fract_transf_matrix[2][2]   -0.00882015 
_atom_sites.fract_transf_matrix[2][3]   -0.02400810 
_atom_sites.fract_transf_matrix[3][1]   0.00856991 
_atom_sites.fract_transf_matrix[3][2]   0.00955138 
_atom_sites.fract_transf_matrix[3][3]   -0.01298637 
_atom_sites.fract_transf_vector[1]      -0.146297 
_atom_sites.fract_transf_vector[2]      0.453912 
_atom_sites.fract_transf_vector[3]      0.230008 
# 
loop_
_atom_type.symbol 
C 
N 
O 
S 
# 
loop_
_atom_site.group_PDB 
_atom_site.id 
_atom_site.type_symbol 
_atom_site.label_atom_id 
_atom_site.label_alt_id 
_atom_site.label_comp_id 
_atom_site.label_asym_id 
_atom_site.label_entity_id 
_atom_site.label_seq_id 
_atom_site.pdbx_PDB_ins_code 
_atom_site.Cartn_x 
_atom_site.Cartn_y 
_atom_site.Cartn_z 
_atom_site.occupancy 
_atom_site.B_iso_or_equiv 
_atom_site.pdbx_formal_charge 
_atom_site.auth_seq_id 
_atom_site.auth_comp_id 
_atom_site.auth_asym_id 
_atom_site.auth_atom_id 
_atom_site.pdbx_PDB_model_num 
ATOM   1    N N   . TYR A 1 25  ? -7.655  -17.010 15.010  1.00 23.94 ? 1316 TYR A N   1 
ATOM   2    C CA  . TYR A 1 25  ? -6.245  -17.249 15.322  1.00 20.28 ? 1316 TYR A CA  1 
ATOM   3    C C   . TYR A 1 25  ? -5.565  -17.895 14.108  1.00 16.18 ? 1316 TYR A C   1 
ATOM   4    O O   . TYR A 1 25  ? -4.550  -18.565 14.254  1.00 16.63 ? 1316 TYR A O   1 
ATOM   5    C CB  . TYR A 1 25  ? -6.051  -18.077 16.577  1.00 25.21 ? 1316 TYR A CB  1 
ATOM   6    C CG  . TYR A 1 25  ? -6.638  -17.499 17.838  1.00 23.93 ? 1316 TYR A CG  1 
ATOM   7    C CD1 . TYR A 1 25  ? -6.337  -16.205 18.269  1.00 22.94 ? 1316 TYR A CD1 1 
ATOM   8    C CD2 . TYR A 1 25  ? -7.425  -18.298 18.638  1.00 25.19 ? 1316 TYR A CD2 1 
ATOM   9    C CE1 . TYR A 1 25  ? -6.875  -15.694 19.440  1.00 23.01 ? 1316 TYR A CE1 1 
ATOM   10   C CE2 . TYR A 1 25  ? -7.954  -17.809 19.822  1.00 25.49 ? 1316 TYR A CE2 1 
ATOM   11   C CZ  . TYR A 1 25  ? -7.653  -16.521 20.233  1.00 25.57 ? 1316 TYR A CZ  1 
ATOM   12   O OH  . TYR A 1 25  ? -8.153  -16.035 21.419  1.00 24.94 ? 1316 TYR A OH  1 
ATOM   13   N N   . ASP A 1 26  ? -6.109  -17.646 12.923  1.00 14.65 ? 1317 ASP A N   1 
ATOM   14   C CA  . ASP A 1 26  ? -5.522  -18.141 11.647  1.00 14.72 ? 1317 ASP A CA  1 
ATOM   15   C C   . ASP A 1 26  ? -4.373  -17.234 11.255  1.00 14.72 ? 1317 ASP A C   1 
ATOM   16   O O   . ASP A 1 26  ? -4.590  -16.083 10.842  1.00 15.51 ? 1317 ASP A O   1 
ATOM   17   C CB  . ASP A 1 26  ? -6.589  -18.214 10.582  1.00 15.42 ? 1317 ASP A CB  1 
ATOM   18   C CG  . ASP A 1 26  ? -6.136  -18.741 9.240   1.00 14.78 ? 1317 ASP A CG  1 
ATOM   19   O OD1 . ASP A 1 26  ? -4.922  -18.770 8.980   1.00 15.84 ? 1317 ASP A OD1 1 
ATOM   20   O OD2 . ASP A 1 26  ? -7.024  -19.217 8.479   1.00 19.21 ? 1317 ASP A OD2 1 
ATOM   21   N N   . ILE A 1 27  ? -3.152  -17.718 11.367  0.50 14.51 ? 1318 ILE A N   1 
ATOM   22   C CA  . ILE A 1 27  ? -1.990  -16.831 11.109  0.50 15.10 ? 1318 ILE A CA  1 
ATOM   23   C C   . ILE A 1 27  ? -1.806  -16.629 9.605   0.50 14.45 ? 1318 ILE A C   1 
ATOM   24   O O   . ILE A 1 27  ? -1.127  -15.661 9.270   0.50 14.88 ? 1318 ILE A O   1 
ATOM   25   C CB  . ILE A 1 27  ? -0.729  -17.330 11.825  0.50 16.64 ? 1318 ILE A CB  1 
ATOM   26   C CG1 . ILE A 1 27  ? -0.337  -18.745 11.415  0.50 18.30 ? 1318 ILE A CG1 1 
ATOM   27   C CG2 . ILE A 1 27  ? -0.924  -17.220 13.326  0.50 17.90 ? 1318 ILE A CG2 1 
ATOM   28   C CD1 . ILE A 1 27  ? 0.753   -19.291 12.272  0.50 18.21 ? 1318 ILE A CD1 1 
ATOM   29   N N   . GLN A 1 28  ? -2.472  -17.413 8.749   1.00 12.82 ? 1319 GLN A N   1 
ATOM   30   C CA  . GLN A 1 28  ? -2.330  -17.211 7.283   1.00 13.91 ? 1319 GLN A CA  1 
ATOM   31   C C   . GLN A 1 28  ? -3.417  -16.312 6.718   1.00 14.68 ? 1319 GLN A C   1 
ATOM   32   O O   . GLN A 1 28  ? -3.331  -15.939 5.532   1.00 14.88 ? 1319 GLN A O   1 
ATOM   33   C CB  . GLN A 1 28  ? -2.338  -18.545 6.540   1.00 14.62 ? 1319 GLN A CB  1 
ATOM   34   C CG  . GLN A 1 28  ? -1.012  -19.275 6.643   1.00 15.85 ? 1319 GLN A CG  1 
ATOM   35   C CD  . GLN A 1 28  ? -0.891  -20.247 7.810   1.00 14.08 ? 1319 GLN A CD  1 
ATOM   36   O OE1 . GLN A 1 28  ? -1.796  -21.079 7.966   1.00 15.61 ? 1319 GLN A OE1 1 
ATOM   37   N NE2 . GLN A 1 28  ? 0.184   -20.205 8.536   1.00 15.25 ? 1319 GLN A NE2 1 
ATOM   38   N N   . ALA A 1 29  ? -4.480  -15.980 7.486   1.00 15.80 ? 1320 ALA A N   1 
ATOM   39   C CA  . ALA A 1 29  ? -5.695  -15.359 6.929   1.00 14.40 ? 1320 ALA A CA  1 
ATOM   40   C C   . ALA A 1 29  ? -5.373  -13.967 6.331   1.00 13.52 ? 1320 ALA A C   1 
ATOM   41   O O   . ALA A 1 29  ? -6.111  -13.545 5.447   1.00 14.92 ? 1320 ALA A O   1 
ATOM   42   C CB  . ALA A 1 29  ? -6.748  -15.245 8.019   1.00 15.32 ? 1320 ALA A CB  1 
ATOM   43   N N   . TRP A 1 30  ? -4.335  -13.309 6.816   1.00 13.01 ? 1321 TRP A N   1 
ATOM   44   C CA  . TRP A 1 30  ? -4.004  -11.945 6.358   1.00 13.46 ? 1321 TRP A CA  1 
ATOM   45   C C   . TRP A 1 30  ? -3.824  -11.939 4.845   1.00 14.54 ? 1321 TRP A C   1 
ATOM   46   O O   . TRP A 1 30  ? -4.096  -10.919 4.249   1.00 13.26 ? 1321 TRP A O   1 
ATOM   47   C CB  . TRP A 1 30  ? -2.765  -11.421 7.054   1.00 13.76 ? 1321 TRP A CB  1 
ATOM   48   C CG  . TRP A 1 30  ? -1.560  -12.230 6.706   1.00 13.49 ? 1321 TRP A CG  1 
ATOM   49   C CD1 . TRP A 1 30  ? -1.159  -13.367 7.312   1.00 14.75 ? 1321 TRP A CD1 1 
ATOM   50   C CD2 . TRP A 1 30  ? -0.627  -11.994 5.633   1.00 13.96 ? 1321 TRP A CD2 1 
ATOM   51   N NE1 . TRP A 1 30  ? -0.057  -13.877 6.679   1.00 15.37 ? 1321 TRP A NE1 1 
ATOM   52   C CE2 . TRP A 1 30  ? 0.319   -13.021 5.700   1.00 14.55 ? 1321 TRP A CE2 1 
ATOM   53   C CE3 . TRP A 1 30  ? -0.425  -10.971 4.714   1.00 14.75 ? 1321 TRP A CE3 1 
ATOM   54   C CZ2 . TRP A 1 30  ? 1.399   -13.110 4.838   1.00 15.82 ? 1321 TRP A CZ2 1 
ATOM   55   C CZ3 . TRP A 1 30  ? 0.654   -11.053 3.862   1.00 14.48 ? 1321 TRP A CZ3 1 
ATOM   56   C CH2 . TRP A 1 30  ? 1.528   -12.121 3.915   1.00 15.96 ? 1321 TRP A CH2 1 
ATOM   57   N N   . LYS A 1 31  ? -3.369  -13.035 4.227   1.00 13.53 ? 1322 LYS A N   1 
ATOM   58   C CA  . LYS A 1 31  ? -2.952  -12.933 2.817   1.00 13.65 ? 1322 LYS A CA  1 
ATOM   59   C C   . LYS A 1 31  ? -4.177  -12.726 1.921   1.00 14.11 ? 1322 LYS A C   1 
ATOM   60   O O   . LYS A 1 31  ? -4.227  -11.789 1.102   1.00 15.17 ? 1322 LYS A O   1 
ATOM   61   C CB  . LYS A 1 31  ? -2.133  -14.160 2.451   1.00 13.81 ? 1322 LYS A CB  1 
ATOM   62   C CG  . LYS A 1 31  ? -1.680  -14.141 1.001   1.00 13.82 ? 1322 LYS A CG  1 
ATOM   63   C CD  . LYS A 1 31  ? -0.708  -15.224 0.737   1.00 14.88 ? 1322 LYS A CD  1 
ATOM   64   C CE  . LYS A 1 31  ? -0.192  -15.215 -0.696  1.00 15.68 ? 1322 LYS A CE  1 
ATOM   65   N NZ  . LYS A 1 31  ? 0.782   -16.319 -0.847  1.00 15.97 ? 1322 LYS A NZ  1 
ATOM   66   N N   . LYS A 1 32  ? -5.210  -13.531 2.086   1.00 15.73 ? 1323 LYS A N   1 
ATOM   67   C CA  . LYS A 1 32  ? -6.439  -13.335 1.313   1.00 15.31 ? 1323 LYS A CA  1 
ATOM   68   C C   . LYS A 1 32  ? -7.081  -11.999 1.701   1.00 14.14 ? 1323 LYS A C   1 
ATOM   69   O O   . LYS A 1 32  ? -7.639  -11.368 0.848   1.00 16.33 ? 1323 LYS A O   1 
ATOM   70   C CB  . LYS A 1 32  ? -7.360  -14.518 1.581   1.00 18.06 ? 1323 LYS A CB  1 
ATOM   71   C CG  . LYS A 1 32  ? -8.591  -14.540 0.717   1.00 23.75 ? 1323 LYS A CG  1 
ATOM   72   C CD  . LYS A 1 32  ? -9.421  -15.812 0.912   1.00 28.89 ? 1323 LYS A CD  1 
ATOM   73   N N   . GLN A 1 33  ? -7.045  -11.642 2.972   1.00 14.26 ? 1324 GLN A N   1 
ATOM   74   C CA  . GLN A 1 33  ? -7.626  -10.342 3.395   1.00 15.05 ? 1324 GLN A CA  1 
ATOM   75   C C   . GLN A 1 33  ? -6.891  -9.226  2.634   1.00 15.55 ? 1324 GLN A C   1 
ATOM   76   O O   . GLN A 1 33  ? -7.547  -8.314  2.145   1.00 15.35 ? 1324 GLN A O   1 
ATOM   77   C CB  . GLN A 1 33  ? -7.496  -10.173 4.893   1.00 15.83 ? 1324 GLN A CB  1 
ATOM   78   C CG  . GLN A 1 33  ? -8.433  -11.077 5.664   1.00 14.75 ? 1324 GLN A CG  1 
ATOM   79   C CD  . GLN A 1 33  ? -8.006  -11.255 7.088   1.00 15.96 ? 1324 GLN A CD  1 
ATOM   80   O OE1 . GLN A 1 33  ? -7.057  -10.676 7.596   1.00 17.91 ? 1324 GLN A OE1 1 
ATOM   81   N NE2 . GLN A 1 33  ? -8.722  -12.119 7.797   1.00 17.11 ? 1324 GLN A NE2 1 
ATOM   82   N N   . CYS A 1 34  ? -5.567  -9.311  2.507   1.00 14.51 ? 1325 CYS A N   1 
ATOM   83   C CA  . CYS A 1 34  ? -4.816  -8.309  1.737   1.00 12.72 ? 1325 CYS A CA  1 
ATOM   84   C C   . CYS A 1 34  ? -5.140  -8.381  0.249   1.00 13.83 ? 1325 CYS A C   1 
ATOM   85   O O   . CYS A 1 34  ? -5.251  -7.327  -0.401  1.00 13.43 ? 1325 CYS A O   1 
ATOM   86   C CB  . CYS A 1 34  ? -3.335  -8.416  1.991   1.00 13.61 ? 1325 CYS A CB  1 
ATOM   87   S SG  . CYS A 1 34  ? -2.842  -7.870  3.633   1.00 14.57 ? 1325 CYS A SG  1 
ATOM   88   N N   . GLU A 1 35  ? -5.320  -9.561  -0.301  1.00 13.85 ? 1326 GLU A N   1 
ATOM   89   C CA  . GLU A 1 35  ? -5.718  -9.682  -1.712  1.00 15.00 ? 1326 GLU A CA  1 
ATOM   90   C C   . GLU A 1 35  ? -7.043  -8.960  -1.936  1.00 15.19 ? 1326 GLU A C   1 
ATOM   91   O O   . GLU A 1 35  ? -7.159  -8.235  -2.929  1.00 16.69 ? 1326 GLU A O   1 
ATOM   92   C CB  . GLU A 1 35  ? -5.860  -11.143 -2.133  1.00 16.67 ? 1326 GLU A CB  1 
ATOM   93   C CG  . GLU A 1 35  ? -4.580  -11.917 -2.127  1.00 20.19 ? 1326 GLU A CG  1 
ATOM   94   C CD  . GLU A 1 35  ? -4.726  -13.421 -2.278  1.00 23.28 ? 1326 GLU A CD  1 
ATOM   95   O OE1 . GLU A 1 35  ? -5.863  -13.932 -2.260  1.00 28.45 ? 1326 GLU A OE1 1 
ATOM   96   O OE2 . GLU A 1 35  ? -3.676  -14.080 -2.381  1.00 27.59 ? 1326 GLU A OE2 1 
ATOM   97   N N   . GLU A 1 36  ? -8.007  -9.179  -1.059  1.00 16.57 ? 1327 GLU A N   1 
ATOM   98   C CA  . GLU A 1 36  ? -9.347  -8.588  -1.202  1.00 17.56 ? 1327 GLU A CA  1 
ATOM   99   C C   . GLU A 1 36  ? -9.226  -7.078  -1.055  1.00 16.60 ? 1327 GLU A C   1 
ATOM   100  O O   . GLU A 1 36  ? -9.869  -6.373  -1.833  1.00 16.80 ? 1327 GLU A O   1 
ATOM   101  C CB  . GLU A 1 36  ? -10.291 -9.236  -0.184  1.00 21.94 ? 1327 GLU A CB  1 
ATOM   102  C CG  . GLU A 1 36  ? -10.485 -10.725 -0.462  1.00 31.67 ? 1327 GLU A CG  1 
ATOM   103  C CD  . GLU A 1 36  ? -11.003 -11.109 -1.841  1.00 40.33 ? 1327 GLU A CD  1 
ATOM   104  O OE1 . GLU A 1 36  ? -11.899 -10.407 -2.362  1.00 49.96 ? 1327 GLU A OE1 1 
ATOM   105  O OE2 . GLU A 1 36  ? -10.517 -12.111 -2.402  1.00 50.13 ? 1327 GLU A OE2 1 
ATOM   106  N N   . LEU A 1 37  ? -8.432  -6.595  -0.101  1.00 15.87 ? 1328 LEU A N   1 
ATOM   107  C CA  . LEU A 1 37  ? -8.267  -5.134  0.058   1.00 14.73 ? 1328 LEU A CA  1 
ATOM   108  C C   . LEU A 1 37  ? -7.581  -4.550  -1.179  1.00 14.33 ? 1328 LEU A C   1 
ATOM   109  O O   . LEU A 1 37  ? -7.991  -3.462  -1.631  1.00 15.55 ? 1328 LEU A O   1 
ATOM   110  C CB  . LEU A 1 37  ? -7.500  -4.847  1.326   1.00 15.24 ? 1328 LEU A CB  1 
ATOM   111  C CG  . LEU A 1 37  ? -7.182  -3.386  1.599   1.00 15.49 ? 1328 LEU A CG  1 
ATOM   112  C CD1 . LEU A 1 37  ? -8.430  -2.497  1.552   1.00 17.00 ? 1328 LEU A CD1 1 
ATOM   113  C CD2 . LEU A 1 37  ? -6.544  -3.249  2.924   1.00 16.83 ? 1328 LEU A CD2 1 
ATOM   114  N N   . LEU A 1 38  ? -6.607  -5.223  -1.756  1.00 14.82 ? 1329 LEU A N   1 
ATOM   115  C CA  . LEU A 1 38  ? -5.989  -4.713  -3.000  1.00 14.99 ? 1329 LEU A CA  1 
ATOM   116  C C   . LEU A 1 38  ? -7.023  -4.672  -4.091  1.00 16.49 ? 1329 LEU A C   1 
ATOM   117  O O   . LEU A 1 38  ? -7.031  -3.730  -4.859  1.00 17.88 ? 1329 LEU A O   1 
ATOM   118  C CB  . LEU A 1 38  ? -4.776  -5.573  -3.355  1.00 16.01 ? 1329 LEU A CB  1 
ATOM   119  C CG  . LEU A 1 38  ? -3.557  -5.362  -2.469  1.00 15.57 ? 1329 LEU A CG  1 
ATOM   120  C CD1 . LEU A 1 38  ? -2.529  -6.446  -2.736  1.00 17.14 ? 1329 LEU A CD1 1 
ATOM   121  C CD2 . LEU A 1 38  ? -2.915  -3.985  -2.618  1.00 17.24 ? 1329 LEU A CD2 1 
ATOM   122  N N   . ASN A 1 39  ? -7.851  -5.682  -4.196  1.00 17.91 ? 1330 ASN A N   1 
ATOM   123  C CA  . ASN A 1 39  ? -8.941  -5.668  -5.195  1.00 20.20 ? 1330 ASN A CA  1 
ATOM   124  C C   . ASN A 1 39  ? -9.814  -4.417  -4.992  1.00 18.23 ? 1330 ASN A C   1 
ATOM   125  O O   . ASN A 1 39  ? -10.101 -3.706  -6.002  1.00 20.19 ? 1330 ASN A O   1 
ATOM   126  C CB  . ASN A 1 39  ? -9.755  -6.953  -5.111  1.00 22.18 ? 1330 ASN A CB  1 
ATOM   127  C CG  . ASN A 1 39  ? -9.024  -8.183  -5.602  1.00 24.88 ? 1330 ASN A CG  1 
ATOM   128  O OD1 . ASN A 1 39  ? -8.069  -8.086  -6.354  1.00 28.99 ? 1330 ASN A OD1 1 
ATOM   129  N ND2 . ASN A 1 39  ? -9.506  -9.347  -5.200  1.00 28.36 ? 1330 ASN A ND2 1 
ATOM   130  N N   . LEU A 1 40  ? -10.185 -4.109  -3.770  1.00 16.65 ? 1331 LEU A N   1 
ATOM   131  C CA  . LEU A 1 40  ? -10.997 -2.894  -3.515  1.00 18.89 ? 1331 LEU A CA  1 
ATOM   132  C C   . LEU A 1 40  ? -10.204 -1.666  -3.928  1.00 18.12 ? 1331 LEU A C   1 
ATOM   133  O O   . LEU A 1 40  ? -10.760 -0.778  -4.599  1.00 18.64 ? 1331 LEU A O   1 
ATOM   134  C CB  . LEU A 1 40  ? -11.367 -2.784  -2.051  1.00 17.95 ? 1331 LEU A CB  1 
ATOM   135  C CG  . LEU A 1 40  ? -12.358 -3.834  -1.561  1.00 18.89 ? 1331 LEU A CG  1 
ATOM   136  C CD1 . LEU A 1 40  ? -12.526 -3.738  -0.070  1.00 21.40 ? 1331 LEU A CD1 1 
ATOM   137  C CD2 . LEU A 1 40  ? -13.699 -3.788  -2.318  1.00 21.60 ? 1331 LEU A CD2 1 
ATOM   138  N N   . ILE A 1 41  ? -8.916  -1.622  -3.598  1.00 16.02 ? 1332 ILE A N   1 
ATOM   139  C CA  . ILE A 1 41  ? -8.093  -0.445  -3.951  1.00 15.66 ? 1332 ILE A CA  1 
ATOM   140  C C   . ILE A 1 41  ? -8.022  -0.299  -5.474  1.00 16.39 ? 1332 ILE A C   1 
ATOM   141  O O   . ILE A 1 41  ? -8.192  0.822   -5.948  1.00 16.50 ? 1332 ILE A O   1 
ATOM   142  C CB  . ILE A 1 41  ? -6.714  -0.564  -3.302  1.00 15.74 ? 1332 ILE A CB  1 
ATOM   143  C CG1 . ILE A 1 41  ? -6.847  -0.287  -1.798  1.00 16.20 ? 1332 ILE A CG1 1 
ATOM   144  C CG2 . ILE A 1 41  ? -5.712  0.361   -3.973  1.00 14.57 ? 1332 ILE A CG2 1 
ATOM   145  C CD1 . ILE A 1 41  ? -5.686  -0.723  -1.026  1.00 17.35 ? 1332 ILE A CD1 1 
ATOM   146  N N   . PHE A 1 42  ? -7.869  -1.379  -6.212  1.00 17.51 ? 1333 PHE A N   1 
ATOM   147  C CA  . PHE A 1 42  ? -7.833  -1.315  -7.702  1.00 19.85 ? 1333 PHE A CA  1 
ATOM   148  C C   . PHE A 1 42  ? -9.180  -0.839  -8.269  1.00 21.83 ? 1333 PHE A C   1 
ATOM   149  O O   . PHE A 1 42  ? -9.145  -0.087  -9.273  1.00 27.81 ? 1333 PHE A O   1 
ATOM   150  C CB  . PHE A 1 42  ? -7.336  -2.650  -8.253  1.00 18.73 ? 1333 PHE A CB  1 
ATOM   151  C CG  . PHE A 1 42  ? -5.846  -2.759  -8.381  1.00 18.43 ? 1333 PHE A CG  1 
ATOM   152  C CD1 . PHE A 1 42  ? -5.068  -3.288  -7.363  1.00 20.20 ? 1333 PHE A CD1 1 
ATOM   153  C CD2 . PHE A 1 42  ? -5.204  -2.349  -9.536  1.00 20.45 ? 1333 PHE A CD2 1 
ATOM   154  C CE1 . PHE A 1 42  ? -3.700  -3.429  -7.522  1.00 20.52 ? 1333 PHE A CE1 1 
ATOM   155  C CE2 . PHE A 1 42  ? -3.822  -2.460  -9.675  1.00 22.17 ? 1333 PHE A CE2 1 
ATOM   156  C CZ  . PHE A 1 42  ? -3.079  -3.002  -8.662  1.00 21.13 ? 1333 PHE A CZ  1 
ATOM   157  N N   . GLN A 1 43  ? -10.302 -1.139  -7.628  1.00 22.10 ? 1334 GLN A N   1 
ATOM   158  C CA  . GLN A 1 43  ? -11.654 -0.665  -8.086  1.00 24.93 ? 1334 GLN A CA  1 
ATOM   159  C C   . GLN A 1 43  ? -11.853 0.822   -7.816  1.00 24.47 ? 1334 GLN A C   1 
ATOM   160  O O   . GLN A 1 43  ? -12.683 1.463   -8.478  1.00 27.29 ? 1334 GLN A O   1 
ATOM   161  C CB  . GLN A 1 43  ? -12.770 -1.457  -7.400  1.00 28.83 ? 1334 GLN A CB  1 
ATOM   162  C CG  . GLN A 1 43  ? -12.988 -2.825  -8.036  1.00 31.27 ? 1334 GLN A CG  1 
ATOM   163  C CD  . GLN A 1 43  ? -13.530 -2.748  -9.456  1.00 37.26 ? 1334 GLN A CD  1 
ATOM   164  O OE1 . GLN A 1 43  ? -14.384 -1.899  -9.793  1.00 32.64 ? 1334 GLN A OE1 1 
ATOM   165  N NE2 . GLN A 1 43  ? -13.038 -3.643  -10.320 1.00 34.62 ? 1334 GLN A NE2 1 
ATOM   166  N N   A CYS A 1 44  ? -11.157 1.372   -6.801  0.17 22.10 ? 1335 CYS A N   1 
ATOM   167  N N   B CYS A 1 44  ? -11.057 1.358   -6.908  0.18 21.96 ? 1335 CYS A N   1 
ATOM   168  C CA  A CYS A 1 44  ? -11.216 2.807   -6.398  0.17 20.33 ? 1335 CYS A CA  1 
ATOM   169  C CA  B CYS A 1 44  ? -11.179 2.743   -6.440  0.18 20.03 ? 1335 CYS A CA  1 
ATOM   170  C C   A CYS A 1 44  ? -10.573 3.668   -7.488  0.17 18.69 ? 1335 CYS A C   1 
ATOM   171  C C   B CYS A 1 44  ? -10.543 3.698   -7.458  0.18 18.32 ? 1335 CYS A C   1 
ATOM   172  O O   A CYS A 1 44  ? -9.384  3.448   -7.804  0.17 17.52 ? 1335 CYS A O   1 
ATOM   173  O O   B CYS A 1 44  ? -9.332  3.557   -7.716  0.18 15.97 ? 1335 CYS A O   1 
ATOM   174  C CB  A CYS A 1 44  ? -10.480 3.114   -5.095  0.17 20.51 ? 1335 CYS A CB  1 
ATOM   175  C CB  B CYS A 1 44  ? -10.509 2.859   -5.087  0.18 20.28 ? 1335 CYS A CB  1 
ATOM   176  S SG  A CYS A 1 44  ? -11.257 2.417   -3.619  0.17 21.21 ? 1335 CYS A SG  1 
ATOM   177  S SG  B CYS A 1 44  ? -10.940 4.443   -4.363  0.18 20.82 ? 1335 CYS A SG  1 
ATOM   178  N N   . GLU A 1 45  ? -11.302 4.667   -7.989  1.00 17.63 ? 1336 GLU A N   1 
ATOM   179  C CA  . GLU A 1 45  ? -10.724 5.612   -8.964  1.00 17.32 ? 1336 GLU A CA  1 
ATOM   180  C C   . GLU A 1 45  ? -9.503  6.342   -8.381  1.00 15.52 ? 1336 GLU A C   1 
ATOM   181  O O   . GLU A 1 45  ? -8.564  6.646   -9.140  1.00 16.03 ? 1336 GLU A O   1 
ATOM   182  C CB  . GLU A 1 45  ? -11.747 6.669   -9.315  1.00 18.45 ? 1336 GLU A CB  1 
ATOM   183  C CG  . GLU A 1 45  ? -12.844 6.084   -10.163 1.00 21.18 ? 1336 GLU A CG  1 
ATOM   184  C CD  . GLU A 1 45  ? -13.971 7.003   -10.568 1.00 25.26 ? 1336 GLU A CD  1 
ATOM   185  O OE1 . GLU A 1 45  ? -13.959 8.191   -10.168 1.00 25.43 ? 1336 GLU A OE1 1 
ATOM   186  O OE2 . GLU A 1 45  ? -14.868 6.517   -11.297 1.00 26.61 ? 1336 GLU A OE2 1 
ATOM   187  N N   . ASP A 1 46  ? -9.482  6.574   -7.076  1.00 15.13 ? 1337 ASP A N   1 
ATOM   188  C CA  . ASP A 1 46  ? -8.343  7.249   -6.416  1.00 15.46 ? 1337 ASP A CA  1 
ATOM   189  C C   . ASP A 1 46  ? -7.038  6.444   -6.518  1.00 14.45 ? 1337 ASP A C   1 
ATOM   190  O O   . ASP A 1 46  ? -5.972  7.047   -6.314  1.00 14.88 ? 1337 ASP A O   1 
ATOM   191  C CB  . ASP A 1 46  ? -8.632  7.552   -4.964  1.00 15.93 ? 1337 ASP A CB  1 
ATOM   192  C CG  . ASP A 1 46  ? -9.588  8.725   -4.770  1.00 16.80 ? 1337 ASP A CG  1 
ATOM   193  O OD1 . ASP A 1 46  ? -9.696  9.553   -5.712  1.00 17.74 ? 1337 ASP A OD1 1 
ATOM   194  O OD2 . ASP A 1 46  ? -10.072 8.865   -3.653  1.00 17.29 ? 1337 ASP A OD2 1 
ATOM   195  N N   . SER A 1 47  ? -7.080  5.165   -6.860  1.00 14.66 ? 1338 SER A N   1 
ATOM   196  C CA  . SER A 1 47  ? -5.826  4.405   -7.003  1.00 14.58 ? 1338 SER A CA  1 
ATOM   197  C C   . SER A 1 47  ? -5.148  4.555   -8.368  1.00 14.35 ? 1338 SER A C   1 
ATOM   198  O O   . SER A 1 47  ? -4.002  4.130   -8.507  1.00 14.55 ? 1338 SER A O   1 
ATOM   199  C CB  . SER A 1 47  ? -5.991  2.956   -6.700  1.00 14.42 ? 1338 SER A CB  1 
ATOM   200  O OG  . SER A 1 47  ? -6.750  2.274   -7.710  1.00 15.68 ? 1338 SER A OG  1 
ATOM   201  N N   . GLU A 1 48  ? -5.818  5.239   -9.308  0.35 14.45 ? 1339 GLU A N   1 
ATOM   202  C CA  . GLU A 1 48  ? -5.356  5.413   -10.713 0.35 14.50 ? 1339 GLU A CA  1 
ATOM   203  C C   . GLU A 1 48  ? -3.893  5.851   -10.750 0.35 13.82 ? 1339 GLU A C   1 
ATOM   204  O O   . GLU A 1 48  ? -3.117  5.296   -11.535 0.35 13.96 ? 1339 GLU A O   1 
ATOM   205  C CB  . GLU A 1 48  ? -6.188  6.421   -11.507 0.35 15.18 ? 1339 GLU A CB  1 
ATOM   206  C CG  . GLU A 1 48  ? -5.783  6.415   -12.976 0.35 16.17 ? 1339 GLU A CG  1 
ATOM   207  C CD  . GLU A 1 48  ? -6.426  7.439   -13.890 0.35 17.64 ? 1339 GLU A CD  1 
ATOM   208  O OE1 . GLU A 1 48  ? -7.199  8.275   -13.401 0.35 18.67 ? 1339 GLU A OE1 1 
ATOM   209  O OE2 . GLU A 1 48  ? -6.122  7.396   -15.098 0.35 20.22 ? 1339 GLU A OE2 1 
ATOM   210  N N   . PRO A 1 49  ? -3.467  6.895   -10.001 0.35 13.84 ? 1340 PRO A N   1 
ATOM   211  C CA  . PRO A 1 49  ? -2.085  7.355   -10.099 0.35 13.49 ? 1340 PRO A CA  1 
ATOM   212  C C   . PRO A 1 49  ? -1.063  6.351   -9.538  0.35 13.42 ? 1340 PRO A C   1 
ATOM   213  O O   . PRO A 1 49  ? 0.095   6.603   -9.738  0.35 13.10 ? 1340 PRO A O   1 
ATOM   214  C CB  . PRO A 1 49  ? -2.073  8.662   -9.278  0.35 13.71 ? 1340 PRO A CB  1 
ATOM   215  C CG  . PRO A 1 49  ? -3.532  9.058   -9.178  0.35 13.88 ? 1340 PRO A CG  1 
ATOM   216  C CD  . PRO A 1 49  ? -4.257  7.730   -9.081  0.35 13.52 ? 1340 PRO A CD  1 
ATOM   217  N N   . PHE A 1 50  ? -1.495  5.267   -8.875  1.00 13.49 ? 1341 PHE A N   1 
ATOM   218  C CA  . PHE A 1 50  ? -0.609  4.422   -8.074  1.00 13.50 ? 1341 PHE A CA  1 
ATOM   219  C C   . PHE A 1 50  ? -0.670  2.958   -8.470  1.00 15.08 ? 1341 PHE A C   1 
ATOM   220  O O   . PHE A 1 50  ? -0.120  2.140   -7.779  1.00 15.11 ? 1341 PHE A O   1 
ATOM   221  C CB  . PHE A 1 50  ? -1.019  4.625   -6.618  1.00 12.51 ? 1341 PHE A CB  1 
ATOM   222  C CG  . PHE A 1 50  ? -1.198  6.059   -6.221  1.00 11.89 ? 1341 PHE A CG  1 
ATOM   223  C CD1 . PHE A 1 50  ? -0.099  6.904   -6.195  1.00 12.76 ? 1341 PHE A CD1 1 
ATOM   224  C CD2 . PHE A 1 50  ? -2.451  6.595   -5.997  1.00 13.30 ? 1341 PHE A CD2 1 
ATOM   225  C CE1 . PHE A 1 50  ? -0.270  8.227   -5.861  1.00 13.87 ? 1341 PHE A CE1 1 
ATOM   226  C CE2 . PHE A 1 50  ? -2.589  7.920   -5.659  1.00 13.68 ? 1341 PHE A CE2 1 
ATOM   227  C CZ  . PHE A 1 50  ? -1.512  8.723   -5.647  1.00 13.51 ? 1341 PHE A CZ  1 
ATOM   228  N N   . ARG A 1 51  ? -1.310  2.606   -9.563  1.00 15.40 ? 1342 ARG A N   1 
ATOM   229  C CA  . ARG A 1 51  ? -1.550  1.198   -9.930  1.00 16.27 ? 1342 ARG A CA  1 
ATOM   230  C C   . ARG A 1 51  ? -0.329  0.604   -10.575 1.00 17.74 ? 1342 ARG A C   1 
ATOM   231  O O   . ARG A 1 51  ? -0.184  -0.619  -10.537 1.00 22.39 ? 1342 ARG A O   1 
ATOM   232  C CB  . ARG A 1 51  ? -2.731  1.001   -10.883 1.00 17.61 ? 1342 ARG A CB  1 
ATOM   233  C CG  . ARG A 1 51  ? -4.055  1.232   -10.178 1.00 19.39 ? 1342 ARG A CG  1 
ATOM   234  C CD  . ARG A 1 51  ? -5.195  1.269   -11.156 1.00 20.82 ? 1342 ARG A CD  1 
ATOM   235  N NE  . ARG A 1 51  ? -6.374  1.787   -10.513 1.00 21.98 ? 1342 ARG A NE  1 
ATOM   236  C CZ  . ARG A 1 51  ? -7.450  2.228   -11.121 1.00 23.50 ? 1342 ARG A CZ  1 
ATOM   237  N NH1 . ARG A 1 51  ? -7.530  2.186   -12.447 1.00 26.59 ? 1342 ARG A NH1 1 
ATOM   238  N NH2 . ARG A 1 51  ? -8.463  2.666   -10.404 1.00 22.57 ? 1342 ARG A NH2 1 
ATOM   239  N N   . GLN A 1 52  ? 0.540   1.420   -11.167 0.35 18.39 ? 1343 GLN A N   1 
ATOM   240  C CA  . GLN A 1 52  ? 1.698   0.898   -11.926 0.35 20.05 ? 1343 GLN A CA  1 
ATOM   241  C C   . GLN A 1 52  ? 2.894   1.788   -11.604 0.35 20.43 ? 1343 GLN A C   1 
ATOM   242  O O   . GLN A 1 52  ? 2.716   2.936   -11.169 0.35 22.63 ? 1343 GLN A O   1 
ATOM   243  C CB  . GLN A 1 52  ? 1.315   0.790   -13.406 0.35 20.34 ? 1343 GLN A CB  1 
ATOM   244  C CG  . GLN A 1 52  ? -0.024  0.087   -13.664 0.35 21.99 ? 1343 GLN A CG  1 
ATOM   245  C CD  . GLN A 1 52  ? -0.071  -1.383  -13.299 0.35 21.91 ? 1343 GLN A CD  1 
ATOM   246  O OE1 . GLN A 1 52  ? 0.946   -2.077  -13.261 0.35 22.83 ? 1343 GLN A OE1 1 
ATOM   247  N NE2 . GLN A 1 52  ? -1.274  -1.883  -13.043 0.35 21.53 ? 1343 GLN A NE2 1 
ATOM   248  N N   . PRO A 1 53  ? 4.139   1.268   -11.719 0.35 22.10 ? 1344 PRO A N   1 
ATOM   249  C CA  . PRO A 1 53  ? 5.328   2.030   -11.347 0.35 22.71 ? 1344 PRO A CA  1 
ATOM   250  C C   . PRO A 1 53  ? 5.402   3.320   -12.170 0.35 23.30 ? 1344 PRO A C   1 
ATOM   251  O O   . PRO A 1 53  ? 5.210   3.250   -13.372 0.35 24.15 ? 1344 PRO A O   1 
ATOM   252  C CB  . PRO A 1 53  ? 6.500   1.081   -11.646 0.35 22.17 ? 1344 PRO A CB  1 
ATOM   253  C CG  . PRO A 1 53  ? 5.929   0.069   -12.614 0.35 23.05 ? 1344 PRO A CG  1 
ATOM   254  C CD  . PRO A 1 53  ? 4.473   -0.072  -12.227 0.35 22.72 ? 1344 PRO A CD  1 
ATOM   255  N N   . VAL A 1 54  ? 5.648   4.448   -11.497 0.35 23.67 ? 1345 VAL A N   1 
ATOM   256  C CA  . VAL A 1 54  ? 5.654   5.821   -12.085 0.35 23.37 ? 1345 VAL A CA  1 
ATOM   257  C C   . VAL A 1 54  ? 6.405   5.785   -13.416 0.35 24.00 ? 1345 VAL A C   1 
ATOM   258  O O   . VAL A 1 54  ? 7.467   5.116   -13.481 0.35 23.65 ? 1345 VAL A O   1 
ATOM   259  C CB  . VAL A 1 54  ? 6.275   6.859   -11.130 0.35 23.28 ? 1345 VAL A CB  1 
ATOM   260  C CG1 . VAL A 1 54  ? 6.545   8.184   -11.835 0.35 23.17 ? 1345 VAL A CG1 1 
ATOM   261  C CG2 . VAL A 1 54  ? 5.413   7.066   -9.894  0.35 23.60 ? 1345 VAL A CG2 1 
ATOM   262  N N   . ASP A 1 55  ? 5.852   6.466   -14.424 0.35 24.71 ? 1346 ASP A N   1 
ATOM   263  C CA  . ASP A 1 55  ? 6.502   6.686   -15.740 0.35 25.51 ? 1346 ASP A CA  1 
ATOM   264  C C   . ASP A 1 55  ? 7.432   7.898   -15.607 0.35 25.27 ? 1346 ASP A C   1 
ATOM   265  O O   . ASP A 1 55  ? 6.955   9.041   -15.463 0.35 24.44 ? 1346 ASP A O   1 
ATOM   266  C CB  . ASP A 1 55  ? 5.484   6.811   -16.879 0.35 25.34 ? 1346 ASP A CB  1 
ATOM   267  C CG  . ASP A 1 55  ? 6.061   6.498   -18.252 0.35 25.11 ? 1346 ASP A CG  1 
ATOM   268  O OD1 . ASP A 1 55  ? 7.299   6.384   -18.364 0.35 25.33 ? 1346 ASP A OD1 1 
ATOM   269  O OD2 . ASP A 1 55  ? 5.269   6.375   -19.203 0.35 25.29 ? 1346 ASP A OD2 1 
ATOM   270  N N   . LEU A 1 56  ? 8.721   7.602   -15.672 1.00 25.07 ? 1347 LEU A N   1 
ATOM   271  C CA  . LEU A 1 56  ? 9.854   8.541   -15.588 1.00 27.27 ? 1347 LEU A CA  1 
ATOM   272  C C   . LEU A 1 56  ? 9.880   9.432   -16.840 1.00 29.51 ? 1347 LEU A C   1 
ATOM   273  O O   . LEU A 1 56  ? 10.444  10.519  -16.763 1.00 31.60 ? 1347 LEU A O   1 
ATOM   274  C CB  . LEU A 1 56  ? 11.103  7.689   -15.359 1.00 31.42 ? 1347 LEU A CB  1 
ATOM   275  C CG  . LEU A 1 56  ? 10.966  6.693   -14.200 1.00 37.25 ? 1347 LEU A CG  1 
ATOM   276  C CD1 . LEU A 1 56  ? 12.026  5.600   -14.264 1.00 38.28 ? 1347 LEU A CD1 1 
ATOM   277  C CD2 . LEU A 1 56  ? 10.991  7.392   -12.843 1.00 37.26 ? 1347 LEU A CD2 1 
ATOM   278  N N   . LEU A 1 57  ? 9.179   9.078   -17.926 1.00 29.52 ? 1348 LEU A N   1 
ATOM   279  C CA  . LEU A 1 57  ? 9.136   9.994   -19.090 1.00 29.56 ? 1348 LEU A CA  1 
ATOM   280  C C   . LEU A 1 57  ? 8.188   11.164  -18.792 1.00 31.33 ? 1348 LEU A C   1 
ATOM   281  O O   . LEU A 1 57  ? 8.464   12.311  -19.237 1.00 32.58 ? 1348 LEU A O   1 
ATOM   282  C CB  . LEU A 1 57  ? 8.733   9.216   -20.346 1.00 34.24 ? 1348 LEU A CB  1 
ATOM   283  C CG  . LEU A 1 57  ? 9.782   8.202   -20.798 1.00 37.91 ? 1348 LEU A CG  1 
ATOM   284  C CD1 . LEU A 1 57  ? 9.262   7.330   -21.929 1.00 43.11 ? 1348 LEU A CD1 1 
ATOM   285  C CD2 . LEU A 1 57  ? 11.056  8.919   -21.201 1.00 40.62 ? 1348 LEU A CD2 1 
ATOM   286  N N   . GLU A 1 58  ? 7.116   10.905  -18.048 0.35 29.69 ? 1349 GLU A N   1 
ATOM   287  C CA  . GLU A 1 58  ? 6.127   11.944  -17.658 0.35 29.55 ? 1349 GLU A CA  1 
ATOM   288  C C   . GLU A 1 58  ? 6.678   12.762  -16.481 0.35 27.71 ? 1349 GLU A C   1 
ATOM   289  O O   . GLU A 1 58  ? 6.268   13.942  -16.331 0.35 27.85 ? 1349 GLU A O   1 
ATOM   290  C CB  . GLU A 1 58  ? 4.790   11.294  -17.309 0.35 31.81 ? 1349 GLU A CB  1 
ATOM   291  C CG  . GLU A 1 58  ? 4.259   10.394  -18.409 0.35 33.72 ? 1349 GLU A CG  1 
ATOM   292  C CD  . GLU A 1 58  ? 2.753   10.202  -18.409 0.35 35.35 ? 1349 GLU A CD  1 
ATOM   293  O OE1 . GLU A 1 58  ? 2.178   10.028  -17.311 0.35 36.49 ? 1349 GLU A OE1 1 
ATOM   294  O OE2 . GLU A 1 58  ? 2.158   10.241  -19.505 0.35 35.54 ? 1349 GLU A OE2 1 
ATOM   295  N N   . TYR A 1 59  ? 7.549   12.160  -15.660 1.00 24.95 ? 1350 TYR A N   1 
ATOM   296  C CA  . TYR A 1 59  ? 8.120   12.841  -14.460 1.00 23.47 ? 1350 TYR A CA  1 
ATOM   297  C C   . TYR A 1 59  ? 9.622   12.601  -14.431 1.00 23.99 ? 1350 TYR A C   1 
ATOM   298  O O   . TYR A 1 59  ? 10.109  11.767  -13.686 1.00 21.74 ? 1350 TYR A O   1 
ATOM   299  C CB  . TYR A 1 59  ? 7.393   12.283  -13.222 1.00 20.77 ? 1350 TYR A CB  1 
ATOM   300  C CG  . TYR A 1 59  ? 5.900   12.511  -13.252 1.00 20.28 ? 1350 TYR A CG  1 
ATOM   301  C CD1 . TYR A 1 59  ? 5.340   13.724  -12.932 1.00 21.70 ? 1350 TYR A CD1 1 
ATOM   302  C CD2 . TYR A 1 59  ? 5.042   11.496  -13.635 1.00 22.05 ? 1350 TYR A CD2 1 
ATOM   303  C CE1 . TYR A 1 59  ? 3.962   13.928  -12.975 1.00 22.80 ? 1350 TYR A CE1 1 
ATOM   304  C CE2 . TYR A 1 59  ? 3.663   11.687  -13.725 1.00 22.05 ? 1350 TYR A CE2 1 
ATOM   305  C CZ  . TYR A 1 59  ? 3.125   12.911  -13.388 1.00 22.69 ? 1350 TYR A CZ  1 
ATOM   306  O OH  . TYR A 1 59  ? 1.767   13.121  -13.405 1.00 23.59 ? 1350 TYR A OH  1 
ATOM   307  N N   . PRO A 1 60  ? 10.420  13.260  -15.296 1.00 24.67 ? 1351 PRO A N   1 
ATOM   308  C CA  . PRO A 1 60  ? 11.803  12.828  -15.457 1.00 23.09 ? 1351 PRO A CA  1 
ATOM   309  C C   . PRO A 1 60  ? 12.718  13.050  -14.234 1.00 22.88 ? 1351 PRO A C   1 
ATOM   310  O O   . PRO A 1 60  ? 13.750  12.467  -14.178 1.00 23.20 ? 1351 PRO A O   1 
ATOM   311  C CB  . PRO A 1 60  ? 12.276  13.665  -16.679 1.00 26.57 ? 1351 PRO A CB  1 
ATOM   312  C CG  . PRO A 1 60  ? 11.380  14.842  -16.707 1.00 27.36 ? 1351 PRO A CG  1 
ATOM   313  C CD  . PRO A 1 60  ? 10.029  14.374  -16.174 1.00 29.29 ? 1351 PRO A CD  1 
ATOM   314  N N   . ASP A 1 61  ? 12.310  13.870  -13.279 1.00 23.45 ? 1352 ASP A N   1 
ATOM   315  C CA  . ASP A 1 61  ? 13.097  14.089  -12.038 1.00 22.07 ? 1352 ASP A CA  1 
ATOM   316  C C   . ASP A 1 61  ? 12.643  13.149  -10.905 1.00 19.78 ? 1352 ASP A C   1 
ATOM   317  O O   . ASP A 1 61  ? 13.165  13.269  -9.773  1.00 18.51 ? 1352 ASP A O   1 
ATOM   318  C CB  . ASP A 1 61  ? 12.944  15.536  -11.581 1.00 24.60 ? 1352 ASP A CB  1 
ATOM   319  C CG  . ASP A 1 61  ? 11.529  15.864  -11.188 1.00 23.11 ? 1352 ASP A CG  1 
ATOM   320  O OD1 . ASP A 1 61  ? 10.626  15.130  -11.642 1.00 28.84 ? 1352 ASP A OD1 1 
ATOM   321  O OD2 . ASP A 1 61  ? 11.332  16.850  -10.464 1.00 33.28 ? 1352 ASP A OD2 1 
ATOM   322  N N   . TYR A 1 62  ? 11.767  12.187  -11.190 1.00 18.49 ? 1353 TYR A N   1 
ATOM   323  C CA  . TYR A 1 62  ? 11.136  11.422  -10.078 1.00 17.62 ? 1353 TYR A CA  1 
ATOM   324  C C   . TYR A 1 62  ? 12.202  10.747  -9.222  1.00 18.67 ? 1353 TYR A C   1 
ATOM   325  O O   . TYR A 1 62  ? 12.123  10.825  -7.984  1.00 17.33 ? 1353 TYR A O   1 
ATOM   326  C CB  . TYR A 1 62  ? 10.114  10.458  -10.665 1.00 17.14 ? 1353 TYR A CB  1 
ATOM   327  C CG  . TYR A 1 62  ? 9.278   9.759   -9.624  1.00 17.07 ? 1353 TYR A CG  1 
ATOM   328  C CD1 . TYR A 1 62  ? 8.303   10.473  -9.002  1.00 15.73 ? 1353 TYR A CD1 1 
ATOM   329  C CD2 . TYR A 1 62  ? 9.530   8.453   -9.218  1.00 15.77 ? 1353 TYR A CD2 1 
ATOM   330  C CE1 . TYR A 1 62  ? 7.521   9.924   -8.005  1.00 15.44 ? 1353 TYR A CE1 1 
ATOM   331  C CE2 . TYR A 1 62  ? 8.679   7.845   -8.294  1.00 16.34 ? 1353 TYR A CE2 1 
ATOM   332  C CZ  . TYR A 1 62  ? 7.732   8.618   -7.647  1.00 15.85 ? 1353 TYR A CZ  1 
ATOM   333  O OH  . TYR A 1 62  ? 6.936   8.083   -6.659  1.00 15.39 ? 1353 TYR A OH  1 
ATOM   334  N N   . ARG A 1 63  ? 13.165  10.044  -9.807  1.00 18.42 ? 1354 ARG A N   1 
ATOM   335  C CA  . ARG A 1 63  ? 14.185  9.303   -9.044  1.00 20.30 ? 1354 ARG A CA  1 
ATOM   336  C C   . ARG A 1 63  ? 15.247  10.216  -8.421  1.00 19.69 ? 1354 ARG A C   1 
ATOM   337  O O   . ARG A 1 63  ? 15.985  9.743   -7.584  1.00 20.96 ? 1354 ARG A O   1 
ATOM   338  C CB  . ARG A 1 63  ? 14.857  8.246   -9.920  1.00 22.53 ? 1354 ARG A CB  1 
ATOM   339  C CG  . ARG A 1 63  ? 13.921  7.162   -10.411 1.00 25.99 ? 1354 ARG A CG  1 
ATOM   340  C CD  . ARG A 1 63  ? 13.187  6.481   -9.267  1.00 28.43 ? 1354 ARG A CD  1 
ATOM   341  N NE  . ARG A 1 63  ? 14.175  5.880   -8.385  1.00 30.36 ? 1354 ARG A NE  1 
ATOM   342  C CZ  . ARG A 1 63  ? 14.756  4.694   -8.597  1.00 35.49 ? 1354 ARG A CZ  1 
ATOM   343  N NH1 . ARG A 1 63  ? 14.423  3.963   -9.653  1.00 36.39 ? 1354 ARG A NH1 1 
ATOM   344  N NH2 . ARG A 1 63  ? 15.653  4.244   -7.747  1.00 39.08 ? 1354 ARG A NH2 1 
ATOM   345  N N   . ASP A 1 64  ? 15.246  11.513  -8.715  1.00 19.58 ? 1355 ASP A N   1 
ATOM   346  C CA  . ASP A 1 64  ? 16.065  12.506  -7.978  1.00 21.43 ? 1355 ASP A CA  1 
ATOM   347  C C   . ASP A 1 64  ? 15.469  12.752  -6.585  1.00 22.24 ? 1355 ASP A C   1 
ATOM   348  O O   . ASP A 1 64  ? 16.212  13.130  -5.654  1.00 27.02 ? 1355 ASP A O   1 
ATOM   349  C CB  . ASP A 1 64  ? 16.093  13.844  -8.708  1.00 21.70 ? 1355 ASP A CB  1 
ATOM   350  C CG  . ASP A 1 64  ? 16.675  13.781  -10.100 1.00 24.58 ? 1355 ASP A CG  1 
ATOM   351  O OD1 . ASP A 1 64  ? 17.326  12.782  -10.441 1.00 27.84 ? 1355 ASP A OD1 1 
ATOM   352  O OD2 . ASP A 1 64  ? 16.448  14.741  -10.836 1.00 28.72 ? 1355 ASP A OD2 1 
ATOM   353  N N   A ILE A 1 65  ? 14.155  12.558  -6.431  0.25 20.75 ? 1356 ILE A N   1 
ATOM   354  N N   B ILE A 1 65  ? 14.146  12.556  -6.473  0.25 19.99 ? 1356 ILE A N   1 
ATOM   355  C CA  A ILE A 1 65  ? 13.442  12.834  -5.150  0.25 20.41 ? 1356 ILE A CA  1 
ATOM   356  C CA  B ILE A 1 65  ? 13.329  12.880  -5.270  0.25 19.39 ? 1356 ILE A CA  1 
ATOM   357  C C   A ILE A 1 65  ? 13.121  11.518  -4.441  0.25 19.67 ? 1356 ILE A C   1 
ATOM   358  C C   B ILE A 1 65  ? 13.008  11.598  -4.491  0.25 18.93 ? 1356 ILE A C   1 
ATOM   359  O O   A ILE A 1 65  ? 13.286  11.444  -3.203  0.25 20.73 ? 1356 ILE A O   1 
ATOM   360  O O   B ILE A 1 65  ? 13.029  11.653  -3.245  0.25 20.06 ? 1356 ILE A O   1 
ATOM   361  C CB  A ILE A 1 65  ? 12.185  13.667  -5.437  0.25 20.95 ? 1356 ILE A CB  1 
ATOM   362  C CB  B ILE A 1 65  ? 12.054  13.621  -5.713  0.25 19.03 ? 1356 ILE A CB  1 
ATOM   363  C CG1 A ILE A 1 65  ? 12.544  14.930  -6.228  0.25 22.53 ? 1356 ILE A CG1 1 
ATOM   364  C CG1 B ILE A 1 65  ? 12.366  14.831  -6.602  0.25 19.61 ? 1356 ILE A CG1 1 
ATOM   365  C CG2 A ILE A 1 65  ? 11.457  13.980  -4.144  0.25 21.06 ? 1356 ILE A CG2 1 
ATOM   366  C CG2 B ILE A 1 65  ? 11.212  14.000  -4.512  0.25 18.94 ? 1356 ILE A CG2 1 
ATOM   367  C CD1 A ILE A 1 65  ? 11.683  15.166  -7.438  0.25 23.04 ? 1356 ILE A CD1 1 
ATOM   368  C CD1 B ILE A 1 65  ? 13.168  15.918  -5.921  0.25 19.62 ? 1356 ILE A CD1 1 
ATOM   369  N N   . ILE A 1 66  ? 12.724  10.501  -5.198  1.00 17.81 ? 1357 ILE A N   1 
ATOM   370  C CA  . ILE A 1 66  ? 12.202  9.247   -4.619  1.00 19.02 ? 1357 ILE A CA  1 
ATOM   371  C C   . ILE A 1 66  ? 13.259  8.170   -4.748  1.00 17.47 ? 1357 ILE A C   1 
ATOM   372  O O   . ILE A 1 66  ? 13.514  7.721   -5.885  1.00 19.56 ? 1357 ILE A O   1 
ATOM   373  C CB  . ILE A 1 66  ? 10.890  8.884   -5.341  1.00 16.58 ? 1357 ILE A CB  1 
ATOM   374  C CG1 . ILE A 1 66  ? 9.839   9.986   -5.189  1.00 18.43 ? 1357 ILE A CG1 1 
ATOM   375  C CG2 . ILE A 1 66  ? 10.429  7.542   -4.846  1.00 17.91 ? 1357 ILE A CG2 1 
ATOM   376  C CD1 . ILE A 1 66  ? 9.545   10.377  -3.785  1.00 18.54 ? 1357 ILE A CD1 1 
ATOM   377  N N   . ASP A 1 67  ? 13.701  7.676   -3.597  1.00 21.05 ? 1358 ASP A N   1 
ATOM   378  C CA  . ASP A 1 67  ? 14.746  6.622   -3.551  1.00 24.22 ? 1358 ASP A CA  1 
ATOM   379  C C   . ASP A 1 67  ? 14.145  5.268   -3.904  1.00 21.56 ? 1358 ASP A C   1 
ATOM   380  O O   . ASP A 1 67  ? 14.845  4.422   -4.471  1.00 24.04 ? 1358 ASP A O   1 
ATOM   381  C CB  . ASP A 1 67  ? 15.347  6.502   -2.154  1.00 28.05 ? 1358 ASP A CB  1 
ATOM   382  C CG  . ASP A 1 67  ? 16.208  7.680   -1.752  1.00 36.09 ? 1358 ASP A CG  1 
ATOM   383  O OD1 . ASP A 1 67  ? 16.754  8.328   -2.658  1.00 39.78 ? 1358 ASP A OD1 1 
ATOM   384  O OD2 . ASP A 1 67  ? 16.268  7.974   -0.545  1.00 44.56 ? 1358 ASP A OD2 1 
ATOM   385  N N   . THR A 1 68  ? 12.923  4.974   -3.411  1.00 19.24 ? 1359 THR A N   1 
ATOM   386  C CA  . THR A 1 68  ? 12.350  3.620   -3.561  1.00 19.17 ? 1359 THR A CA  1 
ATOM   387  C C   . THR A 1 68  ? 10.938  3.738   -4.106  1.00 18.54 ? 1359 THR A C   1 
ATOM   388  O O   . THR A 1 68  ? 9.959   3.845   -3.347  1.00 17.78 ? 1359 THR A O   1 
ATOM   389  C CB  . THR A 1 68  ? 12.289  2.836   -2.247  1.00 19.73 ? 1359 THR A CB  1 
ATOM   390  O OG1 . THR A 1 68  ? 13.616  2.899   -1.734  1.00 23.91 ? 1359 THR A OG1 1 
ATOM   391  C CG2 . THR A 1 68  ? 11.839  1.403   -2.470  1.00 21.78 ? 1359 THR A CG2 1 
ATOM   392  N N   . PRO A 1 69  ? 10.797  3.644   -5.420  1.00 16.84 ? 1360 PRO A N   1 
ATOM   393  C CA  . PRO A 1 69  ? 9.474   3.637   -6.042  1.00 17.70 ? 1360 PRO A CA  1 
ATOM   394  C C   . PRO A 1 69  ? 8.663   2.470   -5.495  1.00 15.40 ? 1360 PRO A C   1 
ATOM   395  O O   . PRO A 1 69  ? 9.160   1.405   -5.200  1.00 16.73 ? 1360 PRO A O   1 
ATOM   396  C CB  . PRO A 1 69  ? 9.725   3.508   -7.542  1.00 18.98 ? 1360 PRO A CB  1 
ATOM   397  C CG  . PRO A 1 69  ? 11.138  4.066   -7.702  1.00 22.08 ? 1360 PRO A CG  1 
ATOM   398  C CD  . PRO A 1 69  ? 11.879  3.623   -6.447  1.00 20.06 ? 1360 PRO A CD  1 
ATOM   399  N N   . MET A 1 70  ? 7.345   2.684   -5.444  1.00 14.68 ? 1361 MET A N   1 
ATOM   400  C CA  . MET A 1 70  ? 6.416   1.598   -5.070  1.00 13.79 ? 1361 MET A CA  1 
ATOM   401  C C   . MET A 1 70  ? 5.068   1.902   -5.688  1.00 12.68 ? 1361 MET A C   1 
ATOM   402  O O   . MET A 1 70  ? 4.728   3.028   -5.856  1.00 13.30 ? 1361 MET A O   1 
ATOM   403  C CB  . MET A 1 70  ? 6.302   1.473   -3.558  1.00 13.60 ? 1361 MET A CB  1 
ATOM   404  C CG  . MET A 1 70  ? 5.575   0.238   -3.107  1.00 13.72 ? 1361 MET A CG  1 
ATOM   405  S SD  . MET A 1 70  ? 6.108   -1.333  -3.752  1.00 14.85 ? 1361 MET A SD  1 
ATOM   406  C CE  . MET A 1 70  ? 7.848   -1.423  -3.313  1.00 16.45 ? 1361 MET A CE  1 
ATOM   407  N N   . ASP A 1 71  ? 4.321   0.863   -5.987  1.00 12.53 ? 1362 ASP A N   1 
ATOM   408  C CA  . ASP A 1 71  ? 2.992   1.003   -6.593  1.00 12.71 ? 1362 ASP A CA  1 
ATOM   409  C C   . ASP A 1 71  ? 2.170   -0.253  -6.288  1.00 12.50 ? 1362 ASP A C   1 
ATOM   410  O O   . ASP A 1 71  ? 2.749   -1.253  -5.802  1.00 13.18 ? 1362 ASP A O   1 
ATOM   411  C CB  . ASP A 1 71  ? 3.146   1.139   -8.102  1.00 15.01 ? 1362 ASP A CB  1 
ATOM   412  C CG  . ASP A 1 71  ? 3.708   -0.122  -8.712  1.00 15.53 ? 1362 ASP A CG  1 
ATOM   413  O OD1 . ASP A 1 71  ? 4.950   -0.269  -8.657  1.00 17.47 ? 1362 ASP A OD1 1 
ATOM   414  O OD2 . ASP A 1 71  ? 2.915   -0.997  -9.052  1.00 16.03 ? 1362 ASP A OD2 1 
ATOM   415  N N   . PHE A 1 72  ? 0.876   -0.218  -6.513  1.00 13.18 ? 1363 PHE A N   1 
ATOM   416  C CA  . PHE A 1 72  ? 0.001   -1.303  -6.045  1.00 12.94 ? 1363 PHE A CA  1 
ATOM   417  C C   . PHE A 1 72  ? 0.199   -2.560  -6.846  1.00 15.02 ? 1363 PHE A C   1 
ATOM   418  O O   . PHE A 1 72  ? -0.053  -3.625  -6.302  1.00 14.32 ? 1363 PHE A O   1 
ATOM   419  C CB  . PHE A 1 72  ? -1.449  -0.846  -6.031  1.00 12.87 ? 1363 PHE A CB  1 
ATOM   420  C CG  . PHE A 1 72  ? -1.736  0.029   -4.849  1.00 12.38 ? 1363 PHE A CG  1 
ATOM   421  C CD1 . PHE A 1 72  ? -1.839  -0.500  -3.596  1.00 12.80 ? 1363 PHE A CD1 1 
ATOM   422  C CD2 . PHE A 1 72  ? -1.977  1.375   -5.010  1.00 13.38 ? 1363 PHE A CD2 1 
ATOM   423  C CE1 . PHE A 1 72  ? -2.089  0.304   -2.520  1.00 13.52 ? 1363 PHE A CE1 1 
ATOM   424  C CE2 . PHE A 1 72  ? -2.256  2.179   -3.934  1.00 13.29 ? 1363 PHE A CE2 1 
ATOM   425  C CZ  . PHE A 1 72  ? -2.295  1.637   -2.689  1.00 12.88 ? 1363 PHE A CZ  1 
ATOM   426  N N   . ALA A 1 73  ? 0.545   -2.468  -8.135  1.00 12.74 ? 1364 ALA A N   1 
ATOM   427  C CA  . ALA A 1 73  ? 0.828   -3.702  -8.895  1.00 14.07 ? 1364 ALA A CA  1 
ATOM   428  C C   . ALA A 1 73  ? 2.044   -4.419  -8.297  1.00 14.16 ? 1364 ALA A C   1 
ATOM   429  O O   . ALA A 1 73  ? 2.030   -5.652  -8.169  1.00 14.03 ? 1364 ALA A O   1 
ATOM   430  C CB  . ALA A 1 73  ? 1.028   -3.411  -10.368 1.00 14.37 ? 1364 ALA A CB  1 
ATOM   431  N N   . THR A 1 74  ? 3.077   -3.689  -7.966  1.00 13.91 ? 1365 THR A N   1 
ATOM   432  C CA  . THR A 1 74  ? 4.283   -4.278  -7.319  1.00 13.85 ? 1365 THR A CA  1 
ATOM   433  C C   . THR A 1 74  ? 3.885   -4.905  -5.985  1.00 12.61 ? 1365 THR A C   1 
ATOM   434  O O   . THR A 1 74  ? 4.259   -6.044  -5.732  1.00 13.39 ? 1365 THR A O   1 
ATOM   435  C CB  . THR A 1 74  ? 5.377   -3.261  -7.128  1.00 14.36 ? 1365 THR A CB  1 
ATOM   436  O OG1 . THR A 1 74  ? 5.751   -2.812  -8.437  1.00 16.10 ? 1365 THR A OG1 1 
ATOM   437  C CG2 . THR A 1 74  ? 6.564   -3.803  -6.369  1.00 15.23 ? 1365 THR A CG2 1 
ATOM   438  N N   . VAL A 1 75  ? 3.044   -4.251  -5.203  1.00 12.49 ? 1366 VAL A N   1 
ATOM   439  C CA  . VAL A 1 75  ? 2.591   -4.837  -3.910  1.00 12.64 ? 1366 VAL A CA  1 
ATOM   440  C C   . VAL A 1 75  ? 1.809   -6.125  -4.189  1.00 13.65 ? 1366 VAL A C   1 
ATOM   441  O O   . VAL A 1 75  ? 2.069   -7.142  -3.538  1.00 13.31 ? 1366 VAL A O   1 
ATOM   442  C CB  . VAL A 1 75  ? 1.790   -3.810  -3.088  1.00 12.70 ? 1366 VAL A CB  1 
ATOM   443  C CG1 . VAL A 1 75  ? 1.190   -4.509  -1.905  1.00 13.15 ? 1366 VAL A CG1 1 
ATOM   444  C CG2 . VAL A 1 75  ? 2.616   -2.617  -2.685  1.00 13.49 ? 1366 VAL A CG2 1 
ATOM   445  N N   . ARG A 1 76  ? 0.864   -6.113  -5.123  1.00 12.57 ? 1367 ARG A N   1 
ATOM   446  C CA  . ARG A 1 76  ? 0.067   -7.301  -5.450  1.00 14.54 ? 1367 ARG A CA  1 
ATOM   447  C C   . ARG A 1 76  ? 0.969   -8.430  -5.934  1.00 14.24 ? 1367 ARG A C   1 
ATOM   448  O O   . ARG A 1 76  ? 0.752   -9.602  -5.526  1.00 15.10 ? 1367 ARG A O   1 
ATOM   449  C CB  . ARG A 1 76  ? -0.967  -6.943  -6.507  1.00 16.47 ? 1367 ARG A CB  1 
ATOM   450  C CG  . ARG A 1 76  ? -1.857  -8.109  -6.858  1.00 20.20 ? 1367 ARG A CG  1 
ATOM   451  C CD  . ARG A 1 76  ? -2.759  -7.605  -7.968  1.00 23.85 ? 1367 ARG A CD  1 
ATOM   452  N NE  . ARG A 1 76  ? -4.031  -7.268  -7.413  1.00 26.82 ? 1367 ARG A NE  1 
ATOM   453  C CZ  . ARG A 1 76  ? -4.983  -6.610  -8.070  1.00 27.33 ? 1367 ARG A CZ  1 
ATOM   454  N NH1 . ARG A 1 76  ? -4.732  -6.089  -9.261  1.00 26.63 ? 1367 ARG A NH1 1 
ATOM   455  N NH2 . ARG A 1 76  ? -6.162  -6.468  -7.511  1.00 29.39 ? 1367 ARG A NH2 1 
ATOM   456  N N   . GLU A 1 77  ? 1.910   -8.132  -6.802  1.00 14.17 ? 1368 GLU A N   1 
ATOM   457  C CA  . GLU A 1 77  ? 2.768   -9.193  -7.339  1.00 14.90 ? 1368 GLU A CA  1 
ATOM   458  C C   . GLU A 1 77  ? 3.674   -9.710  -6.225  1.00 14.23 ? 1368 GLU A C   1 
ATOM   459  O O   . GLU A 1 77  ? 3.968   -10.903 -6.221  1.00 15.05 ? 1368 GLU A O   1 
ATOM   460  C CB  . GLU A 1 77  ? 3.550   -8.609  -8.497  1.00 18.50 ? 1368 GLU A CB  1 
ATOM   461  C CG  . GLU A 1 77  ? 2.759   -8.379  -9.765  1.00 23.09 ? 1368 GLU A CG  1 
ATOM   462  C CD  . GLU A 1 77  ? 3.280   -7.275  -10.672 1.00 34.20 ? 1368 GLU A CD  1 
ATOM   463  O OE1 . GLU A 1 77  ? 4.438   -6.827  -10.450 1.00 33.21 ? 1368 GLU A OE1 1 
ATOM   464  O OE2 . GLU A 1 77  ? 2.514   -6.857  -11.599 1.00 39.70 ? 1368 GLU A OE2 1 
ATOM   465  N N   . THR A 1 78  ? 4.164   -8.873  -5.324  1.00 13.75 ? 1369 THR A N   1 
ATOM   466  C CA  . THR A 1 78  ? 4.994   -9.367  -4.206  1.00 12.78 ? 1369 THR A CA  1 
ATOM   467  C C   . THR A 1 78  ? 4.159   -10.316 -3.344  1.00 13.86 ? 1369 THR A C   1 
ATOM   468  O O   . THR A 1 78  ? 4.644   -11.387 -2.946  1.00 14.02 ? 1369 THR A O   1 
ATOM   469  C CB  . THR A 1 78  ? 5.511   -8.171  -3.394  1.00 13.07 ? 1369 THR A CB  1 
ATOM   470  O OG1 . THR A 1 78  ? 6.259   -7.316  -4.275  1.00 14.57 ? 1369 THR A OG1 1 
ATOM   471  C CG2 . THR A 1 78  ? 6.385   -8.594  -2.245  1.00 13.81 ? 1369 THR A CG2 1 
ATOM   472  N N   . LEU A 1 79  ? 2.911   -9.940  -3.068  1.00 12.71 ? 1370 LEU A N   1 
ATOM   473  C CA  . LEU A 1 79  ? 2.009   -10.783 -2.254  1.00 13.42 ? 1370 LEU A CA  1 
ATOM   474  C C   . LEU A 1 79  ? 1.796   -12.111 -2.968  1.00 14.80 ? 1370 LEU A C   1 
ATOM   475  O O   . LEU A 1 79  ? 1.983   -13.214 -2.328  1.00 14.40 ? 1370 LEU A O   1 
ATOM   476  C CB  . LEU A 1 79  ? 0.693   -10.026 -2.064  1.00 12.83 ? 1370 LEU A CB  1 
ATOM   477  C CG  . LEU A 1 79  ? -0.309  -10.728 -1.136  1.00 13.86 ? 1370 LEU A CG  1 
ATOM   478  C CD1 . LEU A 1 79  ? 0.255   -10.801 0.276   1.00 13.59 ? 1370 LEU A CD1 1 
ATOM   479  C CD2 . LEU A 1 79  ? -1.630  -9.983  -1.186  1.00 14.98 ? 1370 LEU A CD2 1 
ATOM   480  N N   . GLU A 1 80  ? 1.455   -12.050 -4.239  1.00 14.44 ? 1371 GLU A N   1 
ATOM   481  C CA  . GLU A 1 80  ? 1.123   -13.270 -4.993  1.00 16.40 ? 1371 GLU A CA  1 
ATOM   482  C C   . GLU A 1 80  ? 2.355   -14.132 -5.195  1.00 16.05 ? 1371 GLU A C   1 
ATOM   483  O O   . GLU A 1 80  ? 2.127   -15.348 -5.309  1.00 18.15 ? 1371 GLU A O   1 
ATOM   484  C CB  . GLU A 1 80  ? 0.432   -12.884 -6.286  1.00 16.75 ? 1371 GLU A CB  1 
ATOM   485  C CG  . GLU A 1 80  ? -0.923  -12.206 -6.041  1.00 23.41 ? 1371 GLU A CG  1 
ATOM   486  C CD  . GLU A 1 80  ? -1.863  -12.982 -5.106  1.00 32.53 ? 1371 GLU A CD  1 
ATOM   487  O OE1 . GLU A 1 80  ? -2.648  -13.754 -5.673  1.00 40.64 ? 1371 GLU A OE1 1 
ATOM   488  O OE2 . GLU A 1 80  ? -1.764  -12.902 -3.801  1.00 26.35 ? 1371 GLU A OE2 1 
ATOM   489  N N   . ALA A 1 81  ? 3.550   -13.593 -5.247  1.00 15.32 ? 1372 ALA A N   1 
ATOM   490  C CA  . ALA A 1 81  ? 4.807   -14.360 -5.343  1.00 16.06 ? 1372 ALA A CA  1 
ATOM   491  C C   . ALA A 1 81  ? 5.094   -15.100 -4.052  1.00 15.80 ? 1372 ALA A C   1 
ATOM   492  O O   . ALA A 1 81  ? 5.996   -15.925 -3.976  1.00 17.07 ? 1372 ALA A O   1 
ATOM   493  C CB  . ALA A 1 81  ? 5.946   -13.450 -5.688  1.00 18.60 ? 1372 ALA A CB  1 
ATOM   494  N N   . GLY A 1 82  ? 4.371   -14.792 -2.966  1.00 15.18 ? 1373 GLY A N   1 
ATOM   495  C CA  . GLY A 1 82  ? 4.736   -15.338 -1.663  1.00 14.08 ? 1373 GLY A CA  1 
ATOM   496  C C   . GLY A 1 82  ? 5.958   -14.696 -1.123  1.00 13.59 ? 1373 GLY A C   1 
ATOM   497  O O   . GLY A 1 82  ? 6.781   -15.327 -0.477  1.00 15.23 ? 1373 GLY A O   1 
ATOM   498  N N   . ASN A 1 83  ? 6.133   -13.389 -1.360  1.00 13.98 ? 1374 ASN A N   1 
ATOM   499  C CA  . ASN A 1 83  ? 7.324   -12.668 -0.913  1.00 13.69 ? 1374 ASN A CA  1 
ATOM   500  C C   . ASN A 1 83  ? 7.049   -11.628 0.198   1.00 13.20 ? 1374 ASN A C   1 
ATOM   501  O O   . ASN A 1 83  ? 7.915   -10.853 0.545   1.00 14.86 ? 1374 ASN A O   1 
ATOM   502  C CB  . ASN A 1 83  ? 8.000   -12.021 -2.099  1.00 15.69 ? 1374 ASN A CB  1 
ATOM   503  C CG  . ASN A 1 83  ? 8.698   -13.026 -2.977  1.00 17.55 ? 1374 ASN A CG  1 
ATOM   504  O OD1 . ASN A 1 83  ? 8.814   -14.245 -2.724  1.00 18.81 ? 1374 ASN A OD1 1 
ATOM   505  N ND2 . ASN A 1 83  ? 9.295   -12.469 -4.007  1.00 18.09 ? 1374 ASN A ND2 1 
ATOM   506  N N   . TYR A 1 84  ? 5.846   -11.682 0.757   1.00 14.04 ? 1375 TYR A N   1 
ATOM   507  C CA  . TYR A 1 84  ? 5.576   -11.043 2.062   1.00 13.86 ? 1375 TYR A CA  1 
ATOM   508  C C   . TYR A 1 84  ? 5.470   -12.144 3.116   1.00 13.69 ? 1375 TYR A C   1 
ATOM   509  O O   . TYR A 1 84  ? 4.732   -13.100 2.881   1.00 15.52 ? 1375 TYR A O   1 
ATOM   510  C CB  . TYR A 1 84  ? 4.320   -10.168 2.023   1.00 13.49 ? 1375 TYR A CB  1 
ATOM   511  C CG  . TYR A 1 84  ? 4.432   -8.889  1.235   1.00 12.22 ? 1375 TYR A CG  1 
ATOM   512  C CD1 . TYR A 1 84  ? 5.433   -7.980  1.473   1.00 12.74 ? 1375 TYR A CD1 1 
ATOM   513  C CD2 . TYR A 1 84  ? 3.506   -8.611  0.273   1.00 12.10 ? 1375 TYR A CD2 1 
ATOM   514  C CE1 . TYR A 1 84  ? 5.502   -6.808  0.754   1.00 12.54 ? 1375 TYR A CE1 1 
ATOM   515  C CE2 . TYR A 1 84  ? 3.546   -7.441  -0.434  1.00 12.84 ? 1375 TYR A CE2 1 
ATOM   516  C CZ  . TYR A 1 84  ? 4.564   -6.541  -0.217  1.00 12.63 ? 1375 TYR A CZ  1 
ATOM   517  O OH  . TYR A 1 84  ? 4.578   -5.415  -0.968  1.00 13.93 ? 1375 TYR A OH  1 
ATOM   518  N N   . GLU A 1 85  ? 6.172   -11.946 4.218   1.00 15.43 ? 1376 GLU A N   1 
ATOM   519  C CA  . GLU A 1 85  ? 5.975   -12.883 5.346   1.00 17.32 ? 1376 GLU A CA  1 
ATOM   520  C C   . GLU A 1 85  ? 4.839   -12.458 6.283   1.00 17.85 ? 1376 GLU A C   1 
ATOM   521  O O   . GLU A 1 85  ? 4.237   -13.314 6.967   1.00 20.73 ? 1376 GLU A O   1 
ATOM   522  C CB  . GLU A 1 85  ? 7.242   -12.913 6.155   1.00 19.16 ? 1376 GLU A CB  1 
ATOM   523  C CG  . GLU A 1 85  ? 7.130   -14.003 7.195   1.00 23.26 ? 1376 GLU A CG  1 
ATOM   524  C CD  . GLU A 1 85  ? 8.397   -14.193 7.996   1.00 25.92 ? 1376 GLU A CD  1 
ATOM   525  O OE1 . GLU A 1 85  ? 9.336   -13.368 7.860   1.00 33.61 ? 1376 GLU A OE1 1 
ATOM   526  O OE2 . GLU A 1 85  ? 8.447   -15.222 8.725   1.00 31.86 ? 1376 GLU A OE2 1 
ATOM   527  N N   . SER A 1 86  ? 4.453   -11.190 6.272   1.00 16.50 ? 1377 SER A N   1 
ATOM   528  C CA  . SER A 1 86  ? 3.483   -10.654 7.254   1.00 16.77 ? 1377 SER A CA  1 
ATOM   529  C C   . SER A 1 86  ? 2.751   -9.508  6.611   1.00 15.46 ? 1377 SER A C   1 
ATOM   530  O O   . SER A 1 86  ? 3.246   -8.879  5.664   1.00 14.48 ? 1377 SER A O   1 
ATOM   531  C CB  . SER A 1 86  ? 4.146   -10.161 8.484   1.00 15.62 ? 1377 SER A CB  1 
ATOM   532  O OG  . SER A 1 86  ? 4.885   -9.002  8.220   1.00 16.27 ? 1377 SER A OG  1 
ATOM   533  N N   . PRO A 1 87  ? 1.558   -9.186  7.127   1.00 13.83 ? 1378 PRO A N   1 
ATOM   534  C CA  . PRO A 1 87  ? 0.868   -8.013  6.614   1.00 13.77 ? 1378 PRO A CA  1 
ATOM   535  C C   . PRO A 1 87  ? 1.572   -6.724  7.008   1.00 14.28 ? 1378 PRO A C   1 
ATOM   536  O O   . PRO A 1 87  ? 1.336   -5.752  6.309   1.00 13.47 ? 1378 PRO A O   1 
ATOM   537  C CB  . PRO A 1 87  ? -0.509  -8.082  7.270   1.00 14.51 ? 1378 PRO A CB  1 
ATOM   538  C CG  . PRO A 1 87  ? -0.295  -8.904  8.544   1.00 13.81 ? 1378 PRO A CG  1 
ATOM   539  C CD  . PRO A 1 87  ? 0.760   -9.914  8.136   1.00 14.84 ? 1378 PRO A CD  1 
ATOM   540  N N   . MET A 1 88  ? 2.419   -6.716  8.015   1.00 12.09 ? 1379 MET A N   1 
ATOM   541  C CA  . MET A 1 88  ? 3.204   -5.528  8.344   1.00 12.36 ? 1379 MET A CA  1 
ATOM   542  C C   . MET A 1 88  ? 4.085   -5.166  7.153   1.00 12.84 ? 1379 MET A C   1 
ATOM   543  O O   . MET A 1 88  ? 4.257   -4.017  6.866   1.00 13.00 ? 1379 MET A O   1 
ATOM   544  C CB  . MET A 1 88  ? 4.027   -5.718  9.619   1.00 13.30 ? 1379 MET A CB  1 
ATOM   545  C CG  . MET A 1 88  ? 3.155   -5.921  10.844  1.00 14.16 ? 1379 MET A CG  1 
ATOM   546  S SD  . MET A 1 88  ? 2.549   -7.594  11.136  1.00 16.63 ? 1379 MET A SD  1 
ATOM   547  C CE  . MET A 1 88  ? 4.037   -8.277  11.858  1.00 17.76 ? 1379 MET A CE  1 
ATOM   548  N N   . GLU A 1 89  ? 4.676   -6.175  6.517   1.00 12.53 ? 1380 GLU A N   1 
ATOM   549  C CA  . GLU A 1 89  ? 5.591   -5.877  5.406   1.00 13.07 ? 1380 GLU A CA  1 
ATOM   550  C C   . GLU A 1 89  ? 4.798   -5.250  4.274   1.00 12.43 ? 1380 GLU A C   1 
ATOM   551  O O   . GLU A 1 89  ? 5.254   -4.327  3.625   1.00 12.61 ? 1380 GLU A O   1 
ATOM   552  C CB  . GLU A 1 89  ? 6.255   -7.150  4.897   1.00 14.29 ? 1380 GLU A CB  1 
ATOM   553  C CG  . GLU A 1 89  ? 7.215   -7.723  5.877   1.00 14.59 ? 1380 GLU A CG  1 
ATOM   554  C CD  . GLU A 1 89  ? 7.877   -8.981  5.389   1.00 15.87 ? 1380 GLU A CD  1 
ATOM   555  O OE1 . GLU A 1 89  ? 7.399   -9.532  4.426   1.00 16.45 ? 1380 GLU A OE1 1 
ATOM   556  O OE2 . GLU A 1 89  ? 8.866   -9.409  6.047   1.00 20.80 ? 1380 GLU A OE2 1 
ATOM   557  N N   . LEU A 1 90  ? 3.630   -5.817  3.955   1.00 11.43 ? 1381 LEU A N   1 
ATOM   558  C CA  . LEU A 1 90  ? 2.750   -5.270  2.895   1.00 12.25 ? 1381 LEU A CA  1 
ATOM   559  C C   . LEU A 1 90  ? 2.361   -3.833  3.230   1.00 12.76 ? 1381 LEU A C   1 
ATOM   560  O O   . LEU A 1 90  ? 2.400   -2.945  2.373   1.00 12.01 ? 1381 LEU A O   1 
ATOM   561  C CB  . LEU A 1 90  ? 1.535   -6.183  2.700   1.00 12.28 ? 1381 LEU A CB  1 
ATOM   562  C CG  . LEU A 1 90  ? 0.516   -5.704  1.672   1.00 12.71 ? 1381 LEU A CG  1 
ATOM   563  C CD1 . LEU A 1 90  ? -0.097  -6.875  0.938   1.00 12.64 ? 1381 LEU A CD1 1 
ATOM   564  C CD2 . LEU A 1 90  ? -0.521  -4.778  2.285   1.00 13.26 ? 1381 LEU A CD2 1 
ATOM   565  N N   . CYS A 1 91  ? 1.982   -3.617  4.488   0.50 12.87 ? 1382 CYS A N   1 
ATOM   566  C CA  . CYS A 1 91  ? 1.591   -2.284  4.994   0.50 13.18 ? 1382 CYS A CA  1 
ATOM   567  C C   . CYS A 1 91  ? 2.743   -1.295  4.760   0.50 13.19 ? 1382 CYS A C   1 
ATOM   568  O O   . CYS A 1 91  ? 2.481   -0.191  4.251   0.50 13.04 ? 1382 CYS A O   1 
ATOM   569  C CB  . CYS A 1 91  ? 1.168   -2.405  6.449   0.50 13.58 ? 1382 CYS A CB  1 
ATOM   570  S SG  . CYS A 1 91  ? 0.178   -0.995  6.986   0.50 14.68 ? 1382 CYS A SG  1 
ATOM   571  N N   . LYS A 1 92  ? 3.981   -1.694  5.054   1.00 12.84 ? 1383 LYS A N   1 
ATOM   572  C CA  . LYS A 1 92  ? 5.130   -0.815  4.887   1.00 14.03 ? 1383 LYS A CA  1 
ATOM   573  C C   . LYS A 1 92  ? 5.221   -0.407  3.419   1.00 13.38 ? 1383 LYS A C   1 
ATOM   574  O O   . LYS A 1 92  ? 5.454   0.777   3.147   1.00 13.83 ? 1383 LYS A O   1 
ATOM   575  C CB  . LYS A 1 92  ? 6.375   -1.535  5.363   1.00 15.43 ? 1383 LYS A CB  1 
ATOM   576  C CG  . LYS A 1 92  ? 7.634   -0.709  5.290   1.00 18.99 ? 1383 LYS A CG  1 
ATOM   577  C CD  . LYS A 1 92  ? 8.843   -1.394  5.880   1.00 23.56 ? 1383 LYS A CD  1 
ATOM   578  C CE  . LYS A 1 92  ? 10.122  -0.933  5.198   1.00 31.15 ? 1383 LYS A CE  1 
ATOM   579  N NZ  . LYS A 1 92  ? 11.348  -1.249  5.990   1.00 35.58 ? 1383 LYS A NZ  1 
ATOM   580  N N   . ASP A 1 93  ? 5.070   -1.342  2.494   1.00 12.50 ? 1384 ASP A N   1 
ATOM   581  C CA  . ASP A 1 93  ? 5.178   -0.986  1.075   1.00 12.34 ? 1384 ASP A CA  1 
ATOM   582  C C   . ASP A 1 93  ? 4.003   -0.087  0.648   1.00 11.28 ? 1384 ASP A C   1 
ATOM   583  O O   . ASP A 1 93  ? 4.192   0.852   -0.107  1.00 11.10 ? 1384 ASP A O   1 
ATOM   584  C CB  . ASP A 1 93  ? 5.234   -2.206  0.179   1.00 12.51 ? 1384 ASP A CB  1 
ATOM   585  C CG  . ASP A 1 93  ? 6.581   -2.892  0.144   1.00 14.17 ? 1384 ASP A CG  1 
ATOM   586  O OD1 . ASP A 1 93  ? 7.556   -2.316  0.708   1.00 17.78 ? 1384 ASP A OD1 1 
ATOM   587  O OD2 . ASP A 1 93  ? 6.655   -3.994  -0.390  1.00 15.11 ? 1384 ASP A OD2 1 
ATOM   588  N N   . VAL A 1 94  ? 2.806   -0.360  1.144   1.00 11.31 ? 1385 VAL A N   1 
ATOM   589  C CA  . VAL A 1 94  ? 1.652   0.487   0.747   1.00 11.34 ? 1385 VAL A CA  1 
ATOM   590  C C   . VAL A 1 94  ? 1.914   1.889   1.301   1.00 11.98 ? 1385 VAL A C   1 
ATOM   591  O O   . VAL A 1 94  ? 1.674   2.892   0.612   1.00 11.79 ? 1385 VAL A O   1 
ATOM   592  C CB  . VAL A 1 94  ? 0.328   -0.099  1.227   1.00 11.65 ? 1385 VAL A CB  1 
ATOM   593  C CG1 . VAL A 1 94  ? -0.789  0.893   1.055   1.00 11.42 ? 1385 VAL A CG1 1 
ATOM   594  C CG2 . VAL A 1 94  ? 0.007   -1.363  0.462   1.00 12.20 ? 1385 VAL A CG2 1 
ATOM   595  N N   . ARG A 1 95  ? 2.382   1.999   2.544   1.00 11.34 ? 1386 ARG A N   1 
ATOM   596  C CA  . ARG A 1 95  ? 2.635   3.322   3.117   1.00 11.26 ? 1386 ARG A CA  1 
ATOM   597  C C   . ARG A 1 95  ? 3.690   4.046   2.313   1.00 12.39 ? 1386 ARG A C   1 
ATOM   598  O O   . ARG A 1 95  ? 3.646   5.270   2.239   1.00 12.69 ? 1386 ARG A O   1 
ATOM   599  C CB  . ARG A 1 95  ? 2.939   3.200   4.596   1.00 11.77 ? 1386 ARG A CB  1 
ATOM   600  C CG  . ARG A 1 95  ? 1.677   2.892   5.379   1.00 13.32 ? 1386 ARG A CG  1 
ATOM   601  C CD  . ARG A 1 95  ? 2.020   2.449   6.774   1.00 14.92 ? 1386 ARG A CD  1 
ATOM   602  N NE  . ARG A 1 95  ? 0.854   2.256   7.584   1.00 15.69 ? 1386 ARG A NE  1 
ATOM   603  C CZ  . ARG A 1 95  ? 0.862   1.830   8.842   1.00 19.17 ? 1386 ARG A CZ  1 
ATOM   604  N NH1 . ARG A 1 95  ? 1.985   1.435   9.409   1.00 19.45 ? 1386 ARG A NH1 1 
ATOM   605  N NH2 . ARG A 1 95  ? -0.278  1.709   9.499   1.00 20.83 ? 1386 ARG A NH2 1 
ATOM   606  N N   . LEU A 1 96  ? 4.630   3.336   1.745   1.00 12.06 ? 1387 LEU A N   1 
ATOM   607  C CA  . LEU A 1 96  ? 5.705   3.935   0.909   1.00 12.26 ? 1387 LEU A CA  1 
ATOM   608  C C   . LEU A 1 96  ? 5.082   4.533   -0.353  1.00 12.55 ? 1387 LEU A C   1 
ATOM   609  O O   . LEU A 1 96  ? 5.523   5.590   -0.790  1.00 12.23 ? 1387 LEU A O   1 
ATOM   610  C CB  . LEU A 1 96  ? 6.708   2.850   0.552   1.00 13.43 ? 1387 LEU A CB  1 
ATOM   611  C CG  . LEU A 1 96  ? 7.862   3.242   -0.355  1.00 14.12 ? 1387 LEU A CG  1 
ATOM   612  C CD1 . LEU A 1 96  ? 8.681   4.324   0.272   1.00 14.97 ? 1387 LEU A CD1 1 
ATOM   613  C CD2 . LEU A 1 96  ? 8.729   2.018   -0.649  1.00 14.18 ? 1387 LEU A CD2 1 
ATOM   614  N N   . ILE A 1 97  ? 4.047   3.900   -0.911  1.00 12.45 ? 1388 ILE A N   1 
ATOM   615  C CA  . ILE A 1 97  ? 3.337   4.524   -2.065  1.00 11.00 ? 1388 ILE A CA  1 
ATOM   616  C C   . ILE A 1 97  ? 2.900   5.917   -1.653  1.00 11.74 ? 1388 ILE A C   1 
ATOM   617  O O   . ILE A 1 97  ? 3.077   6.905   -2.387  1.00 12.39 ? 1388 ILE A O   1 
ATOM   618  C CB  . ILE A 1 97  ? 2.140   3.672   -2.507  1.00 11.82 ? 1388 ILE A CB  1 
ATOM   619  C CG1 . ILE A 1 97  ? 2.602   2.295   -2.956  1.00 11.31 ? 1388 ILE A CG1 1 
ATOM   620  C CG2 . ILE A 1 97  ? 1.326   4.376   -3.578  1.00 12.08 ? 1388 ILE A CG2 1 
ATOM   621  C CD1 . ILE A 1 97  ? 1.468   1.305   -3.202  1.00 11.65 ? 1388 ILE A CD1 1 
ATOM   622  N N   . PHE A 1 98  ? 2.317   6.011   -0.460  1.00 10.73 ? 1389 PHE A N   1 
ATOM   623  C CA  . PHE A 1 98  ? 1.731   7.297   -0.047  1.00 11.88 ? 1389 PHE A CA  1 
ATOM   624  C C   . PHE A 1 98  ? 2.837   8.261   0.338   1.00 12.52 ? 1389 PHE A C   1 
ATOM   625  O O   . PHE A 1 98  ? 2.702   9.449   0.030   1.00 13.40 ? 1389 PHE A O   1 
ATOM   626  C CB  . PHE A 1 98  ? 0.709   7.077   1.054   1.00 12.66 ? 1389 PHE A CB  1 
ATOM   627  C CG  . PHE A 1 98  ? -0.402  6.149   0.662   1.00 12.93 ? 1389 PHE A CG  1 
ATOM   628  C CD1 . PHE A 1 98  ? -1.082  6.317   -0.532  1.00 14.31 ? 1389 PHE A CD1 1 
ATOM   629  C CD2 . PHE A 1 98  ? -0.789  5.140   1.510   1.00 13.84 ? 1389 PHE A CD2 1 
ATOM   630  C CE1 . PHE A 1 98  ? -2.143  5.476   -0.879  1.00 15.48 ? 1389 PHE A CE1 1 
ATOM   631  C CE2 . PHE A 1 98  ? -1.846  4.312   1.137   1.00 13.61 ? 1389 PHE A CE2 1 
ATOM   632  C CZ  . PHE A 1 98  ? -2.502  4.506   -0.029  1.00 14.99 ? 1389 PHE A CZ  1 
ATOM   633  N N   . SER A 1 99  ? 3.882   7.816   1.030   1.00 12.28 ? 1390 SER A N   1 
ATOM   634  C CA  . SER A 1 99  ? 4.952   8.771   1.392   1.00 12.47 ? 1390 SER A CA  1 
ATOM   635  C C   . SER A 1 99  ? 5.656   9.253   0.128   1.00 12.65 ? 1390 SER A C   1 
ATOM   636  O O   . SER A 1 99  ? 6.058   10.419  0.080   1.00 13.35 ? 1390 SER A O   1 
ATOM   637  C CB  . SER A 1 99  ? 5.901   8.196   2.406   1.00 13.22 ? 1390 SER A CB  1 
ATOM   638  O OG  . SER A 1 99  ? 6.528   7.043   1.975   1.00 16.37 ? 1390 SER A OG  1 
ATOM   639  N N   . ASN A 1 100 ? 5.803   8.394   -0.885  0.35 13.19 ? 1391 ASN A N   1 
ATOM   640  C CA  . ASN A 1 100 ? 6.383   8.764   -2.206  0.35 14.05 ? 1391 ASN A CA  1 
ATOM   641  C C   . ASN A 1 100 ? 5.536   9.856   -2.869  0.35 14.76 ? 1391 ASN A C   1 
ATOM   642  O O   . ASN A 1 100 ? 6.092   10.725  -3.582  0.35 14.58 ? 1391 ASN A O   1 
ATOM   643  C CB  . ASN A 1 100 ? 6.446   7.585   -3.178  0.35 14.76 ? 1391 ASN A CB  1 
ATOM   644  C CG  . ASN A 1 100 ? 7.658   6.686   -2.993  0.35 15.17 ? 1391 ASN A CG  1 
ATOM   645  O OD1 . ASN A 1 100 ? 8.515   6.903   -2.106  0.35 17.69 ? 1391 ASN A OD1 1 
ATOM   646  N ND2 . ASN A 1 100 ? 7.746   5.667   -3.843  0.35 15.14 ? 1391 ASN A ND2 1 
ATOM   647  N N   . SER A 1 101 ? 4.220   9.790   -2.710  0.35 15.17 ? 1392 SER A N   1 
ATOM   648  C CA  . SER A 1 101 ? 3.311   10.795  -3.308  0.35 16.01 ? 1392 SER A CA  1 
ATOM   649  C C   . SER A 1 101 ? 3.532   12.140  -2.609  0.35 16.76 ? 1392 SER A C   1 
ATOM   650  O O   . SER A 1 101 ? 3.785   13.171  -3.313  0.35 20.07 ? 1392 SER A O   1 
ATOM   651  C CB  . SER A 1 101 ? 1.886   10.337  -3.243  0.35 15.62 ? 1392 SER A CB  1 
ATOM   652  O OG  . SER A 1 101 ? 1.128   10.951  -4.274  0.35 15.43 ? 1392 SER A OG  1 
ATOM   653  N N   . LYS A 1 102 ? 3.497   12.124  -1.271  0.35 15.94 ? 1393 LYS A N   1 
ATOM   654  C CA  . LYS A 1 102 ? 3.735   13.318  -0.428  0.35 16.14 ? 1393 LYS A CA  1 
ATOM   655  C C   . LYS A 1 102 ? 5.088   13.930  -0.807  0.35 15.68 ? 1393 LYS A C   1 
ATOM   656  O O   . LYS A 1 102 ? 5.141   15.138  -1.095  0.35 15.19 ? 1393 LYS A O   1 
ATOM   657  C CB  . LYS A 1 102 ? 3.672   12.903  1.041   0.35 16.30 ? 1393 LYS A CB  1 
ATOM   658  C CG  . LYS A 1 102 ? 3.528   14.038  2.042   0.35 16.54 ? 1393 LYS A CG  1 
ATOM   659  C CD  . LYS A 1 102 ? 3.227   13.525  3.423   0.35 17.16 ? 1393 LYS A CD  1 
ATOM   660  C CE  . LYS A 1 102 ? 2.957   14.617  4.438   0.35 17.75 ? 1393 LYS A CE  1 
ATOM   661  N NZ  . LYS A 1 102 ? 2.672   14.052  5.776   0.35 18.62 ? 1393 LYS A NZ  1 
ATOM   662  N N   . ALA A 1 103 ? 6.139   13.119  -0.857  1.00 15.37 ? 1394 ALA A N   1 
ATOM   663  C CA  . ALA A 1 103 ? 7.494   13.648  -1.093  1.00 15.80 ? 1394 ALA A CA  1 
ATOM   664  C C   . ALA A 1 103 ? 7.519   14.280  -2.480  1.00 16.47 ? 1394 ALA A C   1 
ATOM   665  O O   . ALA A 1 103 ? 8.244   15.284  -2.683  1.00 17.20 ? 1394 ALA A O   1 
ATOM   666  C CB  . ALA A 1 103 ? 8.478   12.538  -0.922  1.00 14.85 ? 1394 ALA A CB  1 
ATOM   667  N N   . TYR A 1 104 ? 6.870   13.695  -3.470  1.00 14.77 ? 1395 TYR A N   1 
ATOM   668  C CA  . TYR A 1 104 ? 7.002   14.185  -4.854  1.00 15.55 ? 1395 TYR A CA  1 
ATOM   669  C C   . TYR A 1 104 ? 6.082   15.360  -5.155  1.00 16.51 ? 1395 TYR A C   1 
ATOM   670  O O   . TYR A 1 104 ? 6.325   16.089  -6.109  1.00 15.88 ? 1395 TYR A O   1 
ATOM   671  C CB  . TYR A 1 104 ? 6.855   13.070  -5.862  1.00 16.56 ? 1395 TYR A CB  1 
ATOM   672  C CG  . TYR A 1 104 ? 7.244   13.500  -7.250  1.00 16.93 ? 1395 TYR A CG  1 
ATOM   673  C CD1 . TYR A 1 104 ? 8.563   13.757  -7.587  1.00 18.04 ? 1395 TYR A CD1 1 
ATOM   674  C CD2 . TYR A 1 104 ? 6.268   13.719  -8.195  1.00 19.56 ? 1395 TYR A CD2 1 
ATOM   675  C CE1 . TYR A 1 104 ? 8.884   14.220  -8.860  1.00 17.85 ? 1395 TYR A CE1 1 
ATOM   676  C CE2 . TYR A 1 104 ? 6.566   14.194  -9.454  1.00 20.05 ? 1395 TYR A CE2 1 
ATOM   677  C CZ  . TYR A 1 104 ? 7.880   14.404  -9.792  1.00 18.57 ? 1395 TYR A CZ  1 
ATOM   678  O OH  . TYR A 1 104 ? 8.191   14.860  -11.048 1.00 23.65 ? 1395 TYR A OH  1 
ATOM   679  N N   . THR A 1 105 ? 5.029   15.561  -4.354  0.35 17.03 ? 1396 THR A N   1 
ATOM   680  C CA  . THR A 1 105 ? 3.970   16.564  -4.648  0.35 17.22 ? 1396 THR A CA  1 
ATOM   681  C C   . THR A 1 105 ? 4.526   17.984  -4.536  0.35 18.24 ? 1396 THR A C   1 
ATOM   682  O O   . THR A 1 105 ? 5.077   18.360  -3.496  0.35 17.65 ? 1396 THR A O   1 
ATOM   683  C CB  . THR A 1 105 ? 2.733   16.390  -3.755  0.35 17.41 ? 1396 THR A CB  1 
ATOM   684  O OG1 . THR A 1 105 ? 1.724   17.289  -4.215  0.35 17.77 ? 1396 THR A OG1 1 
ATOM   685  C CG2 . THR A 1 105 ? 2.971   16.675  -2.290  0.35 17.80 ? 1396 THR A CG2 1 
ATOM   686  N N   . PRO A 1 106 ? 4.322   18.844  -5.563  1.00 18.55 ? 1397 PRO A N   1 
ATOM   687  C CA  . PRO A 1 106 ? 4.805   20.217  -5.489  1.00 20.20 ? 1397 PRO A CA  1 
ATOM   688  C C   . PRO A 1 106 ? 3.920   21.012  -4.544  1.00 20.31 ? 1397 PRO A C   1 
ATOM   689  O O   . PRO A 1 106 ? 4.308   22.099  -4.139  1.00 19.80 ? 1397 PRO A O   1 
ATOM   690  C CB  . PRO A 1 106 ? 4.656   20.718  -6.937  1.00 21.30 ? 1397 PRO A CB  1 
ATOM   691  C CG  . PRO A 1 106 ? 3.536   19.886  -7.556  1.00 22.05 ? 1397 PRO A CG  1 
ATOM   692  C CD  . PRO A 1 106 ? 3.591   18.565  -6.809  1.00 19.69 ? 1397 PRO A CD  1 
ATOM   693  N N   . SER A 1 107 ? 2.741   20.489  -4.213  1.00 18.47 ? 1398 SER A N   1 
ATOM   694  C CA  . SER A 1 107 ? 1.727   21.185  -3.409  1.00 19.15 ? 1398 SER A CA  1 
ATOM   695  C C   . SER A 1 107 ? 0.886   20.199  -2.611  1.00 17.96 ? 1398 SER A C   1 
ATOM   696  O O   . SER A 1 107 ? 0.553   19.121  -3.113  1.00 17.26 ? 1398 SER A O   1 
ATOM   697  C CB  . SER A 1 107 ? 0.861   21.978  -4.307  1.00 19.98 ? 1398 SER A CB  1 
ATOM   698  O OG  . SER A 1 107 ? -0.210  22.464  -3.596  1.00 22.40 ? 1398 SER A OG  1 
ATOM   699  N N   . LYS A 1 108 ? 0.462   20.594  -1.421  1.00 20.61 ? 1399 LYS A N   1 
ATOM   700  C CA  . LYS A 1 108 ? -0.411  19.732  -0.616  1.00 22.94 ? 1399 LYS A CA  1 
ATOM   701  C C   . LYS A 1 108 ? -1.804  19.770  -1.220  1.00 21.97 ? 1399 LYS A C   1 
ATOM   702  O O   . LYS A 1 108 ? -2.631  18.958  -0.762  1.00 22.60 ? 1399 LYS A O   1 
ATOM   703  C CB  . LYS A 1 108 ? -0.256  20.109  0.855   1.00 28.07 ? 1399 LYS A CB  1 
ATOM   704  C CG  . LYS A 1 108 ? 1.043   19.520  1.401   1.00 30.92 ? 1399 LYS A CG  1 
ATOM   705  C CD  . LYS A 1 108 ? 1.365   19.823  2.849   1.00 33.26 ? 1399 LYS A CD  1 
ATOM   706  C CE  . LYS A 1 108 ? 2.561   19.050  3.356   1.00 33.96 ? 1399 LYS A CE  1 
ATOM   707  N NZ  . LYS A 1 108 ? 2.486   18.874  4.824   1.00 35.58 ? 1399 LYS A NZ  1 
ATOM   708  N N   . ARG A 1 109 ? -2.060  20.636  -2.213  1.00 21.19 ? 1400 ARG A N   1 
ATOM   709  C CA  . ARG A 1 109 ? -3.373  20.792  -2.892  1.00 23.95 ? 1400 ARG A CA  1 
ATOM   710  C C   . ARG A 1 109 ? -3.400  20.073  -4.245  1.00 22.96 ? 1400 ARG A C   1 
ATOM   711  O O   . ARG A 1 109 ? -4.393  20.175  -4.936  1.00 27.59 ? 1400 ARG A O   1 
ATOM   712  C CB  . ARG A 1 109 ? -3.688  22.282  -3.092  1.00 28.42 ? 1400 ARG A CB  1 
ATOM   713  C CG  . ARG A 1 109 ? -3.894  23.038  -1.788  1.00 34.43 ? 1400 ARG A CG  1 
ATOM   714  C CD  . ARG A 1 109 ? -4.096  24.521  -2.016  1.00 36.99 ? 1400 ARG A CD  1 
ATOM   715  N NE  . ARG A 1 109 ? -5.400  24.740  -2.625  1.00 42.19 ? 1400 ARG A NE  1 
ATOM   716  C CZ  . ARG A 1 109 ? -5.624  25.317  -3.808  1.00 44.36 ? 1400 ARG A CZ  1 
ATOM   717  N NH1 . ARG A 1 109 ? -4.619  25.764  -4.548  1.00 52.66 ? 1400 ARG A NH1 1 
ATOM   718  N NH2 . ARG A 1 109 ? -6.869  25.453  -4.244  1.00 45.20 ? 1400 ARG A NH2 1 
ATOM   719  N N   . SER A 1 110 ? -2.300  19.406  -4.601  0.35 21.56 ? 1401 SER A N   1 
ATOM   720  C CA  . SER A 1 110 ? -2.144  18.597  -5.837  0.35 19.99 ? 1401 SER A CA  1 
ATOM   721  C C   . SER A 1 110 ? -3.330  17.640  -5.995  0.35 18.49 ? 1401 SER A C   1 
ATOM   722  O O   . SER A 1 110 ? -3.871  17.168  -4.967  0.35 18.03 ? 1401 SER A O   1 
ATOM   723  C CB  . SER A 1 110 ? -0.844  17.832  -5.809  0.35 20.89 ? 1401 SER A CB  1 
ATOM   724  O OG  . SER A 1 110 ? -0.957  16.606  -6.518  0.35 21.72 ? 1401 SER A OG  1 
ATOM   725  N N   . ARG A 1 111 ? -3.713  17.355  -7.239  1.00 17.30 ? 1402 ARG A N   1 
ATOM   726  C CA  . ARG A 1 111 ? -4.740  16.334  -7.498  1.00 15.86 ? 1402 ARG A CA  1 
ATOM   727  C C   . ARG A 1 111 ? -4.242  14.961  -7.068  1.00 15.82 ? 1402 ARG A C   1 
ATOM   728  O O   . ARG A 1 111 ? -4.948  14.266  -6.340  1.00 15.45 ? 1402 ARG A O   1 
ATOM   729  C CB  . ARG A 1 111 ? -5.058  16.272  -9.000  1.00 16.35 ? 1402 ARG A CB  1 
ATOM   730  C CG  . ARG A 1 111 ? -6.091  15.217  -9.364  1.00 17.42 ? 1402 ARG A CG  1 
ATOM   731  C CD  . ARG A 1 111 ? -7.467  15.688  -8.974  1.00 18.93 ? 1402 ARG A CD  1 
ATOM   732  N NE  . ARG A 1 111 ? -8.475  14.629  -8.928  1.00 24.56 ? 1402 ARG A NE  1 
ATOM   733  C CZ  . ARG A 1 111 ? -9.094  14.107  -9.977  1.00 26.06 ? 1402 ARG A CZ  1 
ATOM   734  N NH1 . ARG A 1 111 ? -8.918  14.601  -11.187 1.00 23.85 ? 1402 ARG A NH1 1 
ATOM   735  N NH2 . ARG A 1 111 ? -9.985  13.138  -9.805  1.00 32.62 ? 1402 ARG A NH2 1 
ATOM   736  N N   . ILE A 1 112 ? -3.074  14.557  -7.547  0.35 15.60 ? 1403 ILE A N   1 
ATOM   737  C CA  . ILE A 1 112 ? -2.599  13.157  -7.341  0.35 15.25 ? 1403 ILE A CA  1 
ATOM   738  C C   . ILE A 1 112 ? -2.290  12.960  -5.851  0.35 15.47 ? 1403 ILE A C   1 
ATOM   739  O O   . ILE A 1 112 ? -2.661  11.886  -5.326  0.35 15.80 ? 1403 ILE A O   1 
ATOM   740  C CB  . ILE A 1 112 ? -1.443  12.806  -8.297  0.35 15.10 ? 1403 ILE A CB  1 
ATOM   741  C CG1 . ILE A 1 112 ? -1.976  12.660  -9.724  0.35 15.32 ? 1403 ILE A CG1 1 
ATOM   742  C CG2 . ILE A 1 112 ? -0.723  11.543  -7.842  0.35 15.21 ? 1403 ILE A CG2 1 
ATOM   743  C CD1 . ILE A 1 112 ? -0.944  12.887  -10.801 0.35 15.53 ? 1403 ILE A CD1 1 
ATOM   744  N N   . TYR A 1 113 ? -1.720  13.966  -5.170  1.00 14.05 ? 1404 TYR A N   1 
ATOM   745  C CA  . TYR A 1 113 ? -1.474  13.891  -3.712  1.00 14.29 ? 1404 TYR A CA  1 
ATOM   746  C C   . TYR A 1 113 ? -2.811  13.802  -2.967  1.00 14.74 ? 1404 TYR A C   1 
ATOM   747  O O   . TYR A 1 113 ? -2.950  13.019  -2.048  1.00 14.50 ? 1404 TYR A O   1 
ATOM   748  C CB  . TYR A 1 113 ? -0.616  15.044  -3.209  1.00 15.27 ? 1404 TYR A CB  1 
ATOM   749  C CG  . TYR A 1 113 ? -0.469  15.064  -1.712  1.00 14.55 ? 1404 TYR A CG  1 
ATOM   750  C CD1 . TYR A 1 113 ? 0.193   14.036  -1.042  1.00 15.38 ? 1404 TYR A CD1 1 
ATOM   751  C CD2 . TYR A 1 113 ? -0.962  16.133  -0.957  1.00 14.76 ? 1404 TYR A CD2 1 
ATOM   752  C CE1 . TYR A 1 113 ? 0.364   14.078  0.337   1.00 15.51 ? 1404 TYR A CE1 1 
ATOM   753  C CE2 . TYR A 1 113 ? -0.794  16.182  0.408   1.00 17.93 ? 1404 TYR A CE2 1 
ATOM   754  C CZ  . TYR A 1 113 ? -0.095  15.169  1.044   1.00 15.61 ? 1404 TYR A CZ  1 
ATOM   755  O OH  . TYR A 1 113 ? -0.003  15.238  2.403   1.00 19.40 ? 1404 TYR A OH  1 
ATOM   756  N N   A SER A 1 114 ? -3.805  14.597  -3.376  0.17 15.46 ? 1405 SER A N   1 
ATOM   757  N N   B SER A 1 114 ? -3.806  14.591  -3.364  0.18 15.31 ? 1405 SER A N   1 
ATOM   758  C CA  A SER A 1 114 ? -5.153  14.600  -2.747  0.17 15.91 ? 1405 SER A CA  1 
ATOM   759  C CA  B SER A 1 114 ? -5.133  14.576  -2.703  0.18 15.68 ? 1405 SER A CA  1 
ATOM   760  C C   A SER A 1 114 ? -5.787  13.207  -2.855  0.17 15.30 ? 1405 SER A C   1 
ATOM   761  C C   B SER A 1 114 ? -5.794  13.197  -2.850  0.18 15.15 ? 1405 SER A C   1 
ATOM   762  O O   A SER A 1 114 ? -6.475  12.788  -1.902  0.17 15.31 ? 1405 SER A O   1 
ATOM   763  O O   B SER A 1 114 ? -6.502  12.771  -1.915  0.18 15.12 ? 1405 SER A O   1 
ATOM   764  C CB  A SER A 1 114 ? -6.071  15.648  -3.331  0.17 17.15 ? 1405 SER A CB  1 
ATOM   765  C CB  B SER A 1 114 ? -6.016  15.659  -3.230  0.18 16.82 ? 1405 SER A CB  1 
ATOM   766  O OG  A SER A 1 114 ? -6.550  15.276  -4.614  0.17 17.76 ? 1405 SER A OG  1 
ATOM   767  O OG  B SER A 1 114 ? -5.451  16.924  -2.924  0.18 17.04 ? 1405 SER A OG  1 
ATOM   768  N N   . MET A 1 115 ? -5.596  12.539  -3.989  1.00 14.26 ? 1406 MET A N   1 
ATOM   769  C CA  . MET A 1 115 ? -6.100  11.171  -4.220  1.00 14.20 ? 1406 MET A CA  1 
ATOM   770  C C   . MET A 1 115 ? -5.347  10.236  -3.248  1.00 12.64 ? 1406 MET A C   1 
ATOM   771  O O   . MET A 1 115 ? -5.994  9.366   -2.639  1.00 12.66 ? 1406 MET A O   1 
ATOM   772  C CB  . MET A 1 115 ? -5.860  10.773  -5.659  1.00 14.02 ? 1406 MET A CB  1 
ATOM   773  C CG  . MET A 1 115 ? -6.709  11.531  -6.619  1.00 14.24 ? 1406 MET A CG  1 
ATOM   774  S SD  . MET A 1 115 ? -6.222  11.378  -8.334  1.00 18.22 ? 1406 MET A SD  1 
ATOM   775  C CE  . MET A 1 115 ? -6.857  9.798   -8.686  1.00 17.98 ? 1406 MET A CE  1 
ATOM   776  N N   . SER A 1 116 ? -4.046  10.453  -3.041  1.00 13.20 ? 1407 SER A N   1 
ATOM   777  C CA  . SER A 1 116 ? -3.258  9.592   -2.155  1.00 12.60 ? 1407 SER A CA  1 
ATOM   778  C C   . SER A 1 116 ? -3.815  9.689   -0.753  1.00 12.63 ? 1407 SER A C   1 
ATOM   779  O O   . SER A 1 116 ? -3.868  8.698   -0.070  1.00 13.83 ? 1407 SER A O   1 
ATOM   780  C CB  . SER A 1 116 ? -1.783  9.924   -2.198  1.00 14.20 ? 1407 SER A CB  1 
ATOM   781  O OG  . SER A 1 116 ? -1.414  11.000  -1.387  1.00 14.91 ? 1407 SER A OG  1 
ATOM   782  N N   . LEU A 1 117 ? -4.225  10.880  -0.325  1.00 12.03 ? 1408 LEU A N   1 
ATOM   783  C CA  . LEU A 1 117 ? -4.647  11.017  1.077   1.00 13.93 ? 1408 LEU A CA  1 
ATOM   784  C C   . LEU A 1 117 ? -5.965  10.272  1.297   1.00 13.03 ? 1408 LEU A C   1 
ATOM   785  O O   . LEU A 1 117 ? -6.144  9.671   2.353   1.00 13.72 ? 1408 LEU A O   1 
ATOM   786  C CB  . LEU A 1 117 ? -4.787  12.479  1.437   1.00 14.48 ? 1408 LEU A CB  1 
ATOM   787  C CG  . LEU A 1 117 ? -3.492  13.278  1.517   1.00 16.44 ? 1408 LEU A CG  1 
ATOM   788  C CD1 . LEU A 1 117 ? -3.815  14.685  1.960   1.00 18.18 ? 1408 LEU A CD1 1 
ATOM   789  C CD2 . LEU A 1 117 ? -2.475  12.647  2.462   1.00 18.68 ? 1408 LEU A CD2 1 
ATOM   790  N N   . ARG A 1 118 ? -6.881  10.346  0.328   1.00 13.10 ? 1409 ARG A N   1 
ATOM   791  C CA  . ARG A 1 118 ? -8.141  9.610   0.498   1.00 12.49 ? 1409 ARG A CA  1 
ATOM   792  C C   . ARG A 1 118 ? -7.886  8.118   0.448   1.00 12.95 ? 1409 ARG A C   1 
ATOM   793  O O   . ARG A 1 118 ? -8.440  7.357   1.267   1.00 13.36 ? 1409 ARG A O   1 
ATOM   794  C CB  . ARG A 1 118 ? -9.144  10.005  -0.583  1.00 13.52 ? 1409 ARG A CB  1 
ATOM   795  C CG  . ARG A 1 118 ? -9.686  11.437  -0.485  1.00 13.68 ? 1409 ARG A CG  1 
ATOM   796  C CD  . ARG A 1 118 ? -10.840 11.605  -1.449  1.00 14.56 ? 1409 ARG A CD  1 
ATOM   797  N NE  . ARG A 1 118 ? -10.473 11.533  -2.825  1.00 14.82 ? 1409 ARG A NE  1 
ATOM   798  C CZ  . ARG A 1 118 ? -10.122 12.546  -3.603  1.00 16.70 ? 1409 ARG A CZ  1 
ATOM   799  N NH1 . ARG A 1 118 ? -10.102 13.777  -3.149  1.00 18.74 ? 1409 ARG A NH1 1 
ATOM   800  N NH2 . ARG A 1 118 ? -9.765  12.307  -4.854  1.00 17.11 ? 1409 ARG A NH2 1 
ATOM   801  N N   . LEU A 1 119 ? -7.071  7.685   -0.490  1.00 12.09 ? 1410 LEU A N   1 
ATOM   802  C CA  . LEU A 1 119 ? -6.781  6.265   -0.591  1.00 12.00 ? 1410 LEU A CA  1 
ATOM   803  C C   . LEU A 1 119 ? -6.054  5.756   0.648   1.00 12.32 ? 1410 LEU A C   1 
ATOM   804  O O   . LEU A 1 119 ? -6.358  4.620   1.099   1.00 12.89 ? 1410 LEU A O   1 
ATOM   805  C CB  . LEU A 1 119 ? -5.966  6.035   -1.836  1.00 13.84 ? 1410 LEU A CB  1 
ATOM   806  C CG  . LEU A 1 119 ? -5.914  4.587   -2.275  1.00 15.44 ? 1410 LEU A CG  1 
ATOM   807  C CD1 . LEU A 1 119 ? -7.300  4.088   -2.659  1.00 16.91 ? 1410 LEU A CD1 1 
ATOM   808  C CD2 . LEU A 1 119 ? -4.964  4.468   -3.443  1.00 14.81 ? 1410 LEU A CD2 1 
ATOM   809  N N   . SER A 1 120 ? -5.171  6.573   1.218   1.00 11.55 ? 1411 SER A N   1 
ATOM   810  C CA  . SER A 1 120 ? -4.476  6.194   2.451   1.00 12.21 ? 1411 SER A CA  1 
ATOM   811  C C   . SER A 1 120 ? -5.509  6.002   3.558   1.00 13.00 ? 1411 SER A C   1 
ATOM   812  O O   . SER A 1 120 ? -5.392  5.059   4.341   1.00 13.60 ? 1411 SER A O   1 
ATOM   813  C CB  . SER A 1 120 ? -3.465  7.258   2.792   1.00 12.46 ? 1411 SER A CB  1 
ATOM   814  O OG  . SER A 1 120 ? -2.872  6.996   4.051   1.00 14.04 ? 1411 SER A OG  1 
ATOM   815  N N   . ALA A 1 121 ? -6.425  6.937   3.721   1.00 12.58 ? 1412 ALA A N   1 
ATOM   816  C CA  . ALA A 1 121 ? -7.435  6.804   4.784   1.00 12.42 ? 1412 ALA A CA  1 
ATOM   817  C C   . ALA A 1 121 ? -8.231  5.536   4.602   1.00 12.70 ? 1412 ALA A C   1 
ATOM   818  O O   . ALA A 1 121 ? -8.477  4.837   5.585   1.00 13.49 ? 1412 ALA A O   1 
ATOM   819  C CB  . ALA A 1 121 ? -8.378  7.994   4.785   1.00 13.71 ? 1412 ALA A CB  1 
ATOM   820  N N   . PHE A 1 122 ? -8.591  5.225   3.386   1.00 13.49 ? 1413 PHE A N   1 
ATOM   821  C CA  . PHE A 1 122 ? -9.343  3.988   3.078   1.00 12.92 ? 1413 PHE A CA  1 
ATOM   822  C C   . PHE A 1 122 ? -8.515  2.752   3.440   1.00 13.98 ? 1413 PHE A C   1 
ATOM   823  O O   . PHE A 1 122 ? -8.996  1.802   4.087   1.00 13.72 ? 1413 PHE A O   1 
ATOM   824  C CB  . PHE A 1 122 ? -9.727  3.997   1.609   1.00 13.29 ? 1413 PHE A CB  1 
ATOM   825  C CG  . PHE A 1 122 ? -10.422 2.743   1.153   1.00 15.60 ? 1413 PHE A CG  1 
ATOM   826  C CD1 . PHE A 1 122 ? -11.770 2.553   1.396   1.00 18.16 ? 1413 PHE A CD1 1 
ATOM   827  C CD2 . PHE A 1 122 ? -9.730  1.728   0.533   1.00 15.93 ? 1413 PHE A CD2 1 
ATOM   828  C CE1 . PHE A 1 122 ? -12.405 1.381   1.000   1.00 19.53 ? 1413 PHE A CE1 1 
ATOM   829  C CE2 . PHE A 1 122 ? -10.388 0.581   0.092   1.00 18.20 ? 1413 PHE A CE2 1 
ATOM   830  C CZ  . PHE A 1 122 ? -11.718 0.403   0.333   1.00 20.66 ? 1413 PHE A CZ  1 
ATOM   831  N N   . PHE A 1 123 ? -7.249  2.773   3.003   1.00 12.98 ? 1414 PHE A N   1 
ATOM   832  C CA  . PHE A 1 123 ? -6.334  1.672   3.298   1.00 13.10 ? 1414 PHE A CA  1 
ATOM   833  C C   . PHE A 1 123 ? -6.179  1.480   4.798   1.00 12.91 ? 1414 PHE A C   1 
ATOM   834  O O   . PHE A 1 123 ? -6.317  0.328   5.284   1.00 13.65 ? 1414 PHE A O   1 
ATOM   835  C CB  . PHE A 1 123 ? -4.991  1.896   2.630   1.00 12.37 ? 1414 PHE A CB  1 
ATOM   836  C CG  . PHE A 1 123 ? -3.970  0.848   3.013   1.00 13.24 ? 1414 PHE A CG  1 
ATOM   837  C CD1 . PHE A 1 123 ? -4.027  -0.418  2.489   1.00 12.86 ? 1414 PHE A CD1 1 
ATOM   838  C CD2 . PHE A 1 123 ? -3.000  1.130   3.982   1.00 13.08 ? 1414 PHE A CD2 1 
ATOM   839  C CE1 . PHE A 1 123 ? -3.113  -1.390  2.896   1.00 13.67 ? 1414 PHE A CE1 1 
ATOM   840  C CE2 . PHE A 1 123 ? -2.077  0.164   4.361   1.00 13.71 ? 1414 PHE A CE2 1 
ATOM   841  C CZ  . PHE A 1 123 ? -2.167  -1.079  3.819   1.00 13.74 ? 1414 PHE A CZ  1 
ATOM   842  N N   . GLU A 1 124 ? -5.898  2.544   5.516   1.00 12.45 ? 1415 GLU A N   1 
ATOM   843  C CA  . GLU A 1 124 ? -5.643  2.437   6.977   1.00 13.81 ? 1415 GLU A CA  1 
ATOM   844  C C   . GLU A 1 124 ? -6.897  1.932   7.689   1.00 14.40 ? 1415 GLU A C   1 
ATOM   845  O O   . GLU A 1 124 ? -6.789  1.150   8.588   1.00 16.28 ? 1415 GLU A O   1 
ATOM   846  C CB  . GLU A 1 124 ? -5.188  3.764   7.550   1.00 14.16 ? 1415 GLU A CB  1 
ATOM   847  C CG  . GLU A 1 124 ? -3.798  4.143   7.026   1.00 15.61 ? 1415 GLU A CG  1 
ATOM   848  C CD  . GLU A 1 124 ? -2.651  3.232   7.431   1.00 17.22 ? 1415 GLU A CD  1 
ATOM   849  O OE1 . GLU A 1 124 ? -2.766  2.585   8.493   1.00 19.43 ? 1415 GLU A OE1 1 
ATOM   850  O OE2 . GLU A 1 124 ? -1.651  3.198   6.696   1.00 16.37 ? 1415 GLU A OE2 1 
ATOM   851  N N   . GLU A 1 125 ? -8.062  2.379   7.232   1.00 14.41 ? 1416 GLU A N   1 
ATOM   852  C CA  . GLU A 1 125 ? -9.339  1.948   7.854   1.00 14.64 ? 1416 GLU A CA  1 
ATOM   853  C C   . GLU A 1 125 ? -9.503  0.449   7.681   1.00 14.97 ? 1416 GLU A C   1 
ATOM   854  O O   . GLU A 1 125 ? -9.999  -0.176  8.620   1.00 17.33 ? 1416 GLU A O   1 
ATOM   855  C CB  . GLU A 1 125 ? -10.442 2.705   7.141   1.00 15.54 ? 1416 GLU A CB  1 
ATOM   856  C CG  . GLU A 1 125 ? -11.875 2.307   7.427   1.00 17.17 ? 1416 GLU A CG  1 
ATOM   857  C CD  . GLU A 1 125 ? -12.836 3.195   6.653   1.00 17.47 ? 1416 GLU A CD  1 
ATOM   858  O OE1 . GLU A 1 125 ? -12.802 4.441   6.954   1.00 18.10 ? 1416 GLU A OE1 1 
ATOM   859  O OE2 . GLU A 1 125 ? -13.451 2.718   5.662   1.00 19.36 ? 1416 GLU A OE2 1 
ATOM   860  N N   . HIS A 1 126 ? -9.067  -0.117  6.579   1.00 15.25 ? 1417 HIS A N   1 
ATOM   861  C CA  . HIS A 1 126 ? -9.269  -1.551  6.246   1.00 16.81 ? 1417 HIS A CA  1 
ATOM   862  C C   . HIS A 1 126 ? -8.109  -2.408  6.770   1.00 17.46 ? 1417 HIS A C   1 
ATOM   863  O O   . HIS A 1 126 ? -8.347  -3.570  7.174   1.00 18.51 ? 1417 HIS A O   1 
ATOM   864  C CB  . HIS A 1 126 ? -9.529  -1.717  4.749   1.00 18.07 ? 1417 HIS A CB  1 
ATOM   865  C CG  . HIS A 1 126 ? -10.892 -1.278  4.377   1.00 21.69 ? 1417 HIS A CG  1 
ATOM   866  N ND1 . HIS A 1 126 ? -11.265 0.037   4.366   1.00 23.68 ? 1417 HIS A ND1 1 
ATOM   867  C CD2 . HIS A 1 126 ? -11.965 -2.008  4.014   1.00 27.14 ? 1417 HIS A CD2 1 
ATOM   868  C CE1 . HIS A 1 126 ? -12.566 0.086   4.100   1.00 24.75 ? 1417 HIS A CE1 1 
ATOM   869  N NE2 . HIS A 1 126 ? -12.985 -1.125  3.804   1.00 30.61 ? 1417 HIS A NE2 1 
ATOM   870  N N   . ILE A 1 127 ? -6.882  -1.902  6.807   1.00 15.28 ? 1418 ILE A N   1 
ATOM   871  C CA  . ILE A 1 127 ? -5.745  -2.761  7.208   1.00 14.64 ? 1418 ILE A CA  1 
ATOM   872  C C   . ILE A 1 127 ? -5.653  -2.965  8.713   1.00 15.46 ? 1418 ILE A C   1 
ATOM   873  O O   . ILE A 1 127 ? -5.044  -3.904  9.158   1.00 14.40 ? 1418 ILE A O   1 
ATOM   874  C CB  . ILE A 1 127 ? -4.434  -2.206  6.645   1.00 14.74 ? 1418 ILE A CB  1 
ATOM   875  C CG1 . ILE A 1 127 ? -3.355  -3.292  6.487   1.00 16.19 ? 1418 ILE A CG1 1 
ATOM   876  C CG2 . ILE A 1 127 ? -3.943  -1.050  7.462   1.00 15.48 ? 1418 ILE A CG2 1 
ATOM   877  C CD1 . ILE A 1 127 ? -3.709  -4.339  5.530   1.00 17.64 ? 1418 ILE A CD1 1 
ATOM   878  N N   A SER A 1 128 ? -6.254  -2.085  9.504   0.25 15.04 ? 1419 SER A N   1 
ATOM   879  N N   B SER A 1 128 ? -6.217  -2.041  9.492   0.25 15.54 ? 1419 SER A N   1 
ATOM   880  C CA  A SER A 1 128 ? -6.107  -2.121  10.975  0.25 15.33 ? 1419 SER A CA  1 
ATOM   881  C CA  B SER A 1 128 ? -6.216  -2.095  10.972  0.25 15.97 ? 1419 SER A CA  1 
ATOM   882  C C   A SER A 1 128 ? -6.582  -3.476  11.548  0.25 15.24 ? 1419 SER A C   1 
ATOM   883  C C   B SER A 1 128 ? -6.541  -3.515  11.460  0.25 14.91 ? 1419 SER A C   1 
ATOM   884  O O   A SER A 1 128 ? -5.885  -3.992  12.453  0.25 17.89 ? 1419 SER A O   1 
ATOM   885  O O   B SER A 1 128 ? -5.717  -4.099  12.190  0.25 13.67 ? 1419 SER A O   1 
ATOM   886  C CB  A SER A 1 128 ? -6.803  -0.933  11.583  0.25 15.68 ? 1419 SER A CB  1 
ATOM   887  C CB  B SER A 1 128 ? -7.179  -1.090  11.544  0.25 17.97 ? 1419 SER A CB  1 
ATOM   888  O OG  A SER A 1 128 ? -8.160  -0.904  11.170  0.25 16.69 ? 1419 SER A OG  1 
ATOM   889  O OG  B SER A 1 128 ? -7.150  -1.145  12.959  0.25 20.56 ? 1419 SER A OG  1 
ATOM   890  N N   . SER A 1 129 ? -7.687  -4.047  11.058  1.00 14.68 ? 1420 SER A N   1 
ATOM   891  C CA  . SER A 1 129 ? -8.199  -5.340  11.590  1.00 16.22 ? 1420 SER A CA  1 
ATOM   892  C C   . SER A 1 129 ? -7.298  -6.460  11.070  1.00 15.04 ? 1420 SER A C   1 
ATOM   893  O O   . SER A 1 129 ? -7.069  -7.410  11.793  1.00 16.85 ? 1420 SER A O   1 
ATOM   894  C CB  . SER A 1 129 ? -9.610  -5.571  11.241  1.00 18.43 ? 1420 SER A CB  1 
ATOM   895  O OG  . SER A 1 129 ? -9.829  -5.600  9.842   1.00 23.46 ? 1420 SER A OG  1 
ATOM   896  N N   . VAL A 1 130 ? -6.773  -6.311  9.856   1.00 14.80 ? 1421 VAL A N   1 
ATOM   897  C CA  . VAL A 1 130 ? -5.886  -7.357  9.285   1.00 14.94 ? 1421 VAL A CA  1 
ATOM   898  C C   . VAL A 1 130 ? -4.644  -7.441  10.157  1.00 13.63 ? 1421 VAL A C   1 
ATOM   899  O O   . VAL A 1 130 ? -4.193  -8.575  10.547  1.00 15.14 ? 1421 VAL A O   1 
ATOM   900  C CB  . VAL A 1 130 ? -5.548  -7.013  7.832   1.00 13.47 ? 1421 VAL A CB  1 
ATOM   901  C CG1 . VAL A 1 130 ? -4.589  -8.084  7.285   1.00 13.82 ? 1421 VAL A CG1 1 
ATOM   902  C CG2 . VAL A 1 130 ? -6.759  -6.955  6.950   1.00 15.14 ? 1421 VAL A CG2 1 
ATOM   903  N N   . LEU A 1 131 ? -4.020  -6.323  10.516  1.00 14.39 ? 1422 LEU A N   1 
ATOM   904  C CA  . LEU A 1 131 ? -2.830  -6.319  11.365  1.00 14.76 ? 1422 LEU A CA  1 
ATOM   905  C C   . LEU A 1 131 ? -3.187  -6.842  12.742  1.00 14.17 ? 1422 LEU A C   1 
ATOM   906  O O   . LEU A 1 131 ? -2.461  -7.665  13.281  1.00 15.05 ? 1422 LEU A O   1 
ATOM   907  C CB  . LEU A 1 131 ? -2.280  -4.901  11.478  1.00 14.41 ? 1422 LEU A CB  1 
ATOM   908  C CG  . LEU A 1 131 ? -1.771  -4.326  10.156  1.00 15.19 ? 1422 LEU A CG  1 
ATOM   909  C CD1 . LEU A 1 131 ? -1.512  -2.840  10.289  1.00 16.27 ? 1422 LEU A CD1 1 
ATOM   910  C CD2 . LEU A 1 131 ? -0.535  -5.062  9.700   1.00 16.84 ? 1422 LEU A CD2 1 
ATOM   911  N N   . SER A 1 132 ? -4.287  -6.364  13.305  1.00 15.00 ? 1423 SER A N   1 
ATOM   912  C CA  . SER A 1 132 ? -4.643  -6.763  14.680  1.00 15.82 ? 1423 SER A CA  1 
ATOM   913  C C   . SER A 1 132 ? -4.884  -8.260  14.717  1.00 15.29 ? 1423 SER A C   1 
ATOM   914  O O   . SER A 1 132 ? -4.388  -8.902  15.642  1.00 15.62 ? 1423 SER A O   1 
ATOM   915  C CB  . SER A 1 132 ? -5.902  -6.022  15.111  1.00 16.44 ? 1423 SER A CB  1 
ATOM   916  O OG  . SER A 1 132 ? -5.603  -4.678  15.328  1.00 20.21 ? 1423 SER A OG  1 
ATOM   917  N N   . ASP A 1 133 ? -5.621  -8.794  13.759  1.00 14.81 ? 1424 ASP A N   1 
ATOM   918  C CA  . ASP A 1 133 ? -5.927  -10.242 13.749  1.00 15.92 ? 1424 ASP A CA  1 
ATOM   919  C C   . ASP A 1 133 ? -4.643  -11.039 13.603  1.00 14.94 ? 1424 ASP A C   1 
ATOM   920  O O   . ASP A 1 133 ? -4.451  -12.070 14.266  1.00 15.10 ? 1424 ASP A O   1 
ATOM   921  C CB  . ASP A 1 133 ? -6.932  -10.648 12.689  1.00 16.76 ? 1424 ASP A CB  1 
ATOM   922  C CG  . ASP A 1 133 ? -8.366  -10.188 12.889  1.00 20.65 ? 1424 ASP A CG  1 
ATOM   923  O OD1 . ASP A 1 133 ? -8.665  -9.552  13.932  1.00 22.54 ? 1424 ASP A OD1 1 
ATOM   924  O OD2 . ASP A 1 133 ? -9.147  -10.443 11.981  1.00 25.19 ? 1424 ASP A OD2 1 
ATOM   925  N N   . TYR A 1 134 ? -3.776  -10.641 12.690  1.00 13.87 ? 1425 TYR A N   1 
ATOM   926  C CA  . TYR A 1 134 ? -2.512  -11.364 12.495  1.00 13.68 ? 1425 TYR A CA  1 
ATOM   927  C C   . TYR A 1 134 ? -1.737  -11.374 13.793  1.00 13.91 ? 1425 TYR A C   1 
ATOM   928  O O   . TYR A 1 134 ? -1.212  -12.424 14.179  1.00 14.51 ? 1425 TYR A O   1 
ATOM   929  C CB  . TYR A 1 134 ? -1.710  -10.770 11.332  1.00 13.85 ? 1425 TYR A CB  1 
ATOM   930  C CG  . TYR A 1 134 ? -0.367  -11.391 11.183  1.00 13.02 ? 1425 TYR A CG  1 
ATOM   931  C CD1 . TYR A 1 134 ? -0.258  -12.612 10.551  1.00 14.31 ? 1425 TYR A CD1 1 
ATOM   932  C CD2 . TYR A 1 134 ? 0.743   -10.788 11.685  1.00 15.46 ? 1425 TYR A CD2 1 
ATOM   933  C CE1 . TYR A 1 134 ? 0.966   -13.209 10.376  1.00 15.97 ? 1425 TYR A CE1 1 
ATOM   934  C CE2 . TYR A 1 134 ? 1.969   -11.366 11.527  1.00 15.29 ? 1425 TYR A CE2 1 
ATOM   935  C CZ  . TYR A 1 134 ? 2.075   -12.590 10.907  1.00 15.14 ? 1425 TYR A CZ  1 
ATOM   936  O OH  . TYR A 1 134 ? 3.300   -13.187 10.732  1.00 19.31 ? 1425 TYR A OH  1 
ATOM   937  N N   . LYS A 1 135 ? -1.515  -10.210 14.416  1.00 14.17 ? 1426 LYS A N   1 
ATOM   938  C CA  . LYS A 1 135 ? -0.641  -10.136 15.589  1.00 13.86 ? 1426 LYS A CA  1 
ATOM   939  C C   . LYS A 1 135 ? -1.302  -10.928 16.723  1.00 13.62 ? 1426 LYS A C   1 
ATOM   940  O O   . LYS A 1 135 ? -0.547  -11.575 17.431  1.00 14.38 ? 1426 LYS A O   1 
ATOM   941  C CB  . LYS A 1 135 ? -0.429  -8.673  15.970  1.00 16.36 ? 1426 LYS A CB  1 
ATOM   942  C CG  . LYS A 1 135 ? 0.331   -7.919  14.881  1.00 16.46 ? 1426 LYS A CG  1 
ATOM   943  C CD  . LYS A 1 135 ? 0.511   -6.458  15.262  1.00 18.22 ? 1426 LYS A CD  1 
ATOM   944  C CE  . LYS A 1 135 ? 1.156   -5.646  14.165  1.00 21.42 ? 1426 LYS A CE  1 
ATOM   945  N NZ  . LYS A 1 135 ? 0.973   -4.211  14.473  1.00 25.04 ? 1426 LYS A NZ  1 
ATOM   946  N N   . SER A 1 136 ? -2.614  -10.913 16.797  1.00 14.47 ? 1427 SER A N   1 
ATOM   947  C CA  . SER A 1 136 ? -3.330  -11.718 17.830  1.00 15.95 ? 1427 SER A CA  1 
ATOM   948  C C   . SER A 1 136 ? -3.096  -13.208 17.576  1.00 14.96 ? 1427 SER A C   1 
ATOM   949  O O   . SER A 1 136 ? -2.796  -13.974 18.527  1.00 15.13 ? 1427 SER A O   1 
ATOM   950  C CB  . SER A 1 136 ? -4.791  -11.421 17.763  1.00 18.43 ? 1427 SER A CB  1 
ATOM   951  O OG  . SER A 1 136 ? -5.498  -12.348 18.553  1.00 24.28 ? 1427 SER A OG  1 
ATOM   952  N N   . ALA A 1 137 ? -3.200  -13.622 16.326  1.00 15.76 ? 1428 ALA A N   1 
ATOM   953  C CA  . ALA A 1 137 ? -3.037  -15.041 15.921  1.00 15.87 ? 1428 ALA A CA  1 
ATOM   954  C C   . ALA A 1 137 ? -1.622  -15.457 16.252  1.00 15.26 ? 1428 ALA A C   1 
ATOM   955  O O   . ALA A 1 137 ? -1.391  -16.579 16.748  1.00 16.20 ? 1428 ALA A O   1 
ATOM   956  C CB  . ALA A 1 137 ? -3.323  -15.209 14.438  1.00 17.69 ? 1428 ALA A CB  1 
ATOM   957  N N   A LEU A 1 138 ? -0.611  -14.620 16.003  0.25 15.65 ? 1429 LEU A N   1 
ATOM   958  N N   B LEU A 1 138 ? -0.671  -14.585 15.981  0.25 15.57 ? 1429 LEU A N   1 
ATOM   959  C CA  A LEU A 1 138 ? 0.799   -15.003 16.280  0.25 17.28 ? 1429 LEU A CA  1 
ATOM   960  C CA  B LEU A 1 138 ? 0.735   -14.920 16.221  0.25 16.77 ? 1429 LEU A CA  1 
ATOM   961  C C   A LEU A 1 138 ? 1.047   -15.033 17.782  0.25 15.61 ? 1429 LEU A C   1 
ATOM   962  C C   B LEU A 1 138 ? 0.961   -15.052 17.722  0.25 15.36 ? 1429 LEU A C   1 
ATOM   963  O O   A LEU A 1 138 ? 1.890   -15.837 18.238  0.25 15.11 ? 1429 LEU A O   1 
ATOM   964  O O   B LEU A 1 138 ? 1.606   -16.025 18.093  0.25 15.97 ? 1429 LEU A O   1 
ATOM   965  C CB  A LEU A 1 138 ? 1.775   -14.044 15.601  0.25 19.31 ? 1429 LEU A CB  1 
ATOM   966  C CB  B LEU A 1 138 ? 1.616   -13.868 15.567  0.25 18.72 ? 1429 LEU A CB  1 
ATOM   967  C CG  A LEU A 1 138 ? 2.272   -14.469 14.225  0.25 20.46 ? 1429 LEU A CG  1 
ATOM   968  C CG  B LEU A 1 138 ? 2.926   -14.407 15.018  0.25 18.91 ? 1429 LEU A CG  1 
ATOM   969  C CD1 A LEU A 1 138 ? 3.502   -13.666 13.858  0.25 20.53 ? 1429 LEU A CD1 1 
ATOM   970  C CD1 B LEU A 1 138 ? 2.701   -15.396 13.879  0.25 19.93 ? 1429 LEU A CD1 1 
ATOM   971  C CD2 A LEU A 1 138 ? 2.577   -15.962 14.181  0.25 20.64 ? 1429 LEU A CD2 1 
ATOM   972  C CD2 B LEU A 1 138 ? 3.778   -13.235 14.576  0.25 18.54 ? 1429 LEU A CD2 1 
ATOM   973  N N   . ARG A 1 139 ? 0.396   -14.147 18.542  1.00 14.71 ? 1430 ARG A N   1 
ATOM   974  C CA  . ARG A 1 139 ? 0.559   -14.229 20.008  1.00 14.90 ? 1430 ARG A CA  1 
ATOM   975  C C   . ARG A 1 139 ? -0.083  -15.548 20.485  1.00 12.95 ? 1430 ARG A C   1 
ATOM   976  O O   . ARG A 1 139 ? 0.541   -16.191 21.361  1.00 15.59 ? 1430 ARG A O   1 
ATOM   977  C CB  . ARG A 1 139 ? -0.077  -13.038 20.723  1.00 15.02 ? 1430 ARG A CB  1 
ATOM   978  C CG  . ARG A 1 139 ? 0.634   -11.714 20.482  1.00 16.24 ? 1430 ARG A CG  1 
ATOM   979  C CD  . ARG A 1 139 ? 0.097   -10.597 21.365  1.00 16.24 ? 1430 ARG A CD  1 
ATOM   980  N NE  . ARG A 1 139 ? -1.227  -10.169 21.056  1.00 17.08 ? 1430 ARG A NE  1 
ATOM   981  C CZ  . ARG A 1 139 ? -1.571  -9.160  20.242  1.00 15.66 ? 1430 ARG A CZ  1 
ATOM   982  N NH1 . ARG A 1 139 ? -0.627  -8.516  19.570  1.00 17.39 ? 1430 ARG A NH1 1 
ATOM   983  N NH2 . ARG A 1 139 ? -2.816  -8.809  20.122  1.00 17.22 ? 1430 ARG A NH2 1 
ATOM   984  N N   . PHE A 1 140 ? -1.231  -15.923 19.947  1.00 13.33 ? 1431 PHE A N   1 
ATOM   985  C CA  . PHE A 1 140 ? -1.882  -17.164 20.384  1.00 13.96 ? 1431 PHE A CA  1 
ATOM   986  C C   . PHE A 1 140 ? -1.014  -18.365 20.030  1.00 14.47 ? 1431 PHE A C   1 
ATOM   987  O O   . PHE A 1 140 ? -0.759  -19.214 20.873  1.00 15.49 ? 1431 PHE A O   1 
ATOM   988  C CB  . PHE A 1 140 ? -3.241  -17.285 19.752  1.00 14.07 ? 1431 PHE A CB  1 
ATOM   989  C CG  . PHE A 1 140 ? -4.022  -18.456 20.264  1.00 16.72 ? 1431 PHE A CG  1 
ATOM   990  C CD1 . PHE A 1 140 ? -4.652  -18.396 21.495  1.00 18.54 ? 1431 PHE A CD1 1 
ATOM   991  C CD2 . PHE A 1 140 ? -4.090  -19.620 19.536  1.00 16.35 ? 1431 PHE A CD2 1 
ATOM   992  C CE1 . PHE A 1 140 ? -5.351  -19.481 21.985  1.00 17.84 ? 1431 PHE A CE1 1 
ATOM   993  C CE2 . PHE A 1 140 ? -4.785  -20.712 20.036  1.00 18.87 ? 1431 PHE A CE2 1 
ATOM   994  C CZ  . PHE A 1 140 ? -5.451  -20.621 21.236  1.00 19.19 ? 1431 PHE A CZ  1 
ATOM   995  N N   . HIS A 1 141 ? -0.407  -18.310 18.836  1.00 15.88 ? 1432 HIS A N   1 
ATOM   996  C CA  . HIS A 1 141 ? 0.490   -19.399 18.378  1.00 16.79 ? 1432 HIS A CA  1 
ATOM   997  C C   . HIS A 1 141 ? 1.646   -19.558 19.352  1.00 19.90 ? 1432 HIS A C   1 
ATOM   998  O O   . HIS A 1 141 ? 2.051   -20.711 19.630  1.00 23.25 ? 1432 HIS A O   1 
ATOM   999  C CB  . HIS A 1 141 ? 0.999   -19.076 16.996  1.00 17.39 ? 1432 HIS A CB  1 
ATOM   1000 C CG  . HIS A 1 141 ? 1.776   -20.234 16.470  1.00 16.89 ? 1432 HIS A CG  1 
ATOM   1001 N ND1 . HIS A 1 141 ? 1.134   -21.377 16.044  1.00 16.45 ? 1432 HIS A ND1 1 
ATOM   1002 C CD2 . HIS A 1 141 ? 3.094   -20.419 16.287  1.00 18.62 ? 1432 HIS A CD2 1 
ATOM   1003 C CE1 . HIS A 1 141 ? 2.046   -22.247 15.641  1.00 17.63 ? 1432 HIS A CE1 1 
ATOM   1004 N NE2 . HIS A 1 141 ? 3.245   -21.672 15.724  1.00 18.70 ? 1432 HIS A NE2 1 
ATOM   1005 N N   . LYS A 1 142 ? 2.175   -18.456 19.865  1.00 21.79 ? 1433 LYS A N   1 
ATOM   1006 C CA  . LYS A 1 142 ? 3.355   -18.430 20.746  1.00 24.94 ? 1433 LYS A CA  1 
ATOM   1007 C C   . LYS A 1 142 ? 2.956   -18.524 22.219  1.00 28.49 ? 1433 LYS A C   1 
ATOM   1008 O O   . LYS A 1 142 ? 3.877   -18.466 23.034  1.00 37.47 ? 1433 LYS A O   1 
ATOM   1009 C CB  . LYS A 1 142 ? 4.163   -17.161 20.443  1.00 33.21 ? 1433 LYS A CB  1 
ATOM   1010 C CG  . LYS A 1 142 ? 4.694   -17.044 19.019  1.00 35.39 ? 1433 LYS A CG  1 
ATOM   1011 C CD  . LYS A 1 142 ? 5.473   -15.753 18.784  1.00 40.70 ? 1433 LYS A CD  1 
ATOM   1012 C CE  . LYS A 1 142 ? 5.599   -15.317 17.339  1.00 43.92 ? 1433 LYS A CE  1 
ATOM   1013 N NZ  . LYS A 1 142 ? 5.627   -16.465 16.401  1.00 50.43 ? 1433 LYS A NZ  1 
ATOM   1014 N N   . ARG A 1 143 ? 1.680   -18.678 22.586  1.00 26.31 ? 1434 ARG A N   1 
ATOM   1015 C CA  . ARG A 1 143 ? 1.187   -18.466 23.981  1.00 26.58 ? 1434 ARG A CA  1 
ATOM   1016 C C   . ARG A 1 143 ? 1.938   -19.349 24.988  1.00 29.39 ? 1434 ARG A C   1 
ATOM   1017 O O   . ARG A 1 143 ? 2.227   -20.455 24.651  1.00 31.73 ? 1434 ARG A O   1 
ATOM   1018 C CB  . ARG A 1 143 ? -0.324  -18.668 24.065  1.00 25.74 ? 1434 ARG A CB  1 
ATOM   1019 C CG  . ARG A 1 143 ? -0.774  -20.102 23.843  1.00 24.58 ? 1434 ARG A CG  1 
ATOM   1020 C CD  . ARG A 1 143 ? -2.234  -20.162 23.549  1.00 24.33 ? 1434 ARG A CD  1 
ATOM   1021 N NE  . ARG A 1 143 ? -2.671  -21.523 23.411  1.00 23.65 ? 1434 ARG A NE  1 
ATOM   1022 C CZ  . ARG A 1 143 ? -2.534  -22.292 22.364  1.00 23.58 ? 1434 ARG A CZ  1 
ATOM   1023 N NH1 . ARG A 1 143 ? -1.924  -21.869 21.272  1.00 21.04 ? 1434 ARG A NH1 1 
ATOM   1024 N NH2 . ARG A 1 143 ? -3.043  -23.519 22.379  1.00 24.46 ? 1434 ARG A NH2 1 
HETATM 1025 N N1  . Y44 B 2 .   ? 1.689   7.067   -12.046 0.35 31.00 ? 1501 Y44 A N1  1 
HETATM 1026 N N3  . Y44 B 2 .   ? 2.509   8.996   -11.084 0.35 28.81 ? 1501 Y44 A N3  1 
HETATM 1027 C C4  . Y44 B 2 .   ? 1.280   5.399   -15.306 0.35 36.64 ? 1501 Y44 A C4  1 
HETATM 1028 C C5  . Y44 B 2 .   ? 0.341   5.329   -16.307 0.35 36.99 ? 1501 Y44 A C5  1 
HETATM 1029 C C6  . Y44 B 2 .   ? -0.952  5.686   -16.020 0.35 37.29 ? 1501 Y44 A C6  1 
HETATM 1030 C C7  . Y44 B 2 .   ? -0.411  6.161   -13.848 0.35 36.44 ? 1501 Y44 A C7  1 
HETATM 1031 C C8  . Y44 B 2 .   ? 3.691   9.819   -10.828 0.35 28.78 ? 1501 Y44 A C8  1 
HETATM 1032 C C10 . Y44 B 2 .   ? 2.619   11.473  -7.641  0.35 25.38 ? 1501 Y44 A C10 1 
HETATM 1033 C C13 . Y44 B 2 .   ? 1.969   14.970  -8.665  0.35 23.31 ? 1501 Y44 A C13 1 
HETATM 1034 C C15 . Y44 B 2 .   ? 2.189   9.342   -8.704  0.35 27.86 ? 1501 Y44 A C15 1 
HETATM 1035 C C1  . Y44 B 2 .   ? 2.371   8.222   -12.181 0.35 29.99 ? 1501 Y44 A C1  1 
HETATM 1036 C C11 . Y44 B 2 .   ? 2.488   12.885  -7.815  0.35 23.93 ? 1501 Y44 A C11 1 
HETATM 1037 C C12 . Y44 B 2 .   ? 2.413   13.658  -8.960  0.35 22.70 ? 1501 Y44 A C12 1 
HETATM 1038 C C14 . Y44 B 2 .   ? 1.926   15.226  -7.346  0.35 22.79 ? 1501 Y44 A C14 1 
HETATM 1039 C C16 . Y44 B 2 .   ? 1.509   9.094   -10.029 0.35 28.28 ? 1501 Y44 A C16 1 
HETATM 1040 C C2  . Y44 B 2 .   ? 1.910   5.917   -12.909 0.35 32.90 ? 1501 Y44 A C2  1 
HETATM 1041 C C3  . Y44 B 2 .   ? 0.915   5.827   -14.040 0.35 35.14 ? 1501 Y44 A C3  1 
HETATM 1042 C C9  . Y44 B 2 .   ? 3.347   11.053  -10.017 0.35 27.69 ? 1501 Y44 A C9  1 
HETATM 1043 N N2  . Y44 B 2 .   ? -1.349  6.101   -14.808 0.35 37.63 ? 1501 Y44 A N2  1 
HETATM 1044 N N4  . Y44 B 2 .   ? 2.757   10.687  -8.726  0.35 26.96 ? 1501 Y44 A N4  1 
HETATM 1045 O O1  . Y44 B 2 .   ? 2.918   8.528   -13.239 0.35 28.30 ? 1501 Y44 A O1  1 
HETATM 1046 O O2  . Y44 B 2 .   ? 2.492   11.001  -6.514  0.35 24.71 ? 1501 Y44 A O2  1 
HETATM 1047 S S1  . Y44 B 2 .   ? 2.322   13.866  -6.412  0.35 24.96 ? 1501 Y44 A S1  1 
HETATM 1048 O O   . HOH C 3 .   ? -11.731 -9.601  -4.221  1.00 38.93 ? 1601 HOH A O   1 
HETATM 1049 O O   . HOH C 3 .   ? 16.873  11.012  -11.874 1.00 41.35 ? 1602 HOH A O   1 
HETATM 1050 O O   . HOH C 3 .   ? 4.590   2.683   -15.579 1.00 39.51 ? 1603 HOH A O   1 
HETATM 1051 O O   . HOH C 3 .   ? 3.613   -15.112 9.278   1.00 34.88 ? 1604 HOH A O   1 
HETATM 1052 O O   . HOH C 3 .   ? 4.826   18.241  5.181   1.00 36.16 ? 1605 HOH A O   1 
HETATM 1053 O O   . HOH C 3 .   ? -10.357 -4.966  6.912   1.00 29.58 ? 1606 HOH A O   1 
HETATM 1054 O O   . HOH C 3 .   ? -8.712  8.299   -11.448 1.00 25.00 ? 1607 HOH A O   1 
HETATM 1055 O O   . HOH C 3 .   ? 10.247  -16.281 10.127  1.00 40.69 ? 1608 HOH A O   1 
HETATM 1056 O O   . HOH C 3 .   ? -8.487  14.638  -6.091  1.00 30.10 ? 1609 HOH A O   1 
HETATM 1057 O O   . HOH C 3 .   ? 2.222   7.990   -20.633 1.00 57.78 ? 1610 HOH A O   1 
HETATM 1058 O O   . HOH C 3 .   ? 10.229  16.114  -1.369  1.00 20.96 ? 1611 HOH A O   1 
HETATM 1059 O O   . HOH C 3 .   ? 13.336  17.952  -9.360  1.00 29.56 ? 1612 HOH A O   1 
HETATM 1060 O O   . HOH C 3 .   ? 9.911   18.582  -11.666 1.00 37.60 ? 1613 HOH A O   1 
HETATM 1061 O O   . HOH C 3 .   ? 11.162  -0.110  -5.709  1.00 30.18 ? 1614 HOH A O   1 
HETATM 1062 O O   . HOH C 3 .   ? 12.278  3.715   -11.034 1.00 56.95 ? 1615 HOH A O   1 
HETATM 1063 O O   . HOH C 3 .   ? 4.745   9.220   -5.957  1.00 18.75 ? 1616 HOH A O   1 
HETATM 1064 O O   . HOH C 3 .   ? -10.109 -17.428 22.334  1.00 44.68 ? 1617 HOH A O   1 
HETATM 1065 O O   . HOH C 3 .   ? -8.417  -13.469 -2.996  1.00 41.70 ? 1618 HOH A O   1 
HETATM 1066 O O   . HOH C 3 .   ? -11.973 5.526   9.137   1.00 28.26 ? 1619 HOH A O   1 
HETATM 1067 O O   . HOH C 3 .   ? 6.908   -8.954  9.835   1.00 30.51 ? 1620 HOH A O   1 
HETATM 1068 O O   . HOH C 3 .   ? 0.711   17.156  5.609   1.00 34.15 ? 1621 HOH A O   1 
HETATM 1069 O O   . HOH C 3 .   ? 8.671   16.349  -13.121 1.00 47.83 ? 1622 HOH A O   1 
HETATM 1070 O O   . HOH C 3 .   ? 8.781   -5.446  -0.729  1.00 36.56 ? 1623 HOH A O   1 
HETATM 1071 O O   . HOH C 3 .   ? -1.190  17.118  3.757   1.00 35.01 ? 1624 HOH A O   1 
HETATM 1072 O O   . HOH C 3 .   ? 6.495   17.826  -1.378  1.00 22.29 ? 1625 HOH A O   1 
HETATM 1073 O O   . HOH C 3 .   ? -8.378  -1.143  -11.530 1.00 36.76 ? 1626 HOH A O   1 
HETATM 1074 O O   . HOH C 3 .   ? -14.436 -0.124  -11.709 1.00 21.56 ? 1627 HOH A O   1 
HETATM 1075 O O   . HOH C 3 .   ? -6.500  19.317  -2.787  1.00 38.14 ? 1628 HOH A O   1 
HETATM 1076 O O   . HOH C 3 .   ? 6.880   1.483   -8.412  1.00 17.81 ? 1629 HOH A O   1 
HETATM 1077 O O   . HOH C 3 .   ? 1.667   -17.136 -3.446  1.00 19.64 ? 1630 HOH A O   1 
HETATM 1078 O O   . HOH C 3 .   ? 0.738   15.468  -12.838 1.00 40.15 ? 1631 HOH A O   1 
HETATM 1079 O O   . HOH C 3 .   ? 17.415  3.862   -4.536  1.00 42.59 ? 1632 HOH A O   1 
HETATM 1080 O O   . HOH C 3 .   ? -1.223  4.891   4.714   1.00 17.42 ? 1633 HOH A O   1 
HETATM 1081 O O   . HOH C 3 .   ? -4.552  18.329  0.947   1.00 33.65 ? 1634 HOH A O   1 
HETATM 1082 O O   . HOH C 3 .   ? 15.856  17.193  -10.014 1.00 29.20 ? 1635 HOH A O   1 
HETATM 1083 O O   . HOH C 3 .   ? 14.750  11.251  -16.316 1.00 31.79 ? 1636 HOH A O   1 
HETATM 1084 O O   . HOH C 3 .   ? -4.482  1.369   10.115  1.00 18.96 ? 1637 HOH A O   1 
HETATM 1085 O O   . HOH C 3 .   ? -4.166  -2.460  13.779  1.00 22.10 ? 1638 HOH A O   1 
HETATM 1086 O O   . HOH C 3 .   ? 14.518  10.617  -12.429 1.00 33.88 ? 1639 HOH A O   1 
HETATM 1087 O O   . HOH C 3 .   ? 8.343   -2.744  -9.056  1.00 32.93 ? 1640 HOH A O   1 
HETATM 1088 O O   . HOH C 3 .   ? -2.738  -18.889 16.189  1.00 17.79 ? 1641 HOH A O   1 
HETATM 1089 O O   . HOH C 3 .   ? 6.975   -17.046 -6.194  1.00 27.63 ? 1642 HOH A O   1 
HETATM 1090 O O   . HOH C 3 .   ? -5.159  10.338  4.749   1.00 26.04 ? 1643 HOH A O   1 
HETATM 1091 O O   . HOH C 3 .   ? 1.750   -23.250 18.838  1.00 47.40 ? 1644 HOH A O   1 
HETATM 1092 O O   . HOH C 3 .   ? -5.020  -16.152 3.465   1.00 15.78 ? 1645 HOH A O   1 
HETATM 1093 O O   . HOH C 3 .   ? 6.353   5.486   -6.302  1.00 16.63 ? 1646 HOH A O   1 
HETATM 1094 O O   . HOH C 3 .   ? 6.939   5.337   4.013   1.00 18.76 ? 1647 HOH A O   1 
HETATM 1095 O O   . HOH C 3 .   ? 3.772   -12.459 -8.406  1.00 28.68 ? 1648 HOH A O   1 
HETATM 1096 O O   . HOH C 3 .   ? -3.965  -1.802  -13.056 1.00 50.45 ? 1649 HOH A O   1 
HETATM 1097 O O   . HOH C 3 .   ? 8.656   8.008   0.629   1.00 18.96 ? 1650 HOH A O   1 
HETATM 1098 O O   . HOH C 3 .   ? 5.202   8.319   -21.071 1.00 54.40 ? 1651 HOH A O   1 
HETATM 1099 O O   . HOH C 3 .   ? 3.286   5.101   -6.805  1.00 21.28 ? 1652 HOH A O   1 
HETATM 1100 O O   . HOH C 3 .   ? 0.279   10.675  0.689   1.00 17.71 ? 1653 HOH A O   1 
HETATM 1101 O O   . HOH C 3 .   ? -7.809  9.375   -15.823 1.00 46.90 ? 1654 HOH A O   1 
HETATM 1102 O O   . HOH C 3 .   ? 1.889   -14.992 23.376  1.00 32.13 ? 1655 HOH A O   1 
HETATM 1103 O O   . HOH C 3 .   ? -7.917  -3.321  14.978  1.00 22.20 ? 1656 HOH A O   1 
HETATM 1104 O O   . HOH C 3 .   ? -13.323 2.502   -10.893 1.00 30.15 ? 1657 HOH A O   1 
HETATM 1105 O O   . HOH C 3 .   ? 14.066  13.743  -1.856  1.00 61.33 ? 1658 HOH A O   1 
HETATM 1106 O O   . HOH C 3 .   ? -9.314  6.577   -13.215 1.00 47.79 ? 1659 HOH A O   1 
HETATM 1107 O O   . HOH C 3 .   ? -5.235  -11.121 9.571   1.00 14.63 ? 1660 HOH A O   1 
HETATM 1108 O O   . HOH C 3 .   ? 5.610   -12.061 11.643  1.00 27.63 ? 1661 HOH A O   1 
HETATM 1109 O O   . HOH C 3 .   ? -8.659  -13.356 21.322  1.00 31.68 ? 1662 HOH A O   1 
HETATM 1110 O O   . HOH C 3 .   ? 8.972   -8.340  0.424   1.00 28.38 ? 1663 HOH A O   1 
HETATM 1111 O O   . HOH C 3 .   ? -1.574  -21.336 16.392  1.00 16.44 ? 1664 HOH A O   1 
HETATM 1112 O O   . HOH C 3 .   ? 6.881   2.699   4.463   1.00 17.01 ? 1665 HOH A O   1 
HETATM 1113 O O   . HOH C 3 .   ? -10.350 10.628  -8.139  1.00 33.05 ? 1666 HOH A O   1 
HETATM 1114 O O   . HOH C 3 .   ? 9.151   -0.551  2.054   1.00 27.27 ? 1667 HOH A O   1 
HETATM 1115 O O   . HOH C 3 .   ? -10.368 -4.833  -8.483  1.00 28.65 ? 1668 HOH A O   1 
HETATM 1116 O O   . HOH C 3 .   ? -8.453  -14.880 4.940   1.00 25.51 ? 1669 HOH A O   1 
HETATM 1117 O O   . HOH C 3 .   ? -13.801 4.553   3.650   1.00 18.46 ? 1670 HOH A O   1 
HETATM 1118 O O   . HOH C 3 .   ? -11.186 7.466   1.335   1.00 20.94 ? 1671 HOH A O   1 
HETATM 1119 O O   . HOH C 3 .   ? -9.930  -7.556  3.289   1.00 27.28 ? 1672 HOH A O   1 
HETATM 1120 O O   . HOH C 3 .   ? -7.604  14.417  0.013   1.00 19.78 ? 1673 HOH A O   1 
HETATM 1121 O O   . HOH C 3 .   ? 16.820  7.309   -6.590  1.00 34.87 ? 1674 HOH A O   1 
HETATM 1122 O O   . HOH C 3 .   ? -7.395  18.320  -1.550  1.00 48.71 ? 1675 HOH A O   1 
HETATM 1123 O O   . HOH C 3 .   ? -2.998  -11.739 22.482  1.00 21.68 ? 1676 HOH A O   1 
HETATM 1124 O O   . HOH C 3 .   ? -15.260 0.997   6.844   1.00 30.28 ? 1677 HOH A O   1 
HETATM 1125 O O   . HOH C 3 .   ? 2.997   6.890   4.385   1.00 15.44 ? 1678 HOH A O   1 
HETATM 1126 O O   . HOH C 3 .   ? -3.692  -16.549 -1.126  1.00 32.59 ? 1679 HOH A O   1 
HETATM 1127 O O   . HOH C 3 .   ? 3.500   -3.158  -13.190 1.00 42.47 ? 1680 HOH A O   1 
HETATM 1128 O O   . HOH C 3 .   ? -10.038 4.245   -12.055 1.00 44.93 ? 1681 HOH A O   1 
HETATM 1129 O O   . HOH C 3 .   ? -14.347 4.318   -12.909 1.00 25.82 ? 1682 HOH A O   1 
HETATM 1130 O O   . HOH C 3 .   ? 3.218   -12.948 0.145   1.00 14.70 ? 1683 HOH A O   1 
HETATM 1131 O O   . HOH C 3 .   ? -8.381  6.019   8.098   1.00 26.03 ? 1684 HOH A O   1 
HETATM 1132 O O   . HOH C 3 .   ? 8.142   -10.461 -5.553  1.00 39.84 ? 1685 HOH A O   1 
HETATM 1133 O O   . HOH C 3 .   ? 4.288   -2.044  8.837   1.00 25.11 ? 1686 HOH A O   1 
HETATM 1134 O O   . HOH C 3 .   ? 3.487   7.096   -5.140  1.00 20.24 ? 1687 HOH A O   1 
HETATM 1135 O O   . HOH C 3 .   ? -16.564 -1.334  -8.127  1.00 39.72 ? 1688 HOH A O   1 
HETATM 1136 O O   . HOH C 3 .   ? -10.291 14.954  -0.613  1.00 18.66 ? 1689 HOH A O   1 
HETATM 1137 O O   . HOH C 3 .   ? 8.679   -6.038  -3.659  1.00 30.31 ? 1690 HOH A O   1 
HETATM 1138 O O   . HOH C 3 .   ? 6.719   11.718  2.478   1.00 24.02 ? 1691 HOH A O   1 
HETATM 1139 O O   . HOH C 3 .   ? 11.260  0.785   7.924   1.00 33.07 ? 1692 HOH A O   1 
HETATM 1140 O O   . HOH C 3 .   ? -1.126  9.081   4.768   1.00 29.41 ? 1693 HOH A O   1 
HETATM 1141 O O   . HOH C 3 .   ? 13.089  0.960   6.040   1.00 30.92 ? 1694 HOH A O   1 
HETATM 1142 O O   . HOH C 3 .   ? 2.172   -10.849 17.420  1.00 22.27 ? 1695 HOH A O   1 
HETATM 1143 O O   . HOH C 3 .   ? -10.931 1.116   10.942  1.00 31.68 ? 1696 HOH A O   1 
HETATM 1144 O O   . HOH C 3 .   ? 11.287  -2.569  8.478   1.00 44.71 ? 1697 HOH A O   1 
HETATM 1145 O O   . HOH C 3 .   ? 8.020   -4.299  3.074   1.00 22.73 ? 1698 HOH A O   1 
HETATM 1146 O O   . HOH C 3 .   ? -12.041 10.251  -9.875  1.00 38.70 ? 1699 HOH A O   1 
HETATM 1147 O O   . HOH C 3 .   ? -0.546  -18.771 -0.348  1.00 21.88 ? 1700 HOH A O   1 
HETATM 1148 O O   . HOH C 3 .   ? -6.425  -14.181 11.862  1.00 21.21 ? 1701 HOH A O   1 
HETATM 1149 O O   . HOH C 3 .   ? 4.698   -4.085  -11.117 1.00 36.82 ? 1702 HOH A O   1 
HETATM 1150 O O   . HOH C 3 .   ? 6.644   4.136   -8.854  1.00 19.95 ? 1703 HOH A O   1 
HETATM 1151 O O   . HOH C 3 .   ? -10.113 -2.706  9.911   1.00 21.74 ? 1704 HOH A O   1 
HETATM 1152 O O   . HOH C 3 .   ? -4.321  8.013   6.280   1.00 21.68 ? 1705 HOH A O   1 
HETATM 1153 O O   . HOH C 3 .   ? 8.646   4.740   -10.917 1.00 26.42 ? 1706 HOH A O   1 
HETATM 1154 O O   . HOH C 3 .   ? -3.760  -13.910 21.206  1.00 17.23 ? 1707 HOH A O   1 
HETATM 1155 O O   . HOH C 3 .   ? -5.419  -8.602  -5.314  1.00 31.27 ? 1708 HOH A O   1 
HETATM 1156 O O   . HOH C 3 .   ? 2.519   5.158   -9.349  1.00 17.67 ? 1709 HOH A O   1 
HETATM 1157 O O   . HOH C 3 .   ? -8.393  -12.828 10.617  1.00 23.12 ? 1710 HOH A O   1 
HETATM 1158 O O   . HOH C 3 .   ? 11.312  6.470   -1.584  1.00 20.09 ? 1711 HOH A O   1 
HETATM 1159 O O   . HOH C 3 .   ? 12.655  8.901   -1.225  1.00 29.44 ? 1712 HOH A O   1 
HETATM 1160 O O   . HOH C 3 .   ? 0.150   12.997  4.909   1.00 27.23 ? 1713 HOH A O   1 
HETATM 1161 O O   . HOH C 3 .   ? 7.386   -4.976  -3.051  1.00 32.41 ? 1714 HOH A O   1 
HETATM 1162 O O   . HOH C 3 .   ? 6.876   16.359  -14.905 1.00 45.43 ? 1715 HOH A O   1 
HETATM 1163 O O   . HOH C 3 .   ? -9.006  -8.935  9.528   1.00 30.06 ? 1716 HOH A O   1 
HETATM 1164 O O   . HOH C 3 .   ? 2.209   -8.913  19.220  1.00 22.52 ? 1717 HOH A O   1 
HETATM 1165 O O   . HOH C 3 .   ? 1.421   -0.282  11.661  1.00 32.05 ? 1718 HOH A O   1 
HETATM 1166 O O   . HOH C 3 .   ? 5.999   -16.599 9.462   0.50 28.97 ? 1719 HOH A O   1 
HETATM 1167 O O   . HOH C 3 .   ? -1.455  16.209  -9.353  1.00 18.33 ? 1720 HOH A O   1 
HETATM 1168 O O   . HOH C 3 .   ? -12.369 -7.322  -2.984  1.00 31.52 ? 1721 HOH A O   1 
HETATM 1169 O O   . HOH C 3 .   ? -10.153 6.685   -1.724  1.00 24.19 ? 1722 HOH A O   1 
HETATM 1170 O O   . HOH C 3 .   ? -3.262  -0.057  -14.158 1.00 38.48 ? 1723 HOH A O   1 
HETATM 1171 O O   . HOH C 3 .   ? 2.703   -18.753 8.240   1.00 24.59 ? 1724 HOH A O   1 
HETATM 1172 O O   . HOH C 3 .   ? 10.204  -2.197  -0.532  1.00 33.06 ? 1725 HOH A O   1 
HETATM 1173 O O   . HOH C 3 .   ? 2.438   -17.116 -7.628  1.00 43.04 ? 1726 HOH A O   1 
HETATM 1174 O O   . HOH C 3 .   ? -5.942  1.031   -14.626 1.00 31.42 ? 1727 HOH A O   1 
HETATM 1175 O O   . HOH C 3 .   ? 0.032   -7.091  -10.039 1.00 33.00 ? 1728 HOH A O   1 
HETATM 1176 O O   . HOH C 3 .   ? -0.799  0.511   12.136  1.00 27.77 ? 1729 HOH A O   1 
HETATM 1177 O O   . HOH C 3 .   ? -3.673  -13.528 9.693   1.00 14.96 ? 1730 HOH A O   1 
HETATM 1178 O O   . HOH C 3 .   ? 9.174   4.533   -15.812 1.00 62.80 ? 1731 HOH A O   1 
HETATM 1179 O O   . HOH C 3 .   ? 1.235   -16.513 6.304   1.00 25.31 ? 1732 HOH A O   1 
HETATM 1180 O O   . HOH C 3 .   ? -10.940 13.471  -13.030 1.00 31.10 ? 1733 HOH A O   1 
HETATM 1181 O O   . HOH C 3 .   ? -8.943  -16.601 12.372  1.00 30.27 ? 1734 HOH A O   1 
HETATM 1182 O O   . HOH C 3 .   ? -5.820  -18.465 5.873   1.00 21.31 ? 1735 HOH A O   1 
HETATM 1183 O O   . HOH C 3 .   ? -0.680  -16.627 4.364   1.00 17.93 ? 1736 HOH A O   1 
HETATM 1184 O O   . HOH C 3 .   ? -11.122 2.532   -11.761 1.00 35.16 ? 1737 HOH A O   1 
HETATM 1185 O O   . HOH C 3 .   ? -1.549  24.417  -5.435  1.00 48.10 ? 1738 HOH A O   1 
HETATM 1186 O O   . HOH C 3 .   ? -14.893 -5.840  -9.464  1.00 18.30 ? 1739 HOH A O   1 
HETATM 1187 O O   . HOH C 3 .   ? -10.118 -2.236  13.017  1.00 31.08 ? 1740 HOH A O   1 
HETATM 1188 O O   . HOH C 3 .   ? -13.570 0.044   -3.895  1.00 39.38 ? 1741 HOH A O   1 
HETATM 1189 O O   . HOH C 3 .   ? -2.177  -5.659  -10.807 1.00 36.90 ? 1742 HOH A O   1 
HETATM 1190 O O   . HOH C 3 .   ? -14.146 4.868   -6.986  1.00 32.48 ? 1743 HOH A O   1 
HETATM 1191 O O   . HOH C 3 .   ? 7.314   -8.481  -6.876  1.00 42.19 ? 1744 HOH A O   1 
HETATM 1192 O O   . HOH C 3 .   ? -6.845  -14.048 14.786  1.00 50.29 ? 1745 HOH A O   1 
HETATM 1193 O O   . HOH C 3 .   ? -12.915 13.367  -10.852 1.00 45.25 ? 1746 HOH A O   1 
HETATM 1194 O O   . HOH C 3 .   ? 3.751   -3.420  13.048  1.00 32.95 ? 1747 HOH A O   1 
HETATM 1195 O O   . HOH C 3 .   ? 18.423  15.327  -6.569  1.00 54.56 ? 1748 HOH A O   1 
HETATM 1196 O O   . HOH C 3 .   ? -10.350 10.205  -11.210 1.00 33.97 ? 1749 HOH A O   1 
HETATM 1197 O O   . HOH C 3 .   ? -4.420  -10.969 -5.780  1.00 44.79 ? 1750 HOH A O   1 
HETATM 1198 O O   . HOH C 3 .   ? -7.457  7.589   -18.159 1.00 49.65 ? 1751 HOH A O   1 
HETATM 1199 O O   . HOH C 3 .   ? -1.957  2.790   -14.434 1.00 36.20 ? 1752 HOH A O   1 
HETATM 1200 O O   . HOH C 3 .   ? 3.669   17.441  1.011   1.00 30.92 ? 1753 HOH A O   1 
HETATM 1201 O O   . HOH C 3 .   ? -2.614  -15.638 23.193  1.00 18.97 ? 1754 HOH A O   1 
HETATM 1202 O O   . HOH C 3 .   ? 3.735   -12.815 18.190  1.00 35.08 ? 1755 HOH A O   1 
HETATM 1203 O O   . HOH C 3 .   ? 2.874   9.598   3.935   1.00 16.16 ? 1756 HOH A O   1 
HETATM 1204 O O   . HOH C 3 .   ? 7.377   -4.824  8.459   1.00 33.53 ? 1757 HOH A O   1 
HETATM 1205 O O   . HOH C 3 .   ? -10.366 0.073   -13.107 1.00 30.87 ? 1758 HOH A O   1 
HETATM 1206 O O   . HOH C 3 .   ? -13.066 8.326   -6.027  1.00 33.79 ? 1759 HOH A O   1 
HETATM 1207 O O   . HOH C 3 .   ? 0.455   18.649  -9.132  1.00 56.23 ? 1760 HOH A O   1 
HETATM 1208 O O   . HOH C 3 .   ? -6.621  16.819  0.530   1.00 28.40 ? 1761 HOH A O   1 
HETATM 1209 O O   . HOH C 3 .   ? -8.885  0.312   -15.329 1.00 32.05 ? 1762 HOH A O   1 
HETATM 1210 O O   . HOH C 3 .   ? -9.136  11.514  3.709   1.00 27.62 ? 1763 HOH A O   1 
HETATM 1211 O O   . HOH C 3 .   ? -0.426  -14.892 24.845  1.00 40.02 ? 1764 HOH A O   1 
HETATM 1212 O O   . HOH C 3 .   ? 11.347  2.627   5.707   1.00 33.47 ? 1765 HOH A O   1 
HETATM 1213 O O   . HOH C 3 .   ? 0.615   6.528   5.706   1.00 22.69 ? 1766 HOH A O   1 
HETATM 1214 O O   . HOH C 3 .   ? 7.397   14.461  2.594   1.00 29.75 ? 1767 HOH A O   1 
HETATM 1215 O O   . HOH C 3 .   ? -3.427  -0.191  12.197  1.00 20.13 ? 1768 HOH A O   1 
HETATM 1216 O O   . HOH C 3 .   ? -6.466  3.506   -16.012 1.00 51.17 ? 1769 HOH A O   1 
HETATM 1217 O O   . HOH C 3 .   ? 19.594  16.191  -8.834  1.00 37.65 ? 1770 HOH A O   1 
HETATM 1218 O O   . HOH C 3 .   ? -3.280  18.206  3.134   1.00 36.79 ? 1771 HOH A O   1 
HETATM 1219 O O   . HOH C 3 .   ? 2.419   -2.440  10.629  1.00 29.38 ? 1772 HOH A O   1 
HETATM 1220 O O   . HOH C 3 .   ? 9.991   2.599   -11.405 1.00 46.97 ? 1773 HOH A O   1 
HETATM 1221 O O   . HOH C 3 .   ? -7.571  -17.193 4.168   1.00 30.34 ? 1774 HOH A O   1 
HETATM 1222 O O   . HOH C 3 .   ? -12.678 -8.848  -7.878  1.00 32.61 ? 1775 HOH A O   1 
HETATM 1223 O O   . HOH C 3 .   ? -3.974  -17.445 1.258   1.00 22.91 ? 1776 HOH A O   1 
HETATM 1224 O O   . HOH C 3 .   ? -7.902  13.574  2.793   1.00 33.51 ? 1777 HOH A O   1 
HETATM 1225 O O   . HOH C 3 .   ? 9.053   0.353   -9.645  1.00 34.19 ? 1778 HOH A O   1 
HETATM 1226 O O   . HOH C 3 .   ? 0.388   10.698  3.397   1.00 16.89 ? 1779 HOH A O   1 
HETATM 1227 O O   . HOH C 3 .   ? 9.519   2.082   3.719   1.00 26.97 ? 1780 HOH A O   1 
HETATM 1228 O O   . HOH C 3 .   ? 3.976   -13.300 21.076  1.00 37.05 ? 1781 HOH A O   1 
HETATM 1229 O O   . HOH C 3 .   ? -2.011  13.903  6.026   1.00 37.40 ? 1782 HOH A O   1 
HETATM 1230 O O   . HOH C 3 .   ? 9.821   -4.561  -4.894  1.00 40.66 ? 1783 HOH A O   1 
HETATM 1231 O O   . HOH C 3 .   ? 1.100   -10.832 24.972  1.00 40.76 ? 1784 HOH A O   1 
HETATM 1232 O O   . HOH C 3 .   ? -1.484  -19.085 2.695   0.50 13.44 ? 1785 HOH A O   1 
HETATM 1233 O O   . HOH C 3 .   ? 3.543   -9.600  21.317  1.00 42.38 ? 1786 HOH A O   1 
HETATM 1234 O O   . HOH C 3 .   ? 5.723   -10.782 13.898  1.00 26.15 ? 1787 HOH A O   1 
HETATM 1235 O O   . HOH C 3 .   ? -5.593  7.378   8.411   1.00 30.89 ? 1788 HOH A O   1 
HETATM 1236 O O   . HOH C 3 .   ? -4.585  12.609  5.841   1.00 39.49 ? 1789 HOH A O   1 
HETATM 1237 O O   . HOH C 3 .   ? 3.426   -9.730  14.978  1.00 26.30 ? 1790 HOH A O   1 
# 
